data_6PHM
# 
_entry.id   6PHM 
# 
_audit_conform.dict_name       mmcif_pdbx.dic 
_audit_conform.dict_version    5.397 
_audit_conform.dict_location   http://mmcif.pdb.org/dictionaries/ascii/mmcif_pdbx.dic 
# 
loop_
_database_2.database_id 
_database_2.database_code 
_database_2.pdbx_database_accession 
_database_2.pdbx_DOI 
PDB   6PHM         pdb_00006phm 10.2210/pdb6phm/pdb 
WWPDB D_1000241445 ?            ?                   
# 
loop_
_pdbx_audit_revision_history.ordinal 
_pdbx_audit_revision_history.data_content_type 
_pdbx_audit_revision_history.major_revision 
_pdbx_audit_revision_history.minor_revision 
_pdbx_audit_revision_history.revision_date 
1 'Structure model' 1 0 2020-07-01 
2 'Structure model' 1 1 2023-10-11 
3 'Structure model' 1 2 2023-11-15 
4 'Structure model' 1 3 2024-10-23 
# 
_pdbx_audit_revision_details.ordinal             1 
_pdbx_audit_revision_details.revision_ordinal    1 
_pdbx_audit_revision_details.data_content_type   'Structure model' 
_pdbx_audit_revision_details.provider            repository 
_pdbx_audit_revision_details.type                'Initial release' 
_pdbx_audit_revision_details.description         ? 
_pdbx_audit_revision_details.details             ? 
# 
loop_
_pdbx_audit_revision_group.ordinal 
_pdbx_audit_revision_group.revision_ordinal 
_pdbx_audit_revision_group.data_content_type 
_pdbx_audit_revision_group.group 
1 2 'Structure model' 'Data collection'        
2 2 'Structure model' 'Database references'    
3 2 'Structure model' 'Refinement description' 
4 3 'Structure model' 'Data collection'        
5 4 'Structure model' 'Structure summary'      
# 
loop_
_pdbx_audit_revision_category.ordinal 
_pdbx_audit_revision_category.revision_ordinal 
_pdbx_audit_revision_category.data_content_type 
_pdbx_audit_revision_category.category 
1 2 'Structure model' chem_comp_atom                
2 2 'Structure model' chem_comp_bond                
3 2 'Structure model' database_2                    
4 2 'Structure model' pdbx_initial_refinement_model 
5 3 'Structure model' chem_comp_atom                
6 3 'Structure model' chem_comp_bond                
7 4 'Structure model' pdbx_entry_details            
# 
loop_
_pdbx_audit_revision_item.ordinal 
_pdbx_audit_revision_item.revision_ordinal 
_pdbx_audit_revision_item.data_content_type 
_pdbx_audit_revision_item.item 
1 2 'Structure model' '_database_2.pdbx_DOI'                         
2 2 'Structure model' '_database_2.pdbx_database_accession'          
3 3 'Structure model' '_chem_comp_atom.atom_id'                      
4 3 'Structure model' '_chem_comp_bond.atom_id_2'                    
5 4 'Structure model' '_pdbx_entry_details.has_protein_modification' 
# 
_pdbx_database_status.status_code                     REL 
_pdbx_database_status.status_code_sf                  REL 
_pdbx_database_status.status_code_mr                  ? 
_pdbx_database_status.entry_id                        6PHM 
_pdbx_database_status.recvd_initial_deposition_date   2019-06-25 
_pdbx_database_status.SG_entry                        N 
_pdbx_database_status.deposit_site                    RCSB 
_pdbx_database_status.process_site                    RCSB 
_pdbx_database_status.status_code_cs                  ? 
_pdbx_database_status.methods_development_category    ? 
_pdbx_database_status.pdb_format_compatible           Y 
_pdbx_database_status.status_code_nmr_data            ? 
# 
loop_
_audit_author.name 
_audit_author.pdbx_ordinal 
_audit_author.identifier_ORCID 
'Mroz, P.A.'             1 0000-0001-7108-2013 
'Gonzalez-Gutierrez, G.' 2 0000-0002-1044-943X 
'DiMarchi, R.D.'         3 0000-0003-0220-4085 
# 
loop_
_citation.abstract 
_citation.abstract_id_CAS 
_citation.book_id_ISBN 
_citation.book_publisher 
_citation.book_publisher_city 
_citation.book_title 
_citation.coordinate_linkage 
_citation.country 
_citation.database_id_Medline 
_citation.details 
_citation.id 
_citation.journal_abbrev 
_citation.journal_id_ASTM 
_citation.journal_id_CSD 
_citation.journal_id_ISSN 
_citation.journal_full 
_citation.journal_issue 
_citation.journal_volume 
_citation.language 
_citation.page_first 
_citation.page_last 
_citation.title 
_citation.year 
_citation.database_id_CSD 
_citation.pdbx_database_id_DOI 
_citation.pdbx_database_id_PubMed 
_citation.unpublished_flag 
? ? ? ? ? ? ? ?  ? ? primary 'To Be Published'          ?      0353 ?         ? ? ?  ? ?   ?   
'High resolution X-ray structure of glucagon and selected stereo-inversed analogs in novel crystallographic packing arrangement.' 
?    ? ?                         ?        ? 
? ? ? ? ? ? ? US ? ? 1       'Acta Crystallogr.,Sect.D' ABCRE6 ?    1399-0047 ? ? 66 ? 213 221 
'PHENIX: a comprehensive Python-based system for macromolecular structure solution.'                                              
2010 ? 10.1107/S0907444909052925 20124702 ? 
# 
loop_
_citation_author.citation_id 
_citation_author.name 
_citation_author.ordinal 
_citation_author.identifier_ORCID 
primary 'Mroz, P.A.'             1  0000-0001-7108-2013 
primary 'Gonzalez-Gutierrez, G.' 2  0000-0002-1044-943X 
primary 'DiMarchi, R.D.'         3  0000-0003-0220-4085 
1       'Adams, P.D.'            4  ?                   
1       'Afonine, P.V.'          5  ?                   
1       'Bunkoczi, G.'           6  ?                   
1       'Chen, V.B.'             7  ?                   
1       'Davis, I.W.'            8  ?                   
1       'Echols, N.'             9  ?                   
1       'Headd, J.J.'            10 ?                   
1       'Hung, L.W.'             11 ?                   
1       'Kapral, G.J.'           12 ?                   
1       'Grosse-Kunstleve, R.W.' 13 ?                   
1       'McCoy, A.J.'            14 ?                   
1       'Moriarty, N.W.'         15 ?                   
1       'Oeffner, R.'            16 ?                   
1       'Read, R.J.'             17 ?                   
1       'Richardson, D.C.'       18 ?                   
1       'Richardson, J.S.'       19 ?                   
1       'Terwilliger, T.C.'      20 ?                   
1       'Zwart, P.H.'            21 ?                   
# 
loop_
_entity.id 
_entity.type 
_entity.src_method 
_entity.pdbx_description 
_entity.formula_weight 
_entity.pdbx_number_of_molecules 
_entity.pdbx_ec 
_entity.pdbx_mutation 
_entity.pdbx_fragment 
_entity.details 
1 polymer     syn D-glucagon    3485.774 1  ? ? ? ? 
2 non-polymer syn 'SULFATE ION' 96.063   1  ? ? ? ? 
3 water       nat water         18.015   31 ? ? ? ? 
# 
_entity_poly.entity_id                      1 
_entity_poly.type                           'polypeptide(D)' 
_entity_poly.nstd_linkage                   no 
_entity_poly.nstd_monomer                   yes 
_entity_poly.pdbx_seq_one_letter_code       
;(DHI)(DSN)(DGN)G(DTH)(DPN)(DTH)(DSN)(DAS)(DTY)(DSN)(DLY)(DTY)(DLE)(DAS)(DSN)
(DAR)(DAR)(DAL)(DGN)(DAS)(DPN)(DVA)(DGN)(DTR)(DLE)(MED)(DSG)(DTH)
;
_entity_poly.pdbx_seq_one_letter_code_can   HSQGTFTSDYSKYLDSRRAQDFVQWLMNT 
_entity_poly.pdbx_strand_id                 A 
_entity_poly.pdbx_target_identifier         ? 
# 
loop_
_pdbx_entity_nonpoly.entity_id 
_pdbx_entity_nonpoly.name 
_pdbx_entity_nonpoly.comp_id 
2 'SULFATE ION' SO4 
3 water         HOH 
# 
loop_
_entity_poly_seq.entity_id 
_entity_poly_seq.num 
_entity_poly_seq.mon_id 
_entity_poly_seq.hetero 
1 1  DHI n 
1 2  DSN n 
1 3  DGN n 
1 4  GLY n 
1 5  DTH n 
1 6  DPN n 
1 7  DTH n 
1 8  DSN n 
1 9  DAS n 
1 10 DTY n 
1 11 DSN n 
1 12 DLY n 
1 13 DTY n 
1 14 DLE n 
1 15 DAS n 
1 16 DSN n 
1 17 DAR n 
1 18 DAR n 
1 19 DAL n 
1 20 DGN n 
1 21 DAS n 
1 22 DPN n 
1 23 DVA n 
1 24 DGN n 
1 25 DTR n 
1 26 DLE n 
1 27 MED n 
1 28 DSG n 
1 29 DTH n 
# 
_pdbx_entity_src_syn.entity_id              1 
_pdbx_entity_src_syn.pdbx_src_id            1 
_pdbx_entity_src_syn.pdbx_alt_source_flag   sample 
_pdbx_entity_src_syn.pdbx_beg_seq_num       1 
_pdbx_entity_src_syn.pdbx_end_seq_num       29 
_pdbx_entity_src_syn.organism_scientific    'Homo sapiens' 
_pdbx_entity_src_syn.organism_common_name   Human 
_pdbx_entity_src_syn.ncbi_taxonomy_id       9606 
_pdbx_entity_src_syn.details                ? 
# 
loop_
_chem_comp.id 
_chem_comp.type 
_chem_comp.mon_nstd_flag 
_chem_comp.name 
_chem_comp.pdbx_synonyms 
_chem_comp.formula 
_chem_comp.formula_weight 
DAL 'D-peptide linking' . D-ALANINE         ? 'C3 H7 N O2'     89.093  
DAR 'D-peptide linking' . D-ARGININE        ? 'C6 H15 N4 O2 1' 175.209 
DAS 'D-peptide linking' . 'D-ASPARTIC ACID' ? 'C4 H7 N O4'     133.103 
DGN 'D-peptide linking' . D-GLUTAMINE       ? 'C5 H10 N2 O3'   146.144 
DHI 'D-peptide linking' . D-HISTIDINE       ? 'C6 H10 N3 O2 1' 156.162 
DLE 'D-peptide linking' . D-LEUCINE         ? 'C6 H13 N O2'    131.173 
DLY 'D-peptide linking' . D-LYSINE          ? 'C6 H14 N2 O2'   146.188 
DPN 'D-peptide linking' . D-PHENYLALANINE   ? 'C9 H11 N O2'    165.189 
DSG 'D-peptide linking' . D-ASPARAGINE      ? 'C4 H8 N2 O3'    132.118 
DSN 'D-peptide linking' . D-SERINE          ? 'C3 H7 N O3'     105.093 
DTH 'D-peptide linking' . D-THREONINE       ? 'C4 H9 N O3'     119.119 
DTR 'D-peptide linking' . D-TRYPTOPHAN      ? 'C11 H12 N2 O2'  204.225 
DTY 'D-peptide linking' . D-TYROSINE        ? 'C9 H11 N O3'    181.189 
DVA 'D-peptide linking' . D-VALINE          ? 'C5 H11 N O2'    117.146 
GLY 'peptide linking'   y GLYCINE           ? 'C2 H5 N O2'     75.067  
HOH non-polymer         . WATER             ? 'H2 O'           18.015  
MED 'D-peptide linking' . D-METHIONINE      ? 'C5 H11 N O2 S'  149.211 
SO4 non-polymer         . 'SULFATE ION'     ? 'O4 S -2'        96.063  
# 
loop_
_pdbx_poly_seq_scheme.asym_id 
_pdbx_poly_seq_scheme.entity_id 
_pdbx_poly_seq_scheme.seq_id 
_pdbx_poly_seq_scheme.mon_id 
_pdbx_poly_seq_scheme.ndb_seq_num 
_pdbx_poly_seq_scheme.pdb_seq_num 
_pdbx_poly_seq_scheme.auth_seq_num 
_pdbx_poly_seq_scheme.pdb_mon_id 
_pdbx_poly_seq_scheme.auth_mon_id 
_pdbx_poly_seq_scheme.pdb_strand_id 
_pdbx_poly_seq_scheme.pdb_ins_code 
_pdbx_poly_seq_scheme.hetero 
A 1 1  DHI 1  1  ?  ?   ?   A . n 
A 1 2  DSN 2  2  2  DSN DSN A . n 
A 1 3  DGN 3  3  3  DGN DGN A . n 
A 1 4  GLY 4  4  4  GLY GLY A . n 
A 1 5  DTH 5  5  5  DTH DTH A . n 
A 1 6  DPN 6  6  6  DPN DPN A . n 
A 1 7  DTH 7  7  7  DTH DTH A . n 
A 1 8  DSN 8  8  8  DSN DSN A . n 
A 1 9  DAS 9  9  9  DAS DAS A . n 
A 1 10 DTY 10 10 10 DTY DTY A . n 
A 1 11 DSN 11 11 11 DSN DSN A . n 
A 1 12 DLY 12 12 12 DLY DLY A . n 
A 1 13 DTY 13 13 13 DTY DTY A . n 
A 1 14 DLE 14 14 14 DLE DLE A . n 
A 1 15 DAS 15 15 15 DAS DAS A . n 
A 1 16 DSN 16 16 16 DSN DSN A . n 
A 1 17 DAR 17 17 17 DAR DAR A . n 
A 1 18 DAR 18 18 18 DAR DAR A . n 
A 1 19 DAL 19 19 19 DAL DAL A . n 
A 1 20 DGN 20 20 20 DGN DGN A . n 
A 1 21 DAS 21 21 21 DAS DAS A . n 
A 1 22 DPN 22 22 22 DPN DPN A . n 
A 1 23 DVA 23 23 23 DVA DVA A . n 
A 1 24 DGN 24 24 24 DGN DGN A . n 
A 1 25 DTR 25 25 25 DTR DTR A . n 
A 1 26 DLE 26 26 26 DLE DLE A . n 
A 1 27 MED 27 27 27 MED MED A . n 
A 1 28 DSG 28 28 28 DSG DSG A . n 
A 1 29 DTH 29 29 29 DTH DTH A . n 
# 
loop_
_pdbx_entity_instance_feature.ordinal 
_pdbx_entity_instance_feature.comp_id 
_pdbx_entity_instance_feature.asym_id 
_pdbx_entity_instance_feature.seq_num 
_pdbx_entity_instance_feature.auth_comp_id 
_pdbx_entity_instance_feature.auth_asym_id 
_pdbx_entity_instance_feature.auth_seq_num 
_pdbx_entity_instance_feature.feature_type 
_pdbx_entity_instance_feature.details 
1  DAL ? ? DAL ? ? 'SUBJECT OF INVESTIGATION' ? 
2  DAR ? ? DAR ? ? 'SUBJECT OF INVESTIGATION' ? 
3  DAS ? ? DAS ? ? 'SUBJECT OF INVESTIGATION' ? 
4  DGN ? ? DGN ? ? 'SUBJECT OF INVESTIGATION' ? 
5  DLE ? ? DLE ? ? 'SUBJECT OF INVESTIGATION' ? 
6  DLY ? ? DLY ? ? 'SUBJECT OF INVESTIGATION' ? 
7  DPN ? ? DPN ? ? 'SUBJECT OF INVESTIGATION' ? 
8  DSG ? ? DSG ? ? 'SUBJECT OF INVESTIGATION' ? 
9  DSN ? ? DSN ? ? 'SUBJECT OF INVESTIGATION' ? 
10 DTH ? ? DTH ? ? 'SUBJECT OF INVESTIGATION' ? 
11 DTR ? ? DTR ? ? 'SUBJECT OF INVESTIGATION' ? 
12 DTY ? ? DTY ? ? 'SUBJECT OF INVESTIGATION' ? 
13 DVA ? ? DVA ? ? 'SUBJECT OF INVESTIGATION' ? 
14 MED ? ? MED ? ? 'SUBJECT OF INVESTIGATION' ? 
15 SO4 ? ? SO4 ? ? 'SUBJECT OF INVESTIGATION' ? 
# 
loop_
_pdbx_nonpoly_scheme.asym_id 
_pdbx_nonpoly_scheme.entity_id 
_pdbx_nonpoly_scheme.mon_id 
_pdbx_nonpoly_scheme.ndb_seq_num 
_pdbx_nonpoly_scheme.pdb_seq_num 
_pdbx_nonpoly_scheme.auth_seq_num 
_pdbx_nonpoly_scheme.pdb_mon_id 
_pdbx_nonpoly_scheme.auth_mon_id 
_pdbx_nonpoly_scheme.pdb_strand_id 
_pdbx_nonpoly_scheme.pdb_ins_code 
B 2 SO4 1  101 1  SO4 SO4 A . 
C 3 HOH 1  201 29 HOH HOH A . 
C 3 HOH 2  202 27 HOH HOH A . 
C 3 HOH 3  203 17 HOH HOH A . 
C 3 HOH 4  204 10 HOH HOH A . 
C 3 HOH 5  205 20 HOH HOH A . 
C 3 HOH 6  206 2  HOH HOH A . 
C 3 HOH 7  207 18 HOH HOH A . 
C 3 HOH 8  208 14 HOH HOH A . 
C 3 HOH 9  209 7  HOH HOH A . 
C 3 HOH 10 210 21 HOH HOH A . 
C 3 HOH 11 211 9  HOH HOH A . 
C 3 HOH 12 212 11 HOH HOH A . 
C 3 HOH 13 213 4  HOH HOH A . 
C 3 HOH 14 214 28 HOH HOH A . 
C 3 HOH 15 215 1  HOH HOH A . 
C 3 HOH 16 216 12 HOH HOH A . 
C 3 HOH 17 217 23 HOH HOH A . 
C 3 HOH 18 218 3  HOH HOH A . 
C 3 HOH 19 219 30 HOH HOH A . 
C 3 HOH 20 220 5  HOH HOH A . 
C 3 HOH 21 221 8  HOH HOH A . 
C 3 HOH 22 222 19 HOH HOH A . 
C 3 HOH 23 223 15 HOH HOH A . 
C 3 HOH 24 224 6  HOH HOH A . 
C 3 HOH 25 225 26 HOH HOH A . 
C 3 HOH 26 226 31 HOH HOH A . 
C 3 HOH 27 227 25 HOH HOH A . 
C 3 HOH 28 228 24 HOH HOH A . 
C 3 HOH 29 229 13 HOH HOH A . 
C 3 HOH 30 230 22 HOH HOH A . 
C 3 HOH 31 231 16 HOH HOH A . 
# 
loop_
_software.citation_id 
_software.classification 
_software.compiler_name 
_software.compiler_version 
_software.contact_author 
_software.contact_author_email 
_software.date 
_software.description 
_software.dependencies 
_software.hardware 
_software.language 
_software.location 
_software.mods 
_software.name 
_software.os 
_software.os_version 
_software.type 
_software.version 
_software.pdbx_ordinal 
? refinement       ? ? ? ? ? ? ? ? ? ? ? PHENIX  ? ? ? '(1.15_3459: ???)' 1 
? 'data reduction' ? ? ? ? ? ? ? ? ? ? ? XDS     ? ? ? .                  2 
? 'data scaling'   ? ? ? ? ? ? ? ? ? ? ? Aimless ? ? ? .                  3 
? phasing          ? ? ? ? ? ? ? ? ? ? ? PHASER  ? ? ? .                  4 
# 
_cell.angle_alpha                  90.00 
_cell.angle_alpha_esd              ? 
_cell.angle_beta                   90.00 
_cell.angle_beta_esd               ? 
_cell.angle_gamma                  90.00 
_cell.angle_gamma_esd              ? 
_cell.entry_id                     6PHM 
_cell.details                      ? 
_cell.formula_units_Z              ? 
_cell.length_a                     42.370 
_cell.length_a_esd                 ? 
_cell.length_b                     42.370 
_cell.length_b_esd                 ? 
_cell.length_c                     28.740 
_cell.length_c_esd                 ? 
_cell.volume                       ? 
_cell.volume_esd                   ? 
_cell.Z_PDB                        8 
_cell.reciprocal_angle_alpha       ? 
_cell.reciprocal_angle_beta        ? 
_cell.reciprocal_angle_gamma       ? 
_cell.reciprocal_angle_alpha_esd   ? 
_cell.reciprocal_angle_beta_esd    ? 
_cell.reciprocal_angle_gamma_esd   ? 
_cell.reciprocal_length_a          ? 
_cell.reciprocal_length_b          ? 
_cell.reciprocal_length_c          ? 
_cell.reciprocal_length_a_esd      ? 
_cell.reciprocal_length_b_esd      ? 
_cell.reciprocal_length_c_esd      ? 
_cell.pdbx_unique_axis             ? 
# 
_symmetry.entry_id                         6PHM 
_symmetry.cell_setting                     ? 
_symmetry.Int_Tables_number                80 
_symmetry.space_group_name_Hall            ? 
_symmetry.space_group_name_H-M             'I 41' 
_symmetry.pdbx_full_space_group_name_H-M   ? 
# 
_exptl.absorpt_coefficient_mu     ? 
_exptl.absorpt_correction_T_max   ? 
_exptl.absorpt_correction_T_min   ? 
_exptl.absorpt_correction_type    ? 
_exptl.absorpt_process_details    ? 
_exptl.entry_id                   6PHM 
_exptl.crystals_number            1 
_exptl.details                    ? 
_exptl.method                     'X-RAY DIFFRACTION' 
_exptl.method_details             ? 
# 
_exptl_crystal.colour                      ? 
_exptl_crystal.density_diffrn              ? 
_exptl_crystal.density_Matthews            1.71 
_exptl_crystal.density_method              ? 
_exptl_crystal.density_percent_sol         33.52 
_exptl_crystal.description                 ? 
_exptl_crystal.F_000                       ? 
_exptl_crystal.id                          1 
_exptl_crystal.preparation                 ? 
_exptl_crystal.size_max                    ? 
_exptl_crystal.size_mid                    ? 
_exptl_crystal.size_min                    ? 
_exptl_crystal.size_rad                    ? 
_exptl_crystal.colour_lustre               ? 
_exptl_crystal.colour_modifier             ? 
_exptl_crystal.colour_primary              ? 
_exptl_crystal.density_meas                ? 
_exptl_crystal.density_meas_esd            ? 
_exptl_crystal.density_meas_gt             ? 
_exptl_crystal.density_meas_lt             ? 
_exptl_crystal.density_meas_temp           ? 
_exptl_crystal.density_meas_temp_esd       ? 
_exptl_crystal.density_meas_temp_gt        ? 
_exptl_crystal.density_meas_temp_lt        ? 
_exptl_crystal.pdbx_crystal_image_url      ? 
_exptl_crystal.pdbx_crystal_image_format   ? 
_exptl_crystal.pdbx_mosaicity              ? 
_exptl_crystal.pdbx_mosaicity_esd          ? 
# 
_exptl_crystal_grow.apparatus       ? 
_exptl_crystal_grow.atmosphere      ? 
_exptl_crystal_grow.crystal_id      1 
_exptl_crystal_grow.details         ? 
_exptl_crystal_grow.method          'VAPOR DIFFUSION, HANGING DROP' 
_exptl_crystal_grow.method_ref      ? 
_exptl_crystal_grow.pH              ? 
_exptl_crystal_grow.pressure        ? 
_exptl_crystal_grow.pressure_esd    ? 
_exptl_crystal_grow.seeding         ? 
_exptl_crystal_grow.seeding_ref     ? 
_exptl_crystal_grow.temp            293 
_exptl_crystal_grow.temp_details    ? 
_exptl_crystal_grow.temp_esd        ? 
_exptl_crystal_grow.time            ? 
_exptl_crystal_grow.pdbx_details    '0.2 M ammonium sulfate, 20% PEG3350' 
_exptl_crystal_grow.pdbx_pH_range   ? 
# 
_diffrn.ambient_environment              ? 
_diffrn.ambient_temp                     100 
_diffrn.ambient_temp_details             ? 
_diffrn.ambient_temp_esd                 ? 
_diffrn.crystal_id                       1 
_diffrn.crystal_support                  ? 
_diffrn.crystal_treatment                ? 
_diffrn.details                          ? 
_diffrn.id                               1 
_diffrn.ambient_pressure                 ? 
_diffrn.ambient_pressure_esd             ? 
_diffrn.ambient_pressure_gt              ? 
_diffrn.ambient_pressure_lt              ? 
_diffrn.ambient_temp_gt                  ? 
_diffrn.ambient_temp_lt                  ? 
_diffrn.pdbx_serial_crystal_experiment   N 
# 
_diffrn_detector.details                      ? 
_diffrn_detector.detector                     CMOS 
_diffrn_detector.diffrn_id                    1 
_diffrn_detector.type                         'RDI CMOS_8M' 
_diffrn_detector.area_resol_mean              ? 
_diffrn_detector.dtime                        ? 
_diffrn_detector.pdbx_frames_total            ? 
_diffrn_detector.pdbx_collection_time_total   ? 
_diffrn_detector.pdbx_collection_date         2017-09-20 
_diffrn_detector.pdbx_frequency               ? 
# 
_diffrn_radiation.collimation                      ? 
_diffrn_radiation.diffrn_id                        1 
_diffrn_radiation.filter_edge                      ? 
_diffrn_radiation.inhomogeneity                    ? 
_diffrn_radiation.monochromator                    'double crystal Si(111)' 
_diffrn_radiation.polarisn_norm                    ? 
_diffrn_radiation.polarisn_ratio                   ? 
_diffrn_radiation.probe                            ? 
_diffrn_radiation.type                             ? 
_diffrn_radiation.xray_symbol                      ? 
_diffrn_radiation.wavelength_id                    1 
_diffrn_radiation.pdbx_monochromatic_or_laue_m_l   M 
_diffrn_radiation.pdbx_wavelength_list             ? 
_diffrn_radiation.pdbx_wavelength                  ? 
_diffrn_radiation.pdbx_diffrn_protocol             'SINGLE WAVELENGTH' 
_diffrn_radiation.pdbx_analyzer                    ? 
_diffrn_radiation.pdbx_scattering_type             x-ray 
# 
_diffrn_radiation_wavelength.id           1 
_diffrn_radiation_wavelength.wavelength   1.00003 
_diffrn_radiation_wavelength.wt           1.0 
# 
_diffrn_source.current                     ? 
_diffrn_source.details                     ? 
_diffrn_source.diffrn_id                   1 
_diffrn_source.power                       ? 
_diffrn_source.size                        ? 
_diffrn_source.source                      SYNCHROTRON 
_diffrn_source.target                      ? 
_diffrn_source.type                        'ALS BEAMLINE 4.2.2' 
_diffrn_source.voltage                     ? 
_diffrn_source.take-off_angle              ? 
_diffrn_source.pdbx_wavelength_list        1.00003 
_diffrn_source.pdbx_wavelength             ? 
_diffrn_source.pdbx_synchrotron_beamline   4.2.2 
_diffrn_source.pdbx_synchrotron_site       ALS 
# 
_reflns.B_iso_Wilson_estimate            ? 
_reflns.entry_id                         6PHM 
_reflns.data_reduction_details           ? 
_reflns.data_reduction_method            ? 
_reflns.d_resolution_high                1.10 
_reflns.d_resolution_low                 29.96 
_reflns.details                          ? 
_reflns.limit_h_max                      ? 
_reflns.limit_h_min                      ? 
_reflns.limit_k_max                      ? 
_reflns.limit_k_min                      ? 
_reflns.limit_l_max                      ? 
_reflns.limit_l_min                      ? 
_reflns.number_all                       ? 
_reflns.number_obs                       10382 
_reflns.observed_criterion               ? 
_reflns.observed_criterion_F_max         ? 
_reflns.observed_criterion_F_min         ? 
_reflns.observed_criterion_I_max         ? 
_reflns.observed_criterion_I_min         ? 
_reflns.observed_criterion_sigma_F       ? 
_reflns.observed_criterion_sigma_I       ? 
_reflns.percent_possible_obs             99.3 
_reflns.R_free_details                   ? 
_reflns.Rmerge_F_all                     ? 
_reflns.Rmerge_F_obs                     ? 
_reflns.Friedel_coverage                 ? 
_reflns.number_gt                        ? 
_reflns.threshold_expression             ? 
_reflns.pdbx_redundancy                  7.9 
_reflns.pdbx_Rmerge_I_obs                ? 
_reflns.pdbx_Rmerge_I_all                ? 
_reflns.pdbx_Rsym_value                  0.034 
_reflns.pdbx_netI_over_av_sigmaI         ? 
_reflns.pdbx_netI_over_sigmaI            39.3 
_reflns.pdbx_res_netI_over_av_sigmaI_2   ? 
_reflns.pdbx_res_netI_over_sigmaI_2      ? 
_reflns.pdbx_chi_squared                 ? 
_reflns.pdbx_scaling_rejects             ? 
_reflns.pdbx_d_res_high_opt              ? 
_reflns.pdbx_d_res_low_opt               ? 
_reflns.pdbx_d_res_opt_method            ? 
_reflns.phase_calculation_details        ? 
_reflns.pdbx_Rrim_I_all                  0.036 
_reflns.pdbx_Rpim_I_all                  0.011 
_reflns.pdbx_d_opt                       ? 
_reflns.pdbx_number_measured_all         ? 
_reflns.pdbx_diffrn_id                   1 
_reflns.pdbx_ordinal                     1 
_reflns.pdbx_CC_half                     0.999 
_reflns.pdbx_R_split                     ? 
# 
_reflns_shell.d_res_high                  1.10 
_reflns_shell.d_res_low                   1.29 
_reflns_shell.meanI_over_sigI_all         ? 
_reflns_shell.meanI_over_sigI_obs         4.1 
_reflns_shell.number_measured_all         ? 
_reflns_shell.number_measured_obs         ? 
_reflns_shell.number_possible             ? 
_reflns_shell.number_unique_all           ? 
_reflns_shell.number_unique_obs           3234 
_reflns_shell.percent_possible_all        90.2 
_reflns_shell.percent_possible_obs        ? 
_reflns_shell.Rmerge_F_all                ? 
_reflns_shell.Rmerge_F_obs                ? 
_reflns_shell.Rmerge_I_all                ? 
_reflns_shell.Rmerge_I_obs                ? 
_reflns_shell.meanI_over_sigI_gt          ? 
_reflns_shell.meanI_over_uI_all           ? 
_reflns_shell.meanI_over_uI_gt            ? 
_reflns_shell.number_measured_gt          ? 
_reflns_shell.number_unique_gt            ? 
_reflns_shell.percent_possible_gt         ? 
_reflns_shell.Rmerge_F_gt                 ? 
_reflns_shell.Rmerge_I_gt                 ? 
_reflns_shell.pdbx_redundancy             2.8 
_reflns_shell.pdbx_Rsym_value             0.196 
_reflns_shell.pdbx_chi_squared            ? 
_reflns_shell.pdbx_netI_over_sigmaI_all   ? 
_reflns_shell.pdbx_netI_over_sigmaI_obs   ? 
_reflns_shell.pdbx_Rrim_I_all             0.240 
_reflns_shell.pdbx_Rpim_I_all             0.134 
_reflns_shell.pdbx_rejects                ? 
_reflns_shell.pdbx_ordinal                1 
_reflns_shell.pdbx_diffrn_id              1 
_reflns_shell.pdbx_CC_half                0.975 
_reflns_shell.pdbx_R_split                ? 
# 
_refine.aniso_B[1][1]                            ? 
_refine.aniso_B[1][2]                            ? 
_refine.aniso_B[1][3]                            ? 
_refine.aniso_B[2][2]                            ? 
_refine.aniso_B[2][3]                            ? 
_refine.aniso_B[3][3]                            ? 
_refine.B_iso_max                                ? 
_refine.B_iso_mean                               ? 
_refine.B_iso_min                                ? 
_refine.correlation_coeff_Fo_to_Fc               ? 
_refine.correlation_coeff_Fo_to_Fc_free          ? 
_refine.details                                  ? 
_refine.diff_density_max                         ? 
_refine.diff_density_max_esd                     ? 
_refine.diff_density_min                         ? 
_refine.diff_density_min_esd                     ? 
_refine.diff_density_rms                         ? 
_refine.diff_density_rms_esd                     ? 
_refine.entry_id                                 6PHM 
_refine.pdbx_refine_id                           'X-RAY DIFFRACTION' 
_refine.ls_abs_structure_details                 ? 
_refine.ls_abs_structure_Flack                   ? 
_refine.ls_abs_structure_Flack_esd               ? 
_refine.ls_abs_structure_Rogers                  ? 
_refine.ls_abs_structure_Rogers_esd              ? 
_refine.ls_d_res_high                            1.100 
_refine.ls_d_res_low                             29.960 
_refine.ls_extinction_coef                       ? 
_refine.ls_extinction_coef_esd                   ? 
_refine.ls_extinction_expression                 ? 
_refine.ls_extinction_method                     ? 
_refine.ls_goodness_of_fit_all                   ? 
_refine.ls_goodness_of_fit_all_esd               ? 
_refine.ls_goodness_of_fit_obs                   ? 
_refine.ls_goodness_of_fit_obs_esd               ? 
_refine.ls_hydrogen_treatment                    ? 
_refine.ls_matrix_type                           ? 
_refine.ls_number_constraints                    ? 
_refine.ls_number_parameters                     ? 
_refine.ls_number_reflns_all                     ? 
_refine.ls_number_reflns_obs                     10368 
_refine.ls_number_reflns_R_free                  527 
_refine.ls_number_reflns_R_work                  ? 
_refine.ls_number_restraints                     ? 
_refine.ls_percent_reflns_obs                    99.27 
_refine.ls_percent_reflns_R_free                 5.08 
_refine.ls_R_factor_all                          ? 
_refine.ls_R_factor_obs                          0.1519 
_refine.ls_R_factor_R_free                       0.1669 
_refine.ls_R_factor_R_free_error                 ? 
_refine.ls_R_factor_R_free_error_details         ? 
_refine.ls_R_factor_R_work                       0.1512 
_refine.ls_R_Fsqd_factor_obs                     ? 
_refine.ls_R_I_factor_obs                        ? 
_refine.ls_redundancy_reflns_all                 ? 
_refine.ls_redundancy_reflns_obs                 ? 
_refine.ls_restrained_S_all                      ? 
_refine.ls_restrained_S_obs                      ? 
_refine.ls_shift_over_esd_max                    ? 
_refine.ls_shift_over_esd_mean                   ? 
_refine.ls_structure_factor_coef                 ? 
_refine.ls_weighting_details                     ? 
_refine.ls_weighting_scheme                      ? 
_refine.ls_wR_factor_all                         ? 
_refine.ls_wR_factor_obs                         ? 
_refine.ls_wR_factor_R_free                      ? 
_refine.ls_wR_factor_R_work                      ? 
_refine.occupancy_max                            ? 
_refine.occupancy_min                            ? 
_refine.solvent_model_details                    ? 
_refine.solvent_model_param_bsol                 ? 
_refine.solvent_model_param_ksol                 ? 
_refine.ls_R_factor_gt                           ? 
_refine.ls_goodness_of_fit_gt                    ? 
_refine.ls_goodness_of_fit_ref                   ? 
_refine.ls_shift_over_su_max                     ? 
_refine.ls_shift_over_su_max_lt                  ? 
_refine.ls_shift_over_su_mean                    ? 
_refine.ls_shift_over_su_mean_lt                 ? 
_refine.pdbx_ls_sigma_I                          ? 
_refine.pdbx_ls_sigma_F                          1.39 
_refine.pdbx_ls_sigma_Fsqd                       ? 
_refine.pdbx_data_cutoff_high_absF               ? 
_refine.pdbx_data_cutoff_high_rms_absF           ? 
_refine.pdbx_data_cutoff_low_absF                ? 
_refine.pdbx_isotropic_thermal_model             ? 
_refine.pdbx_ls_cross_valid_method               'FREE R-VALUE' 
_refine.pdbx_method_to_determine_struct          'MOLECULAR REPLACEMENT' 
_refine.pdbx_starting_model                      'PDB entry 6PHO' 
_refine.pdbx_stereochemistry_target_values       ? 
_refine.pdbx_R_Free_selection_details            ? 
_refine.pdbx_stereochem_target_val_spec_case     ? 
_refine.pdbx_overall_ESU_R                       ? 
_refine.pdbx_overall_ESU_R_Free                  ? 
_refine.pdbx_solvent_vdw_probe_radii             1.11 
_refine.pdbx_solvent_ion_probe_radii             ? 
_refine.pdbx_solvent_shrinkage_radii             0.90 
_refine.pdbx_real_space_R                        ? 
_refine.pdbx_density_correlation                 ? 
_refine.pdbx_pd_number_of_powder_patterns        ? 
_refine.pdbx_pd_number_of_points                 ? 
_refine.pdbx_pd_meas_number_of_points            ? 
_refine.pdbx_pd_proc_ls_prof_R_factor            ? 
_refine.pdbx_pd_proc_ls_prof_wR_factor           ? 
_refine.pdbx_pd_Marquardt_correlation_coeff      ? 
_refine.pdbx_pd_Fsqrd_R_factor                   ? 
_refine.pdbx_pd_ls_matrix_band_width             ? 
_refine.pdbx_overall_phase_error                 23.98 
_refine.pdbx_overall_SU_R_free_Cruickshank_DPI   ? 
_refine.pdbx_overall_SU_R_free_Blow_DPI          ? 
_refine.pdbx_overall_SU_R_Blow_DPI               ? 
_refine.pdbx_TLS_residual_ADP_flag               ? 
_refine.pdbx_diffrn_id                           1 
_refine.overall_SU_B                             ? 
_refine.overall_SU_ML                            0.07 
_refine.overall_SU_R_Cruickshank_DPI             ? 
_refine.overall_SU_R_free                        ? 
_refine.overall_FOM_free_R_set                   ? 
_refine.overall_FOM_work_R_set                   ? 
_refine.pdbx_average_fsc_overall                 ? 
_refine.pdbx_average_fsc_work                    ? 
_refine.pdbx_average_fsc_free                    ? 
# 
_refine_hist.pdbx_refine_id                   'X-RAY DIFFRACTION' 
_refine_hist.cycle_id                         LAST 
_refine_hist.pdbx_number_atoms_protein        236 
_refine_hist.pdbx_number_atoms_nucleic_acid   0 
_refine_hist.pdbx_number_atoms_ligand         5 
_refine_hist.number_atoms_solvent             31 
_refine_hist.number_atoms_total               272 
_refine_hist.d_res_high                       1.100 
_refine_hist.d_res_low                        29.960 
# 
loop_
_refine_ls_restr.pdbx_refine_id 
_refine_ls_restr.criterion 
_refine_ls_restr.dev_ideal 
_refine_ls_restr.dev_ideal_target 
_refine_ls_restr.number 
_refine_ls_restr.rejects 
_refine_ls_restr.type 
_refine_ls_restr.weight 
_refine_ls_restr.pdbx_restraint_function 
'X-RAY DIFFRACTION' ? 0.017 ? 291 ? f_bond_d           ? ? 
'X-RAY DIFFRACTION' ? 1.484 ? 401 ? f_angle_d          ? ? 
'X-RAY DIFFRACTION' ? 0.000 ? 0   ? f_dihedral_angle_d ? ? 
'X-RAY DIFFRACTION' ? 0.000 ? 0   ? f_chiral_restr     ? ? 
'X-RAY DIFFRACTION' ? 0.008 ? 55  ? f_plane_restr      ? ? 
# 
loop_
_refine_ls_shell.pdbx_refine_id 
_refine_ls_shell.d_res_high 
_refine_ls_shell.d_res_low 
_refine_ls_shell.number_reflns_all 
_refine_ls_shell.number_reflns_obs 
_refine_ls_shell.number_reflns_R_free 
_refine_ls_shell.number_reflns_R_work 
_refine_ls_shell.percent_reflns_obs 
_refine_ls_shell.percent_reflns_R_free 
_refine_ls_shell.R_factor_all 
_refine_ls_shell.R_factor_obs 
_refine_ls_shell.R_factor_R_free 
_refine_ls_shell.R_factor_R_free_error 
_refine_ls_shell.R_factor_R_work 
_refine_ls_shell.redundancy_reflns_all 
_refine_ls_shell.redundancy_reflns_obs 
_refine_ls_shell.wR_factor_all 
_refine_ls_shell.wR_factor_obs 
_refine_ls_shell.wR_factor_R_free 
_refine_ls_shell.wR_factor_R_work 
_refine_ls_shell.pdbx_total_number_of_bins_used 
_refine_ls_shell.pdbx_phase_error 
_refine_ls_shell.pdbx_fsc_work 
_refine_ls_shell.pdbx_fsc_free 
'X-RAY DIFFRACTION' 1.1001 1.2108  . . 140 2381 98.00  . . . 0.2048 . 0.1561 . . . . . . . . . . 
'X-RAY DIFFRACTION' 1.2108 1.3860  . . 129 2471 100.00 . . . 0.1788 . 0.1392 . . . . . . . . . . 
'X-RAY DIFFRACTION' 1.3860 1.7461  . . 121 2468 100.00 . . . 0.1542 . 0.1491 . . . . . . . . . . 
'X-RAY DIFFRACTION' 1.7461 29.9712 . . 137 2521 100.00 . . . 0.1633 . 0.1533 . . . . . . . . . . 
# 
_struct.entry_id                     6PHM 
_struct.title                        
'Crystal structure of glucagon analog fully composed of D-amino acids in space group I41 at 1.1 A resolution' 
_struct.pdbx_model_details           ? 
_struct.pdbx_formula_weight          ? 
_struct.pdbx_formula_weight_method   ? 
_struct.pdbx_model_type_details      ? 
_struct.pdbx_CASP_flag               N 
# 
_struct_keywords.entry_id        6PHM 
_struct_keywords.text            'glucagon, GPCR ligand, peptide hormone, HORMONE' 
_struct_keywords.pdbx_keywords   HORMONE 
# 
loop_
_struct_asym.id 
_struct_asym.pdbx_blank_PDB_chainid_flag 
_struct_asym.pdbx_modified 
_struct_asym.entity_id 
_struct_asym.details 
A N N 1 ? 
B N N 2 ? 
C N N 3 ? 
# 
_struct_ref.id                         1 
_struct_ref.db_name                    PDB 
_struct_ref.db_code                    6PHM 
_struct_ref.pdbx_db_accession          6PHM 
_struct_ref.pdbx_db_isoform            ? 
_struct_ref.entity_id                  1 
_struct_ref.pdbx_seq_one_letter_code   ? 
_struct_ref.pdbx_align_begin           1 
# 
_struct_ref_seq.align_id                      1 
_struct_ref_seq.ref_id                        1 
_struct_ref_seq.pdbx_PDB_id_code              6PHM 
_struct_ref_seq.pdbx_strand_id                A 
_struct_ref_seq.seq_align_beg                 1 
_struct_ref_seq.pdbx_seq_align_beg_ins_code   ? 
_struct_ref_seq.seq_align_end                 29 
_struct_ref_seq.pdbx_seq_align_end_ins_code   ? 
_struct_ref_seq.pdbx_db_accession             6PHM 
_struct_ref_seq.db_align_beg                  1 
_struct_ref_seq.pdbx_db_align_beg_ins_code    ? 
_struct_ref_seq.db_align_end                  29 
_struct_ref_seq.pdbx_db_align_end_ins_code    ? 
_struct_ref_seq.pdbx_auth_seq_align_beg       1 
_struct_ref_seq.pdbx_auth_seq_align_end       29 
# 
_pdbx_struct_assembly.id                   1 
_pdbx_struct_assembly.details              author_and_software_defined_assembly 
_pdbx_struct_assembly.method_details       PISA 
_pdbx_struct_assembly.oligomeric_details   monomeric 
_pdbx_struct_assembly.oligomeric_count     1 
# 
loop_
_pdbx_struct_assembly_prop.biol_id 
_pdbx_struct_assembly_prop.type 
_pdbx_struct_assembly_prop.value 
_pdbx_struct_assembly_prop.details 
1 'ABSA (A^2)' 150  ? 
1 MORE         -7   ? 
1 'SSA (A^2)'  3030 ? 
# 
_pdbx_struct_assembly_gen.assembly_id       1 
_pdbx_struct_assembly_gen.oper_expression   1 
_pdbx_struct_assembly_gen.asym_id_list      A,B,C 
# 
_pdbx_struct_assembly_auth_evidence.id                     1 
_pdbx_struct_assembly_auth_evidence.assembly_id            1 
_pdbx_struct_assembly_auth_evidence.experimental_support   'mass spectrometry' 
_pdbx_struct_assembly_auth_evidence.details                ? 
# 
_pdbx_struct_oper_list.id                   1 
_pdbx_struct_oper_list.type                 'identity operation' 
_pdbx_struct_oper_list.name                 1_555 
_pdbx_struct_oper_list.symmetry_operation   x,y,z 
_pdbx_struct_oper_list.matrix[1][1]         1.0000000000 
_pdbx_struct_oper_list.matrix[1][2]         0.0000000000 
_pdbx_struct_oper_list.matrix[1][3]         0.0000000000 
_pdbx_struct_oper_list.vector[1]            0.0000000000 
_pdbx_struct_oper_list.matrix[2][1]         0.0000000000 
_pdbx_struct_oper_list.matrix[2][2]         1.0000000000 
_pdbx_struct_oper_list.matrix[2][3]         0.0000000000 
_pdbx_struct_oper_list.vector[2]            0.0000000000 
_pdbx_struct_oper_list.matrix[3][1]         0.0000000000 
_pdbx_struct_oper_list.matrix[3][2]         0.0000000000 
_pdbx_struct_oper_list.matrix[3][3]         1.0000000000 
_pdbx_struct_oper_list.vector[3]            0.0000000000 
# 
_struct_conf.conf_type_id            HELX_P 
_struct_conf.id                      HELX_P1 
_struct_conf.pdbx_PDB_helix_id       AA1 
_struct_conf.beg_label_comp_id       GLY 
_struct_conf.beg_label_asym_id       A 
_struct_conf.beg_label_seq_id        4 
_struct_conf.pdbx_beg_PDB_ins_code   ? 
_struct_conf.end_label_comp_id       DSG 
_struct_conf.end_label_asym_id       A 
_struct_conf.end_label_seq_id        28 
_struct_conf.pdbx_end_PDB_ins_code   ? 
_struct_conf.beg_auth_comp_id        GLY 
_struct_conf.beg_auth_asym_id        A 
_struct_conf.beg_auth_seq_id         4 
_struct_conf.end_auth_comp_id        DSG 
_struct_conf.end_auth_asym_id        A 
_struct_conf.end_auth_seq_id         28 
_struct_conf.pdbx_PDB_helix_class    1 
_struct_conf.details                 ? 
_struct_conf.pdbx_PDB_helix_length   25 
# 
_struct_conf_type.id          HELX_P 
_struct_conf_type.criteria    ? 
_struct_conf_type.reference   ? 
# 
loop_
_struct_conn.id 
_struct_conn.conn_type_id 
_struct_conn.pdbx_leaving_atom_flag 
_struct_conn.pdbx_PDB_id 
_struct_conn.ptnr1_label_asym_id 
_struct_conn.ptnr1_label_comp_id 
_struct_conn.ptnr1_label_seq_id 
_struct_conn.ptnr1_label_atom_id 
_struct_conn.pdbx_ptnr1_label_alt_id 
_struct_conn.pdbx_ptnr1_PDB_ins_code 
_struct_conn.pdbx_ptnr1_standard_comp_id 
_struct_conn.ptnr1_symmetry 
_struct_conn.ptnr2_label_asym_id 
_struct_conn.ptnr2_label_comp_id 
_struct_conn.ptnr2_label_seq_id 
_struct_conn.ptnr2_label_atom_id 
_struct_conn.pdbx_ptnr2_label_alt_id 
_struct_conn.pdbx_ptnr2_PDB_ins_code 
_struct_conn.ptnr1_auth_asym_id 
_struct_conn.ptnr1_auth_comp_id 
_struct_conn.ptnr1_auth_seq_id 
_struct_conn.ptnr2_auth_asym_id 
_struct_conn.ptnr2_auth_comp_id 
_struct_conn.ptnr2_auth_seq_id 
_struct_conn.ptnr2_symmetry 
_struct_conn.pdbx_ptnr3_label_atom_id 
_struct_conn.pdbx_ptnr3_label_seq_id 
_struct_conn.pdbx_ptnr3_label_comp_id 
_struct_conn.pdbx_ptnr3_label_asym_id 
_struct_conn.pdbx_ptnr3_label_alt_id 
_struct_conn.pdbx_ptnr3_PDB_ins_code 
_struct_conn.details 
_struct_conn.pdbx_dist_value 
_struct_conn.pdbx_value_order 
_struct_conn.pdbx_role 
covale1  covale both ? A DSN 2  C ? ? ? 1_555 A DGN 3  N ? ? A DSN 2  A DGN 3  1_555 ? ? ? ? ? ? ? 1.328 ? ? 
covale2  covale both ? A DGN 3  C ? ? ? 1_555 A GLY 4  N ? ? A DGN 3  A GLY 4  1_555 ? ? ? ? ? ? ? 1.344 ? ? 
covale3  covale both ? A GLY 4  C ? ? ? 1_555 A DTH 5  N ? ? A GLY 4  A DTH 5  1_555 ? ? ? ? ? ? ? 1.338 ? ? 
covale4  covale both ? A DTH 5  C ? ? ? 1_555 A DPN 6  N ? ? A DTH 5  A DPN 6  1_555 ? ? ? ? ? ? ? 1.339 ? ? 
covale5  covale both ? A DPN 6  C ? ? ? 1_555 A DTH 7  N ? ? A DPN 6  A DTH 7  1_555 ? ? ? ? ? ? ? 1.323 ? ? 
covale6  covale both ? A DTH 7  C ? ? ? 1_555 A DSN 8  N A ? A DTH 7  A DSN 8  1_555 ? ? ? ? ? ? ? 1.324 ? ? 
covale7  covale both ? A DTH 7  C ? ? ? 1_555 A DSN 8  N B ? A DTH 7  A DSN 8  1_555 ? ? ? ? ? ? ? 1.315 ? ? 
covale8  covale both ? A DSN 8  C A ? ? 1_555 A DAS 9  N ? ? A DSN 8  A DAS 9  1_555 ? ? ? ? ? ? ? 1.335 ? ? 
covale9  covale both ? A DSN 8  C B ? ? 1_555 A DAS 9  N ? ? A DSN 8  A DAS 9  1_555 ? ? ? ? ? ? ? 1.333 ? ? 
covale10 covale both ? A DAS 9  C ? ? ? 1_555 A DTY 10 N ? ? A DAS 9  A DTY 10 1_555 ? ? ? ? ? ? ? 1.335 ? ? 
covale11 covale both ? A DTY 10 C ? ? ? 1_555 A DSN 11 N A ? A DTY 10 A DSN 11 1_555 ? ? ? ? ? ? ? 1.323 ? ? 
covale12 covale both ? A DTY 10 C ? ? ? 1_555 A DSN 11 N B ? A DTY 10 A DSN 11 1_555 ? ? ? ? ? ? ? 1.314 ? ? 
covale13 covale both ? A DSN 11 C A ? ? 1_555 A DLY 12 N ? ? A DSN 11 A DLY 12 1_555 ? ? ? ? ? ? ? 1.333 ? ? 
covale14 covale both ? A DSN 11 C B ? ? 1_555 A DLY 12 N ? ? A DSN 11 A DLY 12 1_555 ? ? ? ? ? ? ? 1.317 ? ? 
covale15 covale both ? A DLY 12 C ? ? ? 1_555 A DTY 13 N ? ? A DLY 12 A DTY 13 1_555 ? ? ? ? ? ? ? 1.338 ? ? 
covale16 covale both ? A DTY 13 C ? ? ? 1_555 A DLE 14 N ? ? A DTY 13 A DLE 14 1_555 ? ? ? ? ? ? ? 1.331 ? ? 
covale17 covale both ? A DLE 14 C ? ? ? 1_555 A DAS 15 N ? ? A DLE 14 A DAS 15 1_555 ? ? ? ? ? ? ? 1.334 ? ? 
covale18 covale both ? A DAS 15 C ? ? ? 1_555 A DSN 16 N A ? A DAS 15 A DSN 16 1_555 ? ? ? ? ? ? ? 1.328 ? ? 
covale19 covale both ? A DAS 15 C ? ? ? 1_555 A DSN 16 N B ? A DAS 15 A DSN 16 1_555 ? ? ? ? ? ? ? 1.335 ? ? 
covale20 covale both ? A DAS 15 C ? ? ? 1_555 A DSN 16 N C ? A DAS 15 A DSN 16 1_555 ? ? ? ? ? ? ? 1.306 ? ? 
covale21 covale both ? A DSN 16 C A ? ? 1_555 A DAR 17 N ? ? A DSN 16 A DAR 17 1_555 ? ? ? ? ? ? ? 1.333 ? ? 
covale22 covale both ? A DSN 16 C B ? ? 1_555 A DAR 17 N ? ? A DSN 16 A DAR 17 1_555 ? ? ? ? ? ? ? 1.330 ? ? 
covale23 covale both ? A DSN 16 C C ? ? 1_555 A DAR 17 N ? ? A DSN 16 A DAR 17 1_555 ? ? ? ? ? ? ? 1.328 ? ? 
covale24 covale both ? A DAR 17 C ? ? ? 1_555 A DAR 18 N ? ? A DAR 17 A DAR 18 1_555 ? ? ? ? ? ? ? 1.317 ? ? 
covale25 covale both ? A DAR 18 C ? ? ? 1_555 A DAL 19 N ? ? A DAR 18 A DAL 19 1_555 ? ? ? ? ? ? ? 1.318 ? ? 
covale26 covale both ? A DAL 19 C ? ? ? 1_555 A DGN 20 N A ? A DAL 19 A DGN 20 1_555 ? ? ? ? ? ? ? 1.341 ? ? 
covale27 covale both ? A DAL 19 C ? ? ? 1_555 A DGN 20 N B ? A DAL 19 A DGN 20 1_555 ? ? ? ? ? ? ? 1.320 ? ? 
covale28 covale both ? A DGN 20 C A ? ? 1_555 A DAS 21 N A ? A DGN 20 A DAS 21 1_555 ? ? ? ? ? ? ? 1.330 ? ? 
covale29 covale both ? A DGN 20 C B ? ? 1_555 A DAS 21 N B ? A DGN 20 A DAS 21 1_555 ? ? ? ? ? ? ? 1.336 ? ? 
covale30 covale both ? A DAS 21 C A ? ? 1_555 A DPN 22 N ? ? A DAS 21 A DPN 22 1_555 ? ? ? ? ? ? ? 1.331 ? ? 
covale31 covale both ? A DAS 21 C B ? ? 1_555 A DPN 22 N ? ? A DAS 21 A DPN 22 1_555 ? ? ? ? ? ? ? 1.313 ? ? 
covale32 covale both ? A DPN 22 C ? ? ? 1_555 A DVA 23 N ? ? A DPN 22 A DVA 23 1_555 ? ? ? ? ? ? ? 1.328 ? ? 
covale33 covale both ? A DVA 23 C ? ? ? 1_555 A DGN 24 N ? ? A DVA 23 A DGN 24 1_555 ? ? ? ? ? ? ? 1.342 ? ? 
covale34 covale both ? A DGN 24 C ? ? ? 1_555 A DTR 25 N ? ? A DGN 24 A DTR 25 1_555 ? ? ? ? ? ? ? 1.325 ? ? 
covale35 covale both ? A DTR 25 C ? ? ? 1_555 A DLE 26 N ? ? A DTR 25 A DLE 26 1_555 ? ? ? ? ? ? ? 1.324 ? ? 
covale36 covale both ? A DLE 26 C ? ? ? 1_555 A MED 27 N ? ? A DLE 26 A MED 27 1_555 ? ? ? ? ? ? ? 1.354 ? ? 
covale37 covale both ? A MED 27 C ? ? ? 1_555 A DSG 28 N ? ? A MED 27 A DSG 28 1_555 ? ? ? ? ? ? ? 1.333 ? ? 
covale38 covale both ? A DSG 28 C ? ? ? 1_555 A DTH 29 N ? ? A DSG 28 A DTH 29 1_555 ? ? ? ? ? ? ? 1.315 ? ? 
# 
_struct_conn_type.id          covale 
_struct_conn_type.criteria    ? 
_struct_conn_type.reference   ? 
# 
_struct_site.id                   AC1 
_struct_site.pdbx_evidence_code   Software 
_struct_site.pdbx_auth_asym_id    A 
_struct_site.pdbx_auth_comp_id    SO4 
_struct_site.pdbx_auth_seq_id     101 
_struct_site.pdbx_auth_ins_code   ? 
_struct_site.pdbx_num_residues    6 
_struct_site.details              'binding site for residue SO4 A 101' 
# 
loop_
_struct_site_gen.id 
_struct_site_gen.site_id 
_struct_site_gen.pdbx_num_res 
_struct_site_gen.label_comp_id 
_struct_site_gen.label_asym_id 
_struct_site_gen.label_seq_id 
_struct_site_gen.pdbx_auth_ins_code 
_struct_site_gen.auth_comp_id 
_struct_site_gen.auth_asym_id 
_struct_site_gen.auth_seq_id 
_struct_site_gen.label_atom_id 
_struct_site_gen.label_alt_id 
_struct_site_gen.symmetry 
_struct_site_gen.details 
1 AC1 6 DAR A 17 ? DAR A 17  . ? 7_554 ? 
2 AC1 6 DAS A 21 ? DAS A 21  . ? 1_555 ? 
3 AC1 6 HOH C .  ? HOH A 207 . ? 1_555 ? 
4 AC1 6 HOH C .  ? HOH A 212 . ? 1_555 ? 
5 AC1 6 HOH C .  ? HOH A 222 . ? 1_555 ? 
6 AC1 6 HOH C .  ? HOH A 223 . ? 1_555 ? 
# 
_pdbx_entry_details.entry_id                   6PHM 
_pdbx_entry_details.has_ligand_of_interest     Y 
_pdbx_entry_details.compound_details           ? 
_pdbx_entry_details.source_details             ? 
_pdbx_entry_details.nonpolymer_details         ? 
_pdbx_entry_details.sequence_details           ? 
_pdbx_entry_details.has_protein_modification   N 
# 
loop_
_pdbx_validate_close_contact.id 
_pdbx_validate_close_contact.PDB_model_num 
_pdbx_validate_close_contact.auth_atom_id_1 
_pdbx_validate_close_contact.auth_asym_id_1 
_pdbx_validate_close_contact.auth_comp_id_1 
_pdbx_validate_close_contact.auth_seq_id_1 
_pdbx_validate_close_contact.PDB_ins_code_1 
_pdbx_validate_close_contact.label_alt_id_1 
_pdbx_validate_close_contact.auth_atom_id_2 
_pdbx_validate_close_contact.auth_asym_id_2 
_pdbx_validate_close_contact.auth_comp_id_2 
_pdbx_validate_close_contact.auth_seq_id_2 
_pdbx_validate_close_contact.PDB_ins_code_2 
_pdbx_validate_close_contact.label_alt_id_2 
_pdbx_validate_close_contact.dist 
1 1 HE21 A DGN 20  ? B O A HOH 201 ? ? 1.21 
2 1 O    A HOH 201 ? ? O A HOH 219 ? ? 1.59 
3 1 NE2  A DGN 20  ? B O A HOH 201 ? ? 2.02 
# 
loop_
_pdbx_validate_symm_contact.id 
_pdbx_validate_symm_contact.PDB_model_num 
_pdbx_validate_symm_contact.auth_atom_id_1 
_pdbx_validate_symm_contact.auth_asym_id_1 
_pdbx_validate_symm_contact.auth_comp_id_1 
_pdbx_validate_symm_contact.auth_seq_id_1 
_pdbx_validate_symm_contact.PDB_ins_code_1 
_pdbx_validate_symm_contact.label_alt_id_1 
_pdbx_validate_symm_contact.site_symmetry_1 
_pdbx_validate_symm_contact.auth_atom_id_2 
_pdbx_validate_symm_contact.auth_asym_id_2 
_pdbx_validate_symm_contact.auth_comp_id_2 
_pdbx_validate_symm_contact.auth_seq_id_2 
_pdbx_validate_symm_contact.PDB_ins_code_2 
_pdbx_validate_symm_contact.label_alt_id_2 
_pdbx_validate_symm_contact.site_symmetry_2 
_pdbx_validate_symm_contact.dist 
1 1 O A HOH 227 ? ? 1_555 O A HOH 227 ? ? 6_565 1.87 
2 1 O A HOH 227 ? ? 1_555 O A HOH 228 ? ? 6_565 2.05 
3 1 O A HOH 228 ? ? 1_555 O A HOH 228 ? ? 6_565 2.06 
# 
_pdbx_validate_rmsd_angle.id                         1 
_pdbx_validate_rmsd_angle.PDB_model_num              1 
_pdbx_validate_rmsd_angle.auth_atom_id_1             CB 
_pdbx_validate_rmsd_angle.auth_asym_id_1             A 
_pdbx_validate_rmsd_angle.auth_comp_id_1             DAS 
_pdbx_validate_rmsd_angle.auth_seq_id_1              15 
_pdbx_validate_rmsd_angle.PDB_ins_code_1             ? 
_pdbx_validate_rmsd_angle.label_alt_id_1             ? 
_pdbx_validate_rmsd_angle.auth_atom_id_2             CG 
_pdbx_validate_rmsd_angle.auth_asym_id_2             A 
_pdbx_validate_rmsd_angle.auth_comp_id_2             DAS 
_pdbx_validate_rmsd_angle.auth_seq_id_2              15 
_pdbx_validate_rmsd_angle.PDB_ins_code_2             ? 
_pdbx_validate_rmsd_angle.label_alt_id_2             ? 
_pdbx_validate_rmsd_angle.auth_atom_id_3             OD2 
_pdbx_validate_rmsd_angle.auth_asym_id_3             A 
_pdbx_validate_rmsd_angle.auth_comp_id_3             DAS 
_pdbx_validate_rmsd_angle.auth_seq_id_3              15 
_pdbx_validate_rmsd_angle.PDB_ins_code_3             ? 
_pdbx_validate_rmsd_angle.label_alt_id_3             ? 
_pdbx_validate_rmsd_angle.angle_value                112.23 
_pdbx_validate_rmsd_angle.angle_target_value         118.30 
_pdbx_validate_rmsd_angle.angle_deviation            -6.07 
_pdbx_validate_rmsd_angle.angle_standard_deviation   0.90 
_pdbx_validate_rmsd_angle.linker_flag                N 
# 
_pdbx_unobs_or_zero_occ_residues.id               1 
_pdbx_unobs_or_zero_occ_residues.PDB_model_num    1 
_pdbx_unobs_or_zero_occ_residues.polymer_flag     Y 
_pdbx_unobs_or_zero_occ_residues.occupancy_flag   1 
_pdbx_unobs_or_zero_occ_residues.auth_asym_id     A 
_pdbx_unobs_or_zero_occ_residues.auth_comp_id     DHI 
_pdbx_unobs_or_zero_occ_residues.auth_seq_id      1 
_pdbx_unobs_or_zero_occ_residues.PDB_ins_code     ? 
_pdbx_unobs_or_zero_occ_residues.label_asym_id    A 
_pdbx_unobs_or_zero_occ_residues.label_comp_id    DHI 
_pdbx_unobs_or_zero_occ_residues.label_seq_id     1 
# 
loop_
_chem_comp_atom.comp_id 
_chem_comp_atom.atom_id 
_chem_comp_atom.type_symbol 
_chem_comp_atom.pdbx_aromatic_flag 
_chem_comp_atom.pdbx_stereo_config 
_chem_comp_atom.pdbx_ordinal 
DAL N    N N N 1   
DAL CA   C N R 2   
DAL CB   C N N 3   
DAL C    C N N 4   
DAL O    O N N 5   
DAL OXT  O N N 6   
DAL H    H N N 7   
DAL H2   H N N 8   
DAL HA   H N N 9   
DAL HB1  H N N 10  
DAL HB2  H N N 11  
DAL HB3  H N N 12  
DAL HXT  H N N 13  
DAR N    N N N 14  
DAR CA   C N R 15  
DAR CB   C N N 16  
DAR CG   C N N 17  
DAR CD   C N N 18  
DAR NE   N N N 19  
DAR CZ   C N N 20  
DAR NH1  N N N 21  
DAR NH2  N N N 22  
DAR C    C N N 23  
DAR O    O N N 24  
DAR OXT  O N N 25  
DAR H    H N N 26  
DAR H2   H N N 27  
DAR HA   H N N 28  
DAR HB2  H N N 29  
DAR HB3  H N N 30  
DAR HG2  H N N 31  
DAR HG3  H N N 32  
DAR HD2  H N N 33  
DAR HD3  H N N 34  
DAR HE   H N N 35  
DAR HH11 H N N 36  
DAR HH12 H N N 37  
DAR HH21 H N N 38  
DAR HH22 H N N 39  
DAR HXT  H N N 40  
DAS N    N N N 41  
DAS CA   C N R 42  
DAS C    C N N 43  
DAS O    O N N 44  
DAS CB   C N N 45  
DAS CG   C N N 46  
DAS OD1  O N N 47  
DAS OD2  O N N 48  
DAS OXT  O N N 49  
DAS H    H N N 50  
DAS H2   H N N 51  
DAS HA   H N N 52  
DAS HB2  H N N 53  
DAS HB3  H N N 54  
DAS HD2  H N N 55  
DAS HXT  H N N 56  
DGN N    N N N 57  
DGN CA   C N R 58  
DGN C    C N N 59  
DGN O    O N N 60  
DGN OXT  O N N 61  
DGN CB   C N N 62  
DGN CG   C N N 63  
DGN CD   C N N 64  
DGN OE1  O N N 65  
DGN NE2  N N N 66  
DGN H    H N N 67  
DGN H2   H N N 68  
DGN HA   H N N 69  
DGN HXT  H N N 70  
DGN HB2  H N N 71  
DGN HB3  H N N 72  
DGN HG2  H N N 73  
DGN HG3  H N N 74  
DGN HE21 H N N 75  
DGN HE22 H N N 76  
DHI N    N N N 77  
DHI CA   C N R 78  
DHI C    C N N 79  
DHI O    O N N 80  
DHI CB   C N N 81  
DHI CG   C Y N 82  
DHI ND1  N Y N 83  
DHI CD2  C Y N 84  
DHI CE1  C Y N 85  
DHI NE2  N Y N 86  
DHI OXT  O N N 87  
DHI H    H N N 88  
DHI H2   H N N 89  
DHI HA   H N N 90  
DHI HB2  H N N 91  
DHI HB3  H N N 92  
DHI HD1  H N N 93  
DHI HD2  H N N 94  
DHI HE1  H N N 95  
DHI HE2  H N N 96  
DHI HXT  H N N 97  
DLE N    N N N 98  
DLE CA   C N R 99  
DLE CB   C N N 100 
DLE CG   C N N 101 
DLE CD1  C N N 102 
DLE CD2  C N N 103 
DLE C    C N N 104 
DLE O    O N N 105 
DLE OXT  O N N 106 
DLE H    H N N 107 
DLE H2   H N N 108 
DLE HA   H N N 109 
DLE HB2  H N N 110 
DLE HB3  H N N 111 
DLE HG   H N N 112 
DLE HD11 H N N 113 
DLE HD12 H N N 114 
DLE HD13 H N N 115 
DLE HD21 H N N 116 
DLE HD22 H N N 117 
DLE HD23 H N N 118 
DLE HXT  H N N 119 
DLY N    N N N 120 
DLY CA   C N R 121 
DLY C    C N N 122 
DLY O    O N N 123 
DLY CB   C N N 124 
DLY CG   C N N 125 
DLY CD   C N N 126 
DLY CE   C N N 127 
DLY NZ   N N N 128 
DLY OXT  O N N 129 
DLY H    H N N 130 
DLY H2   H N N 131 
DLY HA   H N N 132 
DLY HB2  H N N 133 
DLY HB3  H N N 134 
DLY HG2  H N N 135 
DLY HG3  H N N 136 
DLY HD2  H N N 137 
DLY HD3  H N N 138 
DLY HE2  H N N 139 
DLY HE3  H N N 140 
DLY HZ1  H N N 141 
DLY HZ2  H N N 142 
DLY HXT  H N N 143 
DPN N    N N N 144 
DPN CA   C N R 145 
DPN C    C N N 146 
DPN O    O N N 147 
DPN OXT  O N N 148 
DPN CB   C N N 149 
DPN CG   C Y N 150 
DPN CD1  C Y N 151 
DPN CD2  C Y N 152 
DPN CE1  C Y N 153 
DPN CE2  C Y N 154 
DPN CZ   C Y N 155 
DPN H    H N N 156 
DPN H2   H N N 157 
DPN HA   H N N 158 
DPN HXT  H N N 159 
DPN HB2  H N N 160 
DPN HB3  H N N 161 
DPN HD1  H N N 162 
DPN HD2  H N N 163 
DPN HE1  H N N 164 
DPN HE2  H N N 165 
DPN HZ   H N N 166 
DSG N    N N N 167 
DSG CA   C N R 168 
DSG C    C N N 169 
DSG O    O N N 170 
DSG CB   C N N 171 
DSG CG   C N N 172 
DSG OD1  O N N 173 
DSG ND2  N N N 174 
DSG OXT  O N N 175 
DSG H    H N N 176 
DSG H2   H N N 177 
DSG HA   H N N 178 
DSG HB2  H N N 179 
DSG HB3  H N N 180 
DSG HD21 H N N 181 
DSG HD22 H N N 182 
DSG HXT  H N N 183 
DSN N    N N N 184 
DSN CA   C N R 185 
DSN C    C N N 186 
DSN O    O N N 187 
DSN OXT  O N N 188 
DSN CB   C N N 189 
DSN OG   O N N 190 
DSN H    H N N 191 
DSN H2   H N N 192 
DSN HA   H N N 193 
DSN HXT  H N N 194 
DSN HB2  H N N 195 
DSN HB3  H N N 196 
DSN HG   H N N 197 
DTH N    N N N 198 
DTH CA   C N R 199 
DTH CB   C N S 200 
DTH CG2  C N N 201 
DTH OG1  O N N 202 
DTH C    C N N 203 
DTH O    O N N 204 
DTH OXT  O N N 205 
DTH H    H N N 206 
DTH H2   H N N 207 
DTH HA   H N N 208 
DTH HB   H N N 209 
DTH HG21 H N N 210 
DTH HG22 H N N 211 
DTH HG23 H N N 212 
DTH HG1  H N N 213 
DTH HXT  H N N 214 
DTR N    N N N 215 
DTR CA   C N R 216 
DTR CB   C N N 217 
DTR CG   C Y N 218 
DTR CD1  C Y N 219 
DTR NE1  N Y N 220 
DTR CE2  C Y N 221 
DTR CZ2  C Y N 222 
DTR CH2  C Y N 223 
DTR CZ3  C Y N 224 
DTR CE3  C Y N 225 
DTR CD2  C Y N 226 
DTR C    C N N 227 
DTR O    O N N 228 
DTR OXT  O N N 229 
DTR H    H N N 230 
DTR H2   H N N 231 
DTR HA   H N N 232 
DTR HB2  H N N 233 
DTR HB3  H N N 234 
DTR HD1  H N N 235 
DTR HE1  H N N 236 
DTR HZ2  H N N 237 
DTR HH2  H N N 238 
DTR HZ3  H N N 239 
DTR HE3  H N N 240 
DTR HXT  H N N 241 
DTY N    N N N 242 
DTY CA   C N R 243 
DTY C    C N N 244 
DTY O    O N N 245 
DTY CB   C N N 246 
DTY CG   C Y N 247 
DTY CD1  C Y N 248 
DTY CD2  C Y N 249 
DTY CE1  C Y N 250 
DTY CE2  C Y N 251 
DTY CZ   C Y N 252 
DTY OH   O N N 253 
DTY OXT  O N N 254 
DTY H    H N N 255 
DTY H2   H N N 256 
DTY HA   H N N 257 
DTY HB2  H N N 258 
DTY HB3  H N N 259 
DTY HD1  H N N 260 
DTY HD2  H N N 261 
DTY HE1  H N N 262 
DTY HE2  H N N 263 
DTY HH   H N N 264 
DTY HXT  H N N 265 
DVA N    N N N 266 
DVA CA   C N R 267 
DVA CB   C N N 268 
DVA CG1  C N N 269 
DVA CG2  C N N 270 
DVA C    C N N 271 
DVA O    O N N 272 
DVA OXT  O N N 273 
DVA H    H N N 274 
DVA H2   H N N 275 
DVA HA   H N N 276 
DVA HB   H N N 277 
DVA HG11 H N N 278 
DVA HG12 H N N 279 
DVA HG13 H N N 280 
DVA HG21 H N N 281 
DVA HG22 H N N 282 
DVA HG23 H N N 283 
DVA HXT  H N N 284 
GLY N    N N N 285 
GLY CA   C N N 286 
GLY C    C N N 287 
GLY O    O N N 288 
GLY OXT  O N N 289 
GLY H    H N N 290 
GLY H2   H N N 291 
GLY HA2  H N N 292 
GLY HA3  H N N 293 
GLY HXT  H N N 294 
HOH O    O N N 295 
HOH H1   H N N 296 
HOH H2   H N N 297 
MED N    N N N 298 
MED CA   C N R 299 
MED C    C N N 300 
MED O    O N N 301 
MED CB   C N N 302 
MED CG   C N N 303 
MED SD   S N N 304 
MED CE   C N N 305 
MED OXT  O N N 306 
MED H    H N N 307 
MED H2   H N N 308 
MED HA   H N N 309 
MED HB2  H N N 310 
MED HB3  H N N 311 
MED HG2  H N N 312 
MED HG3  H N N 313 
MED HE1  H N N 314 
MED HE2  H N N 315 
MED HE3  H N N 316 
MED HXT  H N N 317 
SO4 S    S N N 318 
SO4 O1   O N N 319 
SO4 O2   O N N 320 
SO4 O3   O N N 321 
SO4 O4   O N N 322 
# 
loop_
_chem_comp_bond.comp_id 
_chem_comp_bond.atom_id_1 
_chem_comp_bond.atom_id_2 
_chem_comp_bond.value_order 
_chem_comp_bond.pdbx_aromatic_flag 
_chem_comp_bond.pdbx_stereo_config 
_chem_comp_bond.pdbx_ordinal 
DAL N   CA   sing N N 1   
DAL N   H    sing N N 2   
DAL N   H2   sing N N 3   
DAL CA  CB   sing N N 4   
DAL CA  C    sing N N 5   
DAL CA  HA   sing N N 6   
DAL CB  HB1  sing N N 7   
DAL CB  HB2  sing N N 8   
DAL CB  HB3  sing N N 9   
DAL C   O    doub N N 10  
DAL C   OXT  sing N N 11  
DAL OXT HXT  sing N N 12  
DAR N   CA   sing N N 13  
DAR N   H    sing N N 14  
DAR N   H2   sing N N 15  
DAR CA  CB   sing N N 16  
DAR CA  C    sing N N 17  
DAR CA  HA   sing N N 18  
DAR CB  CG   sing N N 19  
DAR CB  HB2  sing N N 20  
DAR CB  HB3  sing N N 21  
DAR CG  CD   sing N N 22  
DAR CG  HG2  sing N N 23  
DAR CG  HG3  sing N N 24  
DAR CD  NE   sing N N 25  
DAR CD  HD2  sing N N 26  
DAR CD  HD3  sing N N 27  
DAR NE  CZ   sing N N 28  
DAR NE  HE   sing N N 29  
DAR CZ  NH1  sing N N 30  
DAR CZ  NH2  doub N N 31  
DAR NH1 HH11 sing N N 32  
DAR NH1 HH12 sing N N 33  
DAR NH2 HH21 sing N N 34  
DAR NH2 HH22 sing N N 35  
DAR C   O    doub N N 36  
DAR C   OXT  sing N N 37  
DAR OXT HXT  sing N N 38  
DAS N   CA   sing N N 39  
DAS N   H    sing N N 40  
DAS N   H2   sing N N 41  
DAS CA  C    sing N N 42  
DAS CA  CB   sing N N 43  
DAS CA  HA   sing N N 44  
DAS C   O    doub N N 45  
DAS C   OXT  sing N N 46  
DAS CB  CG   sing N N 47  
DAS CB  HB2  sing N N 48  
DAS CB  HB3  sing N N 49  
DAS CG  OD1  doub N N 50  
DAS CG  OD2  sing N N 51  
DAS OD2 HD2  sing N N 52  
DAS OXT HXT  sing N N 53  
DGN N   CA   sing N N 54  
DGN N   H    sing N N 55  
DGN N   H2   sing N N 56  
DGN CA  C    sing N N 57  
DGN CA  CB   sing N N 58  
DGN CA  HA   sing N N 59  
DGN C   O    doub N N 60  
DGN C   OXT  sing N N 61  
DGN OXT HXT  sing N N 62  
DGN CB  CG   sing N N 63  
DGN CB  HB2  sing N N 64  
DGN CB  HB3  sing N N 65  
DGN CG  CD   sing N N 66  
DGN CG  HG2  sing N N 67  
DGN CG  HG3  sing N N 68  
DGN CD  OE1  doub N N 69  
DGN CD  NE2  sing N N 70  
DGN NE2 HE21 sing N N 71  
DGN NE2 HE22 sing N N 72  
DHI N   CA   sing N N 73  
DHI N   H    sing N N 74  
DHI N   H2   sing N N 75  
DHI CA  C    sing N N 76  
DHI CA  CB   sing N N 77  
DHI CA  HA   sing N N 78  
DHI C   O    doub N N 79  
DHI C   OXT  sing N N 80  
DHI CB  CG   sing N N 81  
DHI CB  HB2  sing N N 82  
DHI CB  HB3  sing N N 83  
DHI CG  ND1  sing Y N 84  
DHI CG  CD2  doub Y N 85  
DHI ND1 CE1  doub Y N 86  
DHI ND1 HD1  sing N N 87  
DHI CD2 NE2  sing Y N 88  
DHI CD2 HD2  sing N N 89  
DHI CE1 NE2  sing Y N 90  
DHI CE1 HE1  sing N N 91  
DHI NE2 HE2  sing N N 92  
DHI OXT HXT  sing N N 93  
DLE N   CA   sing N N 94  
DLE N   H    sing N N 95  
DLE N   H2   sing N N 96  
DLE CA  CB   sing N N 97  
DLE CA  C    sing N N 98  
DLE CA  HA   sing N N 99  
DLE CB  CG   sing N N 100 
DLE CB  HB2  sing N N 101 
DLE CB  HB3  sing N N 102 
DLE CG  CD1  sing N N 103 
DLE CG  CD2  sing N N 104 
DLE CG  HG   sing N N 105 
DLE CD1 HD11 sing N N 106 
DLE CD1 HD12 sing N N 107 
DLE CD1 HD13 sing N N 108 
DLE CD2 HD21 sing N N 109 
DLE CD2 HD22 sing N N 110 
DLE CD2 HD23 sing N N 111 
DLE C   O    doub N N 112 
DLE C   OXT  sing N N 113 
DLE OXT HXT  sing N N 114 
DLY N   CA   sing N N 115 
DLY N   H    sing N N 116 
DLY N   H2   sing N N 117 
DLY CA  C    sing N N 118 
DLY CA  CB   sing N N 119 
DLY CA  HA   sing N N 120 
DLY C   O    doub N N 121 
DLY C   OXT  sing N N 122 
DLY CB  CG   sing N N 123 
DLY CB  HB2  sing N N 124 
DLY CB  HB3  sing N N 125 
DLY CG  CD   sing N N 126 
DLY CG  HG2  sing N N 127 
DLY CG  HG3  sing N N 128 
DLY CD  CE   sing N N 129 
DLY CD  HD2  sing N N 130 
DLY CD  HD3  sing N N 131 
DLY CE  NZ   sing N N 132 
DLY CE  HE2  sing N N 133 
DLY CE  HE3  sing N N 134 
DLY NZ  HZ1  sing N N 135 
DLY NZ  HZ2  sing N N 136 
DLY OXT HXT  sing N N 137 
DPN N   CA   sing N N 138 
DPN N   H    sing N N 139 
DPN N   H2   sing N N 140 
DPN CA  C    sing N N 141 
DPN CA  CB   sing N N 142 
DPN CA  HA   sing N N 143 
DPN C   O    doub N N 144 
DPN C   OXT  sing N N 145 
DPN OXT HXT  sing N N 146 
DPN CB  CG   sing N N 147 
DPN CB  HB2  sing N N 148 
DPN CB  HB3  sing N N 149 
DPN CG  CD1  doub Y N 150 
DPN CG  CD2  sing Y N 151 
DPN CD1 CE1  sing Y N 152 
DPN CD1 HD1  sing N N 153 
DPN CD2 CE2  doub Y N 154 
DPN CD2 HD2  sing N N 155 
DPN CE1 CZ   doub Y N 156 
DPN CE1 HE1  sing N N 157 
DPN CE2 CZ   sing Y N 158 
DPN CE2 HE2  sing N N 159 
DPN CZ  HZ   sing N N 160 
DSG N   CA   sing N N 161 
DSG N   H    sing N N 162 
DSG N   H2   sing N N 163 
DSG CA  C    sing N N 164 
DSG CA  CB   sing N N 165 
DSG CA  HA   sing N N 166 
DSG C   O    doub N N 167 
DSG C   OXT  sing N N 168 
DSG CB  CG   sing N N 169 
DSG CB  HB2  sing N N 170 
DSG CB  HB3  sing N N 171 
DSG CG  OD1  doub N N 172 
DSG CG  ND2  sing N N 173 
DSG ND2 HD21 sing N N 174 
DSG ND2 HD22 sing N N 175 
DSG OXT HXT  sing N N 176 
DSN N   CA   sing N N 177 
DSN N   H    sing N N 178 
DSN N   H2   sing N N 179 
DSN CA  C    sing N N 180 
DSN CA  CB   sing N N 181 
DSN CA  HA   sing N N 182 
DSN C   O    doub N N 183 
DSN C   OXT  sing N N 184 
DSN OXT HXT  sing N N 185 
DSN CB  OG   sing N N 186 
DSN CB  HB2  sing N N 187 
DSN CB  HB3  sing N N 188 
DSN OG  HG   sing N N 189 
DTH N   CA   sing N N 190 
DTH N   H    sing N N 191 
DTH N   H2   sing N N 192 
DTH CA  CB   sing N N 193 
DTH CA  C    sing N N 194 
DTH CA  HA   sing N N 195 
DTH CB  CG2  sing N N 196 
DTH CB  OG1  sing N N 197 
DTH CB  HB   sing N N 198 
DTH CG2 HG21 sing N N 199 
DTH CG2 HG22 sing N N 200 
DTH CG2 HG23 sing N N 201 
DTH OG1 HG1  sing N N 202 
DTH C   O    doub N N 203 
DTH C   OXT  sing N N 204 
DTH OXT HXT  sing N N 205 
DTR N   CA   sing N N 206 
DTR N   H    sing N N 207 
DTR N   H2   sing N N 208 
DTR CA  CB   sing N N 209 
DTR CA  C    sing N N 210 
DTR CA  HA   sing N N 211 
DTR CB  CG   sing N N 212 
DTR CB  HB2  sing N N 213 
DTR CB  HB3  sing N N 214 
DTR CG  CD1  doub Y N 215 
DTR CG  CD2  sing Y N 216 
DTR CD1 NE1  sing Y N 217 
DTR CD1 HD1  sing N N 218 
DTR NE1 CE2  sing Y N 219 
DTR NE1 HE1  sing N N 220 
DTR CE2 CZ2  doub Y N 221 
DTR CE2 CD2  sing Y N 222 
DTR CZ2 CH2  sing Y N 223 
DTR CZ2 HZ2  sing N N 224 
DTR CH2 CZ3  doub Y N 225 
DTR CH2 HH2  sing N N 226 
DTR CZ3 CE3  sing Y N 227 
DTR CZ3 HZ3  sing N N 228 
DTR CE3 CD2  doub Y N 229 
DTR CE3 HE3  sing N N 230 
DTR C   O    doub N N 231 
DTR C   OXT  sing N N 232 
DTR OXT HXT  sing N N 233 
DTY N   CA   sing N N 234 
DTY N   H    sing N N 235 
DTY N   H2   sing N N 236 
DTY CA  C    sing N N 237 
DTY CA  CB   sing N N 238 
DTY CA  HA   sing N N 239 
DTY C   O    doub N N 240 
DTY C   OXT  sing N N 241 
DTY CB  CG   sing N N 242 
DTY CB  HB2  sing N N 243 
DTY CB  HB3  sing N N 244 
DTY CG  CD1  doub Y N 245 
DTY CG  CD2  sing Y N 246 
DTY CD1 CE1  sing Y N 247 
DTY CD1 HD1  sing N N 248 
DTY CD2 CE2  doub Y N 249 
DTY CD2 HD2  sing N N 250 
DTY CE1 CZ   doub Y N 251 
DTY CE1 HE1  sing N N 252 
DTY CE2 CZ   sing Y N 253 
DTY CE2 HE2  sing N N 254 
DTY CZ  OH   sing N N 255 
DTY OH  HH   sing N N 256 
DTY OXT HXT  sing N N 257 
DVA N   CA   sing N N 258 
DVA N   H    sing N N 259 
DVA N   H2   sing N N 260 
DVA CA  CB   sing N N 261 
DVA CA  C    sing N N 262 
DVA CA  HA   sing N N 263 
DVA CB  CG1  sing N N 264 
DVA CB  CG2  sing N N 265 
DVA CB  HB   sing N N 266 
DVA CG1 HG11 sing N N 267 
DVA CG1 HG12 sing N N 268 
DVA CG1 HG13 sing N N 269 
DVA CG2 HG21 sing N N 270 
DVA CG2 HG22 sing N N 271 
DVA CG2 HG23 sing N N 272 
DVA C   O    doub N N 273 
DVA C   OXT  sing N N 274 
DVA OXT HXT  sing N N 275 
GLY N   CA   sing N N 276 
GLY N   H    sing N N 277 
GLY N   H2   sing N N 278 
GLY CA  C    sing N N 279 
GLY CA  HA2  sing N N 280 
GLY CA  HA3  sing N N 281 
GLY C   O    doub N N 282 
GLY C   OXT  sing N N 283 
GLY OXT HXT  sing N N 284 
HOH O   H1   sing N N 285 
HOH O   H2   sing N N 286 
MED N   CA   sing N N 287 
MED N   H    sing N N 288 
MED N   H2   sing N N 289 
MED CA  C    sing N N 290 
MED CA  CB   sing N N 291 
MED CA  HA   sing N N 292 
MED C   O    doub N N 293 
MED C   OXT  sing N N 294 
MED CB  CG   sing N N 295 
MED CB  HB2  sing N N 296 
MED CB  HB3  sing N N 297 
MED CG  SD   sing N N 298 
MED CG  HG2  sing N N 299 
MED CG  HG3  sing N N 300 
MED SD  CE   sing N N 301 
MED CE  HE1  sing N N 302 
MED CE  HE2  sing N N 303 
MED CE  HE3  sing N N 304 
MED OXT HXT  sing N N 305 
SO4 S   O1   doub N N 306 
SO4 S   O2   doub N N 307 
SO4 S   O3   sing N N 308 
SO4 S   O4   sing N N 309 
# 
_pdbx_audit_support.funding_organization   'Other government' 
_pdbx_audit_support.country                'United States' 
_pdbx_audit_support.grant_number           'Indiana University Internal grant' 
_pdbx_audit_support.ordinal                1 
# 
_pdbx_initial_refinement_model.id               1 
_pdbx_initial_refinement_model.entity_id_list   ? 
_pdbx_initial_refinement_model.type             'experimental model' 
_pdbx_initial_refinement_model.source_name      PDB 
_pdbx_initial_refinement_model.accession_code   6PHO 
_pdbx_initial_refinement_model.details          'PDB entry 6PHO' 
# 
_atom_sites.entry_id                    6PHM 
_atom_sites.Cartn_transf_matrix[1][1]   ? 
_atom_sites.Cartn_transf_matrix[1][2]   ? 
_atom_sites.Cartn_transf_matrix[1][3]   ? 
_atom_sites.Cartn_transf_matrix[2][1]   ? 
_atom_sites.Cartn_transf_matrix[2][2]   ? 
_atom_sites.Cartn_transf_matrix[2][3]   ? 
_atom_sites.Cartn_transf_matrix[3][1]   ? 
_atom_sites.Cartn_transf_matrix[3][2]   ? 
_atom_sites.Cartn_transf_matrix[3][3]   ? 
_atom_sites.Cartn_transf_vector[1]      ? 
_atom_sites.Cartn_transf_vector[2]      ? 
_atom_sites.Cartn_transf_vector[3]      ? 
_atom_sites.fract_transf_matrix[1][1]   0.00622901 
_atom_sites.fract_transf_matrix[1][2]   0.02180142 
_atom_sites.fract_transf_matrix[1][3]   -0.00655377 
_atom_sites.fract_transf_matrix[2][1]   -0.01866684 
_atom_sites.fract_transf_matrix[2][2]   0.00878067 
_atom_sites.fract_transf_matrix[2][3]   0.01146749 
_atom_sites.fract_transf_matrix[3][1]   0.01921058 
_atom_sites.fract_transf_matrix[3][2]   0.00317978 
_atom_sites.fract_transf_matrix[3][3]   0.02883634 
_atom_sites.fract_transf_vector[1]      0.011523 
_atom_sites.fract_transf_vector[2]      0.181326 
_atom_sites.fract_transf_vector[3]      0.238468 
_atom_sites.solution_primary            ? 
_atom_sites.solution_secondary          ? 
_atom_sites.solution_hydrogens          ? 
_atom_sites.special_details             ? 
# 
loop_
_atom_type.symbol 
C 
H 
N 
O 
S 
# 
loop_
_atom_site.group_PDB 
_atom_site.id 
_atom_site.type_symbol 
_atom_site.label_atom_id 
_atom_site.label_alt_id 
_atom_site.label_comp_id 
_atom_site.label_asym_id 
_atom_site.label_entity_id 
_atom_site.label_seq_id 
_atom_site.pdbx_PDB_ins_code 
_atom_site.Cartn_x 
_atom_site.Cartn_y 
_atom_site.Cartn_z 
_atom_site.occupancy 
_atom_site.B_iso_or_equiv 
_atom_site.pdbx_formal_charge 
_atom_site.auth_seq_id 
_atom_site.auth_comp_id 
_atom_site.auth_asym_id 
_atom_site.auth_atom_id 
_atom_site.pdbx_PDB_model_num 
HETATM 1   N N    . DSN A 1 2  ? -21.525 -4.087 1.035   1.00 40.16 ? 2   DSN A N    1 
HETATM 2   C CA   . DSN A 1 2  ? -20.156 -4.364 0.581   1.00 39.63 ? 2   DSN A CA   1 
HETATM 3   C C    . DSN A 1 2  ? -19.093 -3.744 1.485   1.00 39.22 ? 2   DSN A C    1 
HETATM 4   O O    . DSN A 1 2  ? -19.344 -3.439 2.656   1.00 40.42 ? 2   DSN A O    1 
HETATM 5   C CB   . DSN A 1 2  ? -19.941 -5.866 0.493   1.00 40.07 ? 2   DSN A CB   1 
HETATM 6   O OG   . DSN A 1 2  ? -20.982 -6.418 -0.267  1.00 39.92 ? 2   DSN A OG   1 
HETATM 7   H HA   . DSN A 1 2  ? -20.042 -3.967 -0.296  1.00 47.64 ? 2   DSN A HA   1 
HETATM 8   H HB2  . DSN A 1 2  ? -19.951 -6.249 1.384   1.00 48.17 ? 2   DSN A HB2  1 
HETATM 9   H HB3  . DSN A 1 2  ? -19.092 -6.049 0.062   1.00 48.17 ? 2   DSN A HB3  1 
HETATM 10  H HG   . DSN A 1 2  ? -21.665 -5.929 -0.243  1.00 48.00 ? 2   DSN A HG   1 
HETATM 11  N N    . DGN A 1 3  ? -17.896 -3.541 0.947   1.00 37.49 ? 3   DGN A N    1 
HETATM 12  C CA   . DGN A 1 3  ? -16.822 -3.014 1.773   1.00 37.19 ? 3   DGN A CA   1 
HETATM 13  C C    . DGN A 1 3  ? -16.542 -4.011 2.905   1.00 33.28 ? 3   DGN A C    1 
HETATM 14  O O    . DGN A 1 3  ? -16.413 -5.215 2.659   1.00 32.56 ? 3   DGN A O    1 
HETATM 15  C CB   . DGN A 1 3  ? -15.570 -2.747 0.949   1.00 41.08 ? 3   DGN A CB   1 
HETATM 16  C CG   . DGN A 1 3  ? -15.772 -1.706 -0.147  1.00 44.54 ? 3   DGN A CG   1 
HETATM 17  C CD   . DGN A 1 3  ? -14.613 -1.700 -1.151  1.00 47.45 ? 3   DGN A CD   1 
HETATM 18  O OE1  . DGN A 1 3  ? -14.828 -1.709 -2.392  1.00 48.46 ? 3   DGN A OE1  1 
HETATM 19  N NE2  . DGN A 1 3  ? -13.367 -1.703 -0.623  1.00 47.77 ? 3   DGN A NE2  1 
HETATM 20  H H    . DGN A 1 3  ? -17.688 -3.698 0.127   1.00 45.07 ? 3   DGN A H    1 
HETATM 21  H HA   . DGN A 1 3  ? -17.076 -2.160 2.155   1.00 44.72 ? 3   DGN A HA   1 
HETATM 22  H HB2  . DGN A 1 3  ? -15.292 -3.574 0.526   1.00 49.38 ? 3   DGN A HB2  1 
HETATM 23  H HB3  . DGN A 1 3  ? -14.870 -2.425 1.539   1.00 49.38 ? 3   DGN A HB3  1 
HETATM 24  H HG2  . DGN A 1 3  ? -15.829 -0.826 0.255   1.00 53.54 ? 3   DGN A HG2  1 
HETATM 25  H HG3  . DGN A 1 3  ? -16.590 -1.905 -0.628  1.00 53.54 ? 3   DGN A HG3  1 
HETATM 26  H HE21 . DGN A 1 3  ? -13.254 -1.699 0.231   1.00 57.42 ? 3   DGN A HE21 1 
HETATM 27  H HE22 . DGN A 1 3  ? -12.676 -1.699 -1.138  1.00 57.42 ? 3   DGN A HE22 1 
ATOM   28  N N    . GLY A 1 4  ? -16.469 -3.483 4.138   1.00 29.54 ? 4   GLY A N    1 
ATOM   29  C CA   . GLY A 1 4  ? -16.148 -4.249 5.332   1.00 25.64 ? 4   GLY A CA   1 
ATOM   30  C C    . GLY A 1 4  ? -14.662 -4.462 5.550   1.00 22.16 ? 4   GLY A C    1 
ATOM   31  O O    . GLY A 1 4  ? -13.849 -4.081 4.708   1.00 19.93 ? 4   GLY A O    1 
ATOM   32  H H    . GLY A 1 4  ? -16.608 -2.651 4.307   1.00 35.54 ? 4   GLY A H    1 
ATOM   33  H HA2  . GLY A 1 4  ? -16.500 -3.784 6.108   1.00 30.86 ? 4   GLY A HA2  1 
ATOM   34  H HA3  . GLY A 1 4  ? -16.569 -5.121 5.270   1.00 30.86 ? 4   GLY A HA3  1 
HETATM 35  N N    . DTH A 1 5  ? -14.328 -5.093 6.681   1.00 21.87 ? 5   DTH A N    1 
HETATM 36  C CA   . DTH A 1 5  ? -12.938 -5.393 7.025   1.00 21.24 ? 5   DTH A CA   1 
HETATM 37  C CB   . DTH A 1 5  ? -12.840 -6.282 8.288   1.00 25.43 ? 5   DTH A CB   1 
HETATM 38  C CG2  . DTH A 1 5  ? -13.517 -5.622 9.457   1.00 26.96 ? 5   DTH A CG2  1 
HETATM 39  O OG1  . DTH A 1 5  ? -11.469 -6.484 8.658   1.00 29.11 ? 5   DTH A OG1  1 
HETATM 40  C C    . DTH A 1 5  ? -12.104 -4.142 7.264   1.00 18.04 ? 5   DTH A C    1 
HETATM 41  O O    . DTH A 1 5  ? -10.976 -4.078 6.818   1.00 17.80 ? 5   DTH A O    1 
HETATM 42  H H    . DTH A 1 5  ? -14.896 -5.359 7.269   1.00 26.34 ? 5   DTH A H    1 
HETATM 43  H HA   . DTH A 1 5  ? -12.550 -5.864 6.272   1.00 25.57 ? 5   DTH A HA   1 
HETATM 44  H HB   . DTH A 1 5  ? -13.267 -7.130 8.091   1.00 30.61 ? 5   DTH A HB   1 
HETATM 45  H HG21 . DTH A 1 5  ? -12.874 -5.101 9.963   1.00 32.44 ? 5   DTH A HG21 1 
HETATM 46  H HG22 . DTH A 1 5  ? -13.906 -6.294 10.038  1.00 32.44 ? 5   DTH A HG22 1 
HETATM 47  H HG23 . DTH A 1 5  ? -14.221 -5.033 9.143   1.00 32.44 ? 5   DTH A HG23 1 
HETATM 48  H HG1  . DTH A 1 5  ? -11.341 -7.291 8.868   1.00 35.02 ? 5   DTH A HG1  1 
HETATM 49  N N    . DPN A 1 6  ? -12.663 -3.138 7.951   1.00 15.14 ? 6   DPN A N    1 
HETATM 50  C CA   . DPN A 1 6  ? -11.886 -1.929 8.185   1.00 13.06 ? 6   DPN A CA   1 
HETATM 51  C C    . DPN A 1 6  ? -11.463 -1.307 6.861   1.00 11.80 ? 6   DPN A C    1 
HETATM 52  O O    . DPN A 1 6  ? -10.313 -0.998 6.644   1.00 11.91 ? 6   DPN A O    1 
HETATM 53  C CB   . DPN A 1 6  ? -12.708 -0.932 9.004   1.00 12.90 ? 6   DPN A CB   1 
HETATM 54  C CG   . DPN A 1 6  ? -11.949 0.299  9.417   1.00 12.62 ? 6   DPN A CG   1 
HETATM 55  C CD1  . DPN A 1 6  ? -11.993 1.458  8.671   1.00 13.93 ? 6   DPN A CD1  1 
HETATM 56  C CD2  . DPN A 1 6  ? -11.201 0.319  10.552  1.00 13.11 ? 6   DPN A CD2  1 
HETATM 57  C CE1  . DPN A 1 6  ? -11.283 2.608  9.088   1.00 14.57 ? 6   DPN A CE1  1 
HETATM 58  C CE2  . DPN A 1 6  ? -10.564 1.432  10.950  1.00 12.98 ? 6   DPN A CE2  1 
HETATM 59  C CZ   . DPN A 1 6  ? -10.582 2.591  10.212  1.00 13.57 ? 6   DPN A CZ   1 
HETATM 60  H H    . DPN A 1 6  ? -13.458 -3.138 8.277   1.00 18.26 ? 6   DPN A H    1 
HETATM 61  H HA   . DPN A 1 6  ? -11.083 -2.142 8.686   1.00 15.77 ? 6   DPN A HA   1 
HETATM 62  H HB2  . DPN A 1 6  ? -13.016 -1.374 9.811   1.00 15.57 ? 6   DPN A HB2  1 
HETATM 63  H HB3  . DPN A 1 6  ? -13.467 -0.645 8.472   1.00 15.57 ? 6   DPN A HB3  1 
HETATM 64  H HD1  . DPN A 1 6  ? -12.494 1.483  7.887   1.00 16.81 ? 6   DPN A HD1  1 
HETATM 65  H HD2  . DPN A 1 6  ? -11.127 -0.454 11.063  1.00 15.83 ? 6   DPN A HD2  1 
HETATM 66  H HE1  . DPN A 1 6  ? -11.309 3.380  8.570   1.00 17.57 ? 6   DPN A HE1  1 
HETATM 67  H HE2  . DPN A 1 6  ? -10.095 1.418  11.755  1.00 15.67 ? 6   DPN A HE2  1 
HETATM 68  H HZ   . DPN A 1 6  ? -10.114 3.344  10.494  1.00 16.38 ? 6   DPN A HZ   1 
HETATM 69  N N    . DTH A 1 7  ? -12.414 -1.075 5.971   1.00 13.09 ? 7   DTH A N    1 
HETATM 70  C CA   . DTH A 1 7  ? -12.110 -0.460 4.693   1.00 14.62 ? 7   DTH A CA   1 
HETATM 71  C CB   . DTH A 1 7  ? -13.419 -0.163 3.934   1.00 18.34 ? 7   DTH A CB   1 
HETATM 72  C CG2  . DTH A 1 7  ? -13.143 0.423  2.596   1.00 20.27 ? 7   DTH A CG2  1 
HETATM 73  O OG1  . DTH A 1 7  ? -14.178 0.797  4.680   1.00 21.08 ? 7   DTH A OG1  1 
HETATM 74  C C    . DTH A 1 7  ? -11.198 -1.315 3.859   1.00 12.73 ? 7   DTH A C    1 
HETATM 75  O O    . DTH A 1 7  ? -10.291 -0.819 3.217   1.00 12.28 ? 7   DTH A O    1 
HETATM 76  H H    . DTH A 1 7  ? -13.245 -1.267 6.085   1.00 15.80 ? 7   DTH A H    1 
HETATM 77  H HA   . DTH A 1 7  ? -11.634 0.374  4.830   1.00 17.63 ? 7   DTH A HA   1 
HETATM 78  H HB   . DTH A 1 7  ? -13.913 -0.989 3.819   1.00 22.09 ? 7   DTH A HB   1 
HETATM 79  H HG21 . DTH A 1 7  ? -13.937 0.866  2.257   1.00 24.41 ? 7   DTH A HG21 1 
HETATM 80  H HG22 . DTH A 1 7  ? -12.882 -0.275 1.975   1.00 24.41 ? 7   DTH A HG22 1 
HETATM 81  H HG23 . DTH A 1 7  ? -12.426 1.072  2.659   1.00 24.41 ? 7   DTH A HG23 1 
HETATM 82  H HG1  . DTH A 1 7  ? -14.520 0.433  5.365   1.00 25.39 ? 7   DTH A HG1  1 
HETATM 83  N N    A DSN A 1 8  ? -11.397 -2.623 3.857   0.28 13.25 ? 8   DSN A N    1 
HETATM 84  N N    B DSN A 1 8  ? -11.414 -2.612 3.855   0.72 12.72 ? 8   DSN A N    1 
HETATM 85  C CA   A DSN A 1 8  ? -10.567 -3.476 3.018   0.28 13.97 ? 8   DSN A CA   1 
HETATM 86  C CA   B DSN A 1 8  ? -10.600 -3.489 3.051   0.72 13.07 ? 8   DSN A CA   1 
HETATM 87  C C    A DSN A 1 8  ? -9.152  -3.576 3.594   0.28 12.99 ? 8   DSN A C    1 
HETATM 88  C C    B DSN A 1 8  ? -9.182  -3.542 3.600   0.72 11.83 ? 8   DSN A C    1 
HETATM 89  O O    A DSN A 1 8  ? -8.173  -3.650 2.842   0.28 13.40 ? 8   DSN A O    1 
HETATM 90  O O    B DSN A 1 8  ? -8.216  -3.573 2.830   0.72 12.54 ? 8   DSN A O    1 
HETATM 91  C CB   A DSN A 1 8  ? -11.168 -4.865 2.882   0.28 15.37 ? 8   DSN A CB   1 
HETATM 92  C CB   B DSN A 1 8  ? -11.225 -4.876 3.036   0.72 14.19 ? 8   DSN A CB   1 
HETATM 93  O OG   A DSN A 1 8  ? -11.651 -5.308 4.133   0.28 16.87 ? 8   DSN A OG   1 
HETATM 94  O OG   B DSN A 1 8  ? -12.439 -4.849 2.317   0.72 15.80 ? 8   DSN A OG   1 
HETATM 95  H H    A DSN A 1 8  ? -11.994 -3.034 4.323   0.28 15.99 ? 8   DSN A H    1 
HETATM 96  H H    B DSN A 1 8  ? -12.027 -3.008 4.311   0.72 15.36 ? 8   DSN A H    1 
HETATM 97  H HA   A DSN A 1 8  ? -10.517 -3.089 2.130   0.28 16.85 ? 8   DSN A HA   1 
HETATM 98  H HA   B DSN A 1 8  ? -10.551 -3.168 2.137   0.72 15.77 ? 8   DSN A HA   1 
HETATM 99  H HB2  A DSN A 1 8  ? -10.485 -5.479 2.568   0.28 18.54 ? 8   DSN A HB2  1 
HETATM 100 H HB2  B DSN A 1 8  ? -11.401 -5.156 3.949   0.72 17.11 ? 8   DSN A HB2  1 
HETATM 101 H HB3  A DSN A 1 8  ? -11.903 -4.834 2.249   0.28 18.54 ? 8   DSN A HB3  1 
HETATM 102 H HB3  B DSN A 1 8  ? -10.615 -5.497 2.610   0.72 17.11 ? 8   DSN A HB3  1 
HETATM 103 H HG   A DSN A 1 8  ? -12.420 -4.997 4.277   0.28 20.33 ? 8   DSN A HG   1 
HETATM 104 H HG   B DSN A 1 8  ? -13.015 -4.383 2.729   0.72 19.05 ? 8   DSN A HG   1 
HETATM 105 N N    . DAS A 1 9  ? -9.031  -3.612 4.923   1.00 12.33 ? 9   DAS A N    1 
HETATM 106 C CA   . DAS A 1 9  ? -7.708  -3.607 5.559   1.00 11.21 ? 9   DAS A CA   1 
HETATM 107 C C    . DAS A 1 9  ? -6.993  -2.272 5.361   1.00 10.53 ? 9   DAS A C    1 
HETATM 108 O O    . DAS A 1 9  ? -5.815  -2.259 5.124   1.00 10.67 ? 9   DAS A O    1 
HETATM 109 C CB   . DAS A 1 9  ? -7.766  -3.958 7.034   1.00 12.79 ? 9   DAS A CB   1 
HETATM 110 C CG   . DAS A 1 9  ? -8.117  -5.425 7.255   1.00 16.64 ? 9   DAS A CG   1 
HETATM 111 O OD1  . DAS A 1 9  ? -7.931  -6.260 6.327   1.00 18.93 ? 9   DAS A OD1  1 
HETATM 112 O OD2  . DAS A 1 9  ? -8.622  -5.807 8.349   1.00 18.73 ? 9   DAS A OD2  1 
HETATM 113 H H    . DAS A 1 9  ? -9.683  -3.667 5.480   1.00 14.88 ? 9   DAS A H    1 
HETATM 114 H HA   . DAS A 1 9  ? -7.182  -4.300 5.129   1.00 13.54 ? 9   DAS A HA   1 
HETATM 115 H HB2  . DAS A 1 9  ? -8.445  -3.416 7.465   1.00 15.44 ? 9   DAS A HB2  1 
HETATM 116 H HB3  . DAS A 1 9  ? -6.901  -3.789 7.438   1.00 15.44 ? 9   DAS A HB3  1 
HETATM 117 N N    . DTY A 1 10 ? -7.743  -1.168 5.407   1.00 9.77  ? 10  DTY A N    1 
HETATM 118 C CA   . DTY A 1 10 ? -7.181  0.109  5.132   1.00 9.76  ? 10  DTY A CA   1 
HETATM 119 C C    . DTY A 1 10 ? -6.665  0.123  3.691   1.00 9.74  ? 10  DTY A C    1 
HETATM 120 O O    . DTY A 1 10 ? -5.596  0.651  3.415   1.00 9.75  ? 10  DTY A O    1 
HETATM 121 C CB   . DTY A 1 10 ? -8.197  1.234  5.377   1.00 10.43 ? 10  DTY A CB   1 
HETATM 122 C CG   . DTY A 1 10 ? -7.591  2.617  5.150   1.00 11.21 ? 10  DTY A CG   1 
HETATM 123 C CD1  . DTY A 1 10 ? -6.606  3.117  5.974   1.00 13.27 ? 10  DTY A CD1  1 
HETATM 124 C CD2  . DTY A 1 10 ? -7.979  3.395  4.085   1.00 13.56 ? 10  DTY A CD2  1 
HETATM 125 C CE1  . DTY A 1 10 ? -6.040  4.392  5.781   1.00 14.56 ? 10  DTY A CE1  1 
HETATM 126 C CE2  . DTY A 1 10 ? -7.425  4.650  3.883   1.00 15.44 ? 10  DTY A CE2  1 
HETATM 127 C CZ   . DTY A 1 10 ? -6.438  5.107  4.728   1.00 15.09 ? 10  DTY A CZ   1 
HETATM 128 O OH   . DTY A 1 10 ? -5.864  6.333  4.514   1.00 17.55 ? 10  DTY A OH   1 
HETATM 129 H H    . DTY A 1 10 ? -8.581  -1.155 5.599   1.00 11.81 ? 10  DTY A H    1 
HETATM 130 H HA   . DTY A 1 10 ? -6.440  0.289  5.732   1.00 11.80 ? 10  DTY A HA   1 
HETATM 131 H HB2  . DTY A 1 10 ? -8.507  1.187  6.295   1.00 12.61 ? 10  DTY A HB2  1 
HETATM 132 H HB3  . DTY A 1 10 ? -8.943  1.127  4.767   1.00 12.61 ? 10  DTY A HB3  1 
HETATM 133 H HD1  . DTY A 1 10 ? -6.304  2.594  6.681   1.00 16.02 ? 10  DTY A HD1  1 
HETATM 134 H HD2  . DTY A 1 10 ? -8.621  3.075  3.493   1.00 16.37 ? 10  DTY A HD2  1 
HETATM 135 H HE1  . DTY A 1 10 ? -5.406  4.728  6.372   1.00 17.56 ? 10  DTY A HE1  1 
HETATM 136 H HE2  . DTY A 1 10 ? -7.720  5.181  3.180   1.00 18.61 ? 10  DTY A HE2  1 
HETATM 137 H HH   . DTY A 1 10 ? -6.341  6.812  4.011   1.00 21.15 ? 10  DTY A HH   1 
HETATM 138 N N    A DSN A 1 11 ? -7.397  -0.492 2.777   0.31 10.20 ? 11  DSN A N    1 
HETATM 139 N N    B DSN A 1 11 ? -7.415  -0.435 2.768   0.69 10.96 ? 11  DSN A N    1 
HETATM 140 C CA   A DSN A 1 11 ? -6.956  -0.517 1.388   0.31 10.61 ? 11  DSN A CA   1 
HETATM 141 C CA   B DSN A 1 11 ? -6.969  -0.540 1.373   0.69 12.21 ? 11  DSN A CA   1 
HETATM 142 C C    A DSN A 1 11 ? -5.688  -1.338 1.202   0.31 9.39  ? 11  DSN A C    1 
HETATM 143 C C    B DSN A 1 11 ? -5.637  -1.291 1.289   0.69 9.87  ? 11  DSN A C    1 
HETATM 144 O O    A DSN A 1 11 ? -4.923  -1.055 0.304   0.31 8.89  ? 11  DSN A O    1 
HETATM 145 O O    B DSN A 1 11 ? -4.728  -0.889 0.595   0.69 10.53 ? 11  DSN A O    1 
HETATM 146 C CB   A DSN A 1 11 ? -8.037  -1.091 0.465   0.31 11.75 ? 11  DSN A CB   1 
HETATM 147 C CB   B DSN A 1 11 ? -8.096  -1.216 0.569   0.69 14.71 ? 11  DSN A CB   1 
HETATM 148 O OG   A DSN A 1 11 ? -8.953  -0.108 0.059   0.31 12.30 ? 11  DSN A OG   1 
HETATM 149 O OG   B DSN A 1 11 ? -7.855  -1.141 -0.803  0.69 16.04 ? 11  DSN A OG   1 
HETATM 150 H H    A DSN A 1 11 ? -8.141  -0.897 2.930   0.31 12.33 ? 11  DSN A H    1 
HETATM 151 H H    B DSN A 1 11 ? -8.194  -0.768 2.914   0.69 13.24 ? 11  DSN A H    1 
HETATM 152 H HA   A DSN A 1 11 ? -6.776  0.401  1.133   0.31 12.82 ? 11  DSN A HA   1 
HETATM 153 H HA   B DSN A 1 11 ? -6.802  0.329  0.974   0.69 14.75 ? 11  DSN A HA   1 
HETATM 154 H HB2  A DSN A 1 11 ? -8.517  -1.786 0.942   0.31 14.18 ? 11  DSN A HB2  1 
HETATM 155 H HB2  B DSN A 1 11 ? -8.934  -0.770 0.765   0.69 17.74 ? 11  DSN A HB2  1 
HETATM 156 H HB3  A DSN A 1 11 ? -7.610  -1.464 -0.322  0.31 14.18 ? 11  DSN A HB3  1 
HETATM 157 H HB3  B DSN A 1 11 ? -8.149  -2.150 0.828   0.69 17.74 ? 11  DSN A HB3  1 
HETATM 158 H HG   A DSN A 1 11 ? -9.402  0.152  0.722   0.31 14.85 ? 11  DSN A HG   1 
HETATM 159 H HG   B DSN A 1 11 ? -7.171  -1.598 -0.993  0.69 19.34 ? 11  DSN A HG   1 
HETATM 160 N N    . DLY A 1 12 ? -5.517  -2.405 1.982   1.00 9.73  ? 12  DLY A N    1 
HETATM 161 C CA   . DLY A 1 12 ? -4.250  -3.153 1.998   1.00 10.56 ? 12  DLY A CA   1 
HETATM 162 C C    . DLY A 1 12 ? -3.124  -2.360 2.565   1.00 9.47  ? 12  DLY A C    1 
HETATM 163 O O    . DLY A 1 12 ? -2.000  -2.422 2.043   1.00 9.63  ? 12  DLY A O    1 
HETATM 164 C CB   . DLY A 1 12 ? -4.425  -4.468 2.743   1.00 13.08 ? 12  DLY A CB   1 
HETATM 165 C CG   . DLY A 1 12 ? -5.297  -5.456 1.900   1.00 16.50 ? 12  DLY A CG   1 
HETATM 166 C CD   . DLY A 1 12 ? -5.687  -6.724 2.588   1.00 18.63 ? 12  DLY A CD   1 
HETATM 167 C CE   . DLY A 1 12 ? -4.657  -7.782 2.458   1.00 19.73 ? 12  DLY A CE   1 
HETATM 168 N NZ   . DLY A 1 12 ? -5.147  -9.073 3.069   1.00 19.49 ? 12  DLY A NZ   1 
HETATM 169 H H    . DLY A 1 12 ? -6.145  -2.758 2.452   1.00 11.76 ? 12  DLY A H    1 
HETATM 170 H HA   . DLY A 1 12 ? -4.001  -3.356 1.083   1.00 12.77 ? 12  DLY A HA   1 
HETATM 171 H HB2  . DLY A 1 12 ? -4.869  -4.306 3.590   1.00 15.78 ? 12  DLY A HB2  1 
HETATM 172 H HB3  . DLY A 1 12 ? -3.557  -4.873 2.897   1.00 15.78 ? 12  DLY A HB3  1 
HETATM 173 H HG2  . DLY A 1 12 ? -4.796  -5.702 1.106   1.00 19.89 ? 12  DLY A HG2  1 
HETATM 174 H HG3  . DLY A 1 12 ? -6.116  -5.002 1.649   1.00 19.89 ? 12  DLY A HG3  1 
HETATM 175 H HD2  . DLY A 1 12 ? -6.510  -7.057 2.197   1.00 22.44 ? 12  DLY A HD2  1 
HETATM 176 H HD3  . DLY A 1 12 ? -5.817  -6.546 3.532   1.00 22.44 ? 12  DLY A HD3  1 
HETATM 177 H HE2  . DLY A 1 12 ? -3.850  -7.508 2.920   1.00 23.77 ? 12  DLY A HE2  1 
HETATM 178 H HE3  . DLY A 1 12 ? -4.466  -7.937 1.520   1.00 23.77 ? 12  DLY A HE3  1 
HETATM 179 H HZ1  . DLY A 1 12 ? -4.551  -9.719 2.933   1.00 23.47 ? 12  DLY A HZ1  1 
HETATM 180 H HZ2  . DLY A 1 12 ? -5.921  -9.310 2.700   1.00 23.47 ? 12  DLY A HZ2  1 
HETATM 181 H HZ3  . DLY A 1 12 ? -5.265  -8.968 3.945   1.00 23.47 ? 12  DLY A HZ3  1 
HETATM 182 N N    . DTY A 1 13 ? -3.370  -1.554 3.605   1.00 8.96  ? 13  DTY A N    1 
HETATM 183 C CA   . DTY A 1 13 ? -2.388  -0.599 4.090   1.00 8.87  ? 13  DTY A CA   1 
HETATM 184 C C    . DTY A 1 13 ? -2.000  0.383  2.997   1.00 8.79  ? 13  DTY A C    1 
HETATM 185 O O    . DTY A 1 13 ? -0.822  0.643  2.803   1.00 8.62  ? 13  DTY A O    1 
HETATM 186 C CB   . DTY A 1 13 ? -2.916  0.071  5.338   1.00 8.60  ? 13  DTY A CB   1 
HETATM 187 C CG   . DTY A 1 13 ? -2.184  1.302  5.698   1.00 10.55 ? 13  DTY A CG   1 
HETATM 188 C CD1  . DTY A 1 13 ? -0.929  1.293  6.217   1.00 13.85 ? 13  DTY A CD1  1 
HETATM 189 C CD2  . DTY A 1 13 ? -2.799  2.513  5.554   1.00 13.05 ? 13  DTY A CD2  1 
HETATM 190 C CE1  . DTY A 1 13 ? -0.272  2.484  6.516   1.00 17.01 ? 13  DTY A CE1  1 
HETATM 191 C CE2  . DTY A 1 13 ? -2.149  3.688  5.808   1.00 16.37 ? 13  DTY A CE2  1 
HETATM 192 C CZ   . DTY A 1 13 ? -0.929  3.662  6.332   1.00 17.58 ? 13  DTY A CZ   1 
HETATM 193 O OH   . DTY A 1 13 ? -0.322  4.829  6.611   1.00 20.22 ? 13  DTY A OH   1 
HETATM 194 H H    . DTY A 1 13 ? -4.108  -1.548 4.047   1.00 10.85 ? 13  DTY A H    1 
HETATM 195 H HA   . DTY A 1 13 ? -1.563  -1.042 4.342   1.00 10.73 ? 13  DTY A HA   1 
HETATM 196 H HB2  . DTY A 1 13 ? -2.841  -0.549 6.081   1.00 10.40 ? 13  DTY A HB2  1 
HETATM 197 H HB3  . DTY A 1 13 ? -3.846  0.307  5.198   1.00 10.40 ? 13  DTY A HB3  1 
HETATM 198 H HD1  . DTY A 1 13 ? -0.502  0.481  6.374   1.00 16.71 ? 13  DTY A HD1  1 
HETATM 199 H HD2  . DTY A 1 13 ? -3.686  2.539  5.276   1.00 15.75 ? 13  DTY A HD2  1 
HETATM 200 H HE1  . DTY A 1 13 ? 0.602   2.475  6.836   1.00 20.50 ? 13  DTY A HE1  1 
HETATM 201 H HE2  . DTY A 1 13 ? -2.557  4.501  5.613   1.00 19.73 ? 13  DTY A HE2  1 
HETATM 202 H HH   . DTY A 1 13 ? -0.660  5.430  6.158   1.00 24.35 ? 13  DTY A HH   1 
HETATM 203 N N    . DLE A 1 14 ? -2.971  0.945  2.281   1.00 8.99  ? 14  DLE A N    1 
HETATM 204 C CA   . DLE A 1 14 ? -2.646  1.874  1.201   1.00 9.58  ? 14  DLE A CA   1 
HETATM 205 C CB   . DLE A 1 14 ? -3.906  2.478  0.592   1.00 11.27 ? 14  DLE A CB   1 
HETATM 206 C CG   . DLE A 1 14 ? -4.673  3.428  1.499   1.00 13.25 ? 14  DLE A CG   1 
HETATM 207 C CD1  . DLE A 1 14 ? -5.900  3.935  0.770   1.00 15.75 ? 14  DLE A CD1  1 
HETATM 208 C CD2  . DLE A 1 14 ? -3.848  4.543  1.980   1.00 15.09 ? 14  DLE A CD2  1 
HETATM 209 C C    . DLE A 1 14 ? -1.836  1.173  0.107   1.00 9.22  ? 14  DLE A C    1 
HETATM 210 O O    . DLE A 1 14 ? -0.870  1.754  -0.448  1.00 10.03 ? 14  DLE A O    1 
HETATM 211 H H    . DLE A 1 14 ? -3.811  0.806  2.399   1.00 10.87 ? 14  DLE A H    1 
HETATM 212 H HA   . DLE A 1 14 ? -2.117  2.600  1.568   1.00 11.59 ? 14  DLE A HA   1 
HETATM 213 H HB2  . DLE A 1 14 ? -4.507  1.754  0.354   1.00 13.61 ? 14  DLE A HB2  1 
HETATM 214 H HB3  . DLE A 1 14 ? -3.654  2.975  -0.202  1.00 13.61 ? 14  DLE A HB3  1 
HETATM 215 H HG   . DLE A 1 14 ? -4.947  2.941  2.292   1.00 15.99 ? 14  DLE A HG   1 
HETATM 216 H HD11 . DLE A 1 14 ? -6.608  4.091  1.414   1.00 18.99 ? 14  DLE A HD11 1 
HETATM 217 H HD12 . DLE A 1 14 ? -6.182  3.269  0.124   1.00 18.99 ? 14  DLE A HD12 1 
HETATM 218 H HD13 . DLE A 1 14 ? -5.677  4.763  0.316   1.00 18.99 ? 14  DLE A HD13 1 
HETATM 219 H HD21 . DLE A 1 14 ? -4.403  5.333  2.061   1.00 18.19 ? 14  DLE A HD21 1 
HETATM 220 H HD22 . DLE A 1 14 ? -3.133  4.704  1.345   1.00 18.19 ? 14  DLE A HD22 1 
HETATM 221 H HD23 . DLE A 1 14 ? -3.476  4.310  2.845   1.00 18.19 ? 14  DLE A HD23 1 
HETATM 222 N N    . DAS A 1 15 ? -2.151  -0.090 -0.180  1.00 9.31  ? 15  DAS A N    1 
HETATM 223 C CA   . DAS A 1 15 ? -1.397  -0.861 -1.168  1.00 9.53  ? 15  DAS A CA   1 
HETATM 224 C C    . DAS A 1 15 ? 0.030   -1.026 -0.698  1.00 8.07  ? 15  DAS A C    1 
HETATM 225 O O    . DAS A 1 15 ? 0.954   -0.975 -1.495  1.00 8.64  ? 15  DAS A O    1 
HETATM 226 C CB   . DAS A 1 15 ? -1.951  -2.272 -1.311  1.00 11.83 ? 15  DAS A CB   1 
HETATM 227 C CG   . DAS A 1 15 ? -3.281  -2.383 -1.993  1.00 14.16 ? 15  DAS A CG   1 
HETATM 228 O OD1  . DAS A 1 15 ? -3.752  -1.460 -2.670  1.00 15.26 ? 15  DAS A OD1  1 
HETATM 229 O OD2  . DAS A 1 15 ? -3.841  -3.513 -1.782  1.00 17.89 ? 15  DAS A OD2  1 
HETATM 230 H H    . DAS A 1 15 ? -2.799  -0.524 0.184   1.00 11.26 ? 15  DAS A H    1 
HETATM 231 H HA   . DAS A 1 15 ? -1.453  -0.395 -2.017  1.00 11.53 ? 15  DAS A HA   1 
HETATM 232 H HB2  . DAS A 1 15 ? -2.050  -2.652 -0.424  1.00 14.29 ? 15  DAS A HB2  1 
HETATM 233 H HB3  . DAS A 1 15 ? -1.319  -2.797 -1.828  1.00 14.29 ? 15  DAS A HB3  1 
HETATM 234 N N    A DSN A 1 16 ? 0.192   -1.277 0.597   0.38 8.42  ? 16  DSN A N    1 
HETATM 235 N N    B DSN A 1 16 ? 0.215   -1.215 0.610   0.16 8.21  ? 16  DSN A N    1 
HETATM 236 N N    C DSN A 1 16 ? 0.248   -1.201 0.578   0.46 8.59  ? 16  DSN A N    1 
HETATM 237 C CA   A DSN A 1 16 ? 1.510   -1.417 1.219   0.38 8.74  ? 16  DSN A CA   1 
HETATM 238 C CA   B DSN A 1 16 ? 1.542   -1.414 1.213   0.16 8.33  ? 16  DSN A CA   1 
HETATM 239 C CA   C DSN A 1 16 ? 1.590   -1.407 1.096   0.46 9.36  ? 16  DSN A CA   1 
HETATM 240 C C    A DSN A 1 16 ? 2.313   -0.140 0.967   0.38 7.86  ? 16  DSN A C    1 
HETATM 241 C C    B DSN A 1 16 ? 2.384   -0.136 1.151   0.16 8.86  ? 16  DSN A C    1 
HETATM 242 C C    C DSN A 1 16 ? 2.412   -0.113 1.120   0.46 9.12  ? 16  DSN A C    1 
HETATM 243 O O    A DSN A 1 16 ? 3.416   -0.168 0.454   0.38 6.45  ? 16  DSN A O    1 
HETATM 244 O O    B DSN A 1 16 ? 3.602   -0.171 0.953   0.16 8.90  ? 16  DSN A O    1 
HETATM 245 O O    C DSN A 1 16 ? 3.643   -0.097 0.930   0.46 8.87  ? 16  DSN A O    1 
HETATM 246 C CB   A DSN A 1 16 ? 1.422   -1.684 2.722   0.38 9.85  ? 16  DSN A CB   1 
HETATM 247 C CB   B DSN A 1 16 ? 1.420   -1.891 2.676   0.16 7.71  ? 16  DSN A CB   1 
HETATM 248 C CB   C DSN A 1 16 ? 1.439   -1.966 2.499   0.46 9.94  ? 16  DSN A CB   1 
HETATM 249 O OG   A DSN A 1 16 ? 0.836   -2.954 2.949   0.38 11.24 ? 16  DSN A OG   1 
HETATM 250 O OG   B DSN A 1 16 ? 1.341   -0.813 3.598   0.16 6.84  ? 16  DSN A OG   1 
HETATM 251 O OG   C DSN A 1 16 ? 2.666   -2.018 3.157   0.46 10.34 ? 16  DSN A OG   1 
HETATM 252 H H    A DSN A 1 16 ? -0.460  -1.371 1.151   0.38 10.20 ? 16  DSN A H    1 
HETATM 253 H H    B DSN A 1 16 ? -0.424  -1.234 1.186   0.16 9.94  ? 16  DSN A H    1 
HETATM 254 H H    C DSN A 1 16 ? -0.367  -1.206 1.180   0.46 10.40 ? 16  DSN A H    1 
HETATM 255 H HA   A DSN A 1 16 ? 1.960   -2.185 0.835   0.38 10.58 ? 16  DSN A HA   1 
HETATM 256 H HA   B DSN A 1 16 ? 2.005   -2.103 0.711   0.16 10.08 ? 16  DSN A HA   1 
HETATM 257 H HA   C DSN A 1 16 ? 2.084   -2.020 0.530   0.46 11.32 ? 16  DSN A HA   1 
HETATM 258 H HB2  A DSN A 1 16 ? 0.875   -1.000 3.137   0.38 11.91 ? 16  DSN A HB2  1 
HETATM 259 H HB2  B DSN A 1 16 ? 2.200   -2.426 2.893   0.16 9.34  ? 16  DSN A HB2  1 
HETATM 260 H HB2  C DSN A 1 16 ? 1.075   -2.863 2.442   0.46 12.02 ? 16  DSN A HB2  1 
HETATM 261 H HB3  A DSN A 1 16 ? 2.315   -1.671 3.101   0.38 11.91 ? 16  DSN A HB3  1 
HETATM 262 H HB3  B DSN A 1 16 ? 0.616   -2.428 2.760   0.16 9.34  ? 16  DSN A HB3  1 
HETATM 263 H HB3  C DSN A 1 16 ? 0.837   -1.394 3.002   0.46 12.02 ? 16  DSN A HB3  1 
HETATM 264 H HG   A DSN A 1 16 ? 0.011   -2.911 2.800   0.38 13.58 ? 16  DSN A HG   1 
HETATM 265 H HG   B DSN A 1 16 ? 1.875   -0.927 4.234   0.16 8.30  ? 16  DSN A HG   1 
HETATM 266 H HG   C DSN A 1 16 ? 2.614   -2.475 3.858   0.46 12.50 ? 16  DSN A HG   1 
HETATM 267 N N    . DAR A 1 17 ? 1.714   1.001  1.305   1.00 9.52  ? 17  DAR A N    1 
HETATM 268 C CA   . DAR A 1 17 ? 2.384   2.289  1.172   1.00 10.37 ? 17  DAR A CA   1 
HETATM 269 C CB   . DAR A 1 17 ? 1.439   3.436  1.531   1.00 12.39 ? 17  DAR A CB   1 
HETATM 270 C CG   . DAR A 1 17 ? 1.103   3.597  2.949   1.00 16.31 ? 17  DAR A CG   1 
HETATM 271 C CD   . DAR A 1 17 ? 0.162   4.815  3.236   1.00 18.59 ? 17  DAR A CD   1 
HETATM 272 N NE   . DAR A 1 17 ? 0.728   6.091  2.822   1.00 21.85 ? 17  DAR A NE   1 
HETATM 273 C CZ   . DAR A 1 17 ? 1.425   6.889  3.597   1.00 24.62 ? 17  DAR A CZ   1 
HETATM 274 N NH1  . DAR A 1 17 ? 1.662   6.551  4.846   1.00 26.34 ? 17  DAR A NH1  1 
HETATM 275 N NH2  . DAR A 1 17 ? 1.886   8.023  3.105   1.00 25.39 ? 17  DAR A NH2  1 
HETATM 276 C C    . DAR A 1 17 ? 2.840   2.468  -0.268  1.00 8.66  ? 17  DAR A C    1 
HETATM 277 O O    . DAR A 1 17 ? 3.955   2.929  -0.535  1.00 9.51  ? 17  DAR A O    1 
HETATM 278 H H    . DAR A 1 17 ? 0.878   1.037  1.504   1.00 11.51 ? 17  DAR A H    1 
HETATM 279 H HA   . DAR A 1 17 ? 3.143   2.321  1.775   1.00 12.53 ? 17  DAR A HA   1 
HETATM 280 H HB2  . DAR A 1 17 ? 0.605   3.297  1.056   1.00 14.96 ? 17  DAR A HB2  1 
HETATM 281 H HB3  . DAR A 1 17 ? 1.851   4.266  1.242   1.00 14.96 ? 17  DAR A HB3  1 
HETATM 282 H HG2  . DAR A 1 17 ? 1.923   3.731  3.451   1.00 19.67 ? 17  DAR A HG2  1 
HETATM 283 H HG3  . DAR A 1 17 ? 0.652   2.795  3.257   1.00 19.67 ? 17  DAR A HG3  1 
HETATM 284 H HD2  . DAR A 1 17 ? -0.010  4.862  4.189   1.00 22.40 ? 17  DAR A HD2  1 
HETATM 285 H HD3  . DAR A 1 17 ? -0.671  4.689  2.754   1.00 22.40 ? 17  DAR A HD3  1 
HETATM 286 H HE   . DAR A 1 17 ? 0.595   6.341  2.010   1.00 26.30 ? 17  DAR A HE   1 
HETATM 287 H HH11 . DAR A 1 17 ? 1.358   5.811  5.170   1.00 31.70 ? 17  DAR A HH11 1 
HETATM 288 H HH12 . DAR A 1 17 ? 2.121   7.076  5.348   1.00 31.70 ? 17  DAR A HH12 1 
HETATM 289 H HH21 . DAR A 1 17 ? 1.733   8.228  2.283   1.00 30.56 ? 17  DAR A HH21 1 
HETATM 290 H HH22 . DAR A 1 17 ? 2.354   8.548  3.603   1.00 30.56 ? 17  DAR A HH22 1 
HETATM 291 N N    . DAR A 1 18 ? 1.992   2.134  -1.218  1.00 8.65  ? 18  DAR A N    1 
HETATM 292 C CA   . DAR A 1 18 ? 2.344   2.295  -2.619  1.00 8.53  ? 18  DAR A CA   1 
HETATM 293 C CB   . DAR A 1 18 ? 1.152   2.040  -3.497  1.00 10.41 ? 18  DAR A CB   1 
HETATM 294 C CG   . DAR A 1 18 ? 1.358   2.078  -4.944  1.00 12.66 ? 18  DAR A CG   1 
HETATM 295 C CD   . DAR A 1 18 ? 1.914   3.391  -5.401  1.00 15.19 ? 18  DAR A CD   1 
HETATM 296 N NE   . DAR A 1 18 ? 1.033   4.518  -5.156  1.00 16.94 ? 18  DAR A NE   1 
HETATM 297 C CZ   . DAR A 1 18 ? 0.121   4.941  -6.026  1.00 19.29 ? 18  DAR A CZ   1 
HETATM 298 N NH1  . DAR A 1 18 ? -0.637  5.977  -5.679  1.00 20.02 ? 18  DAR A NH1  1 
HETATM 299 N NH2  . DAR A 1 18 ? -0.055  4.350  -7.226  1.00 20.58 ? 18  DAR A NH2  1 
HETATM 300 C C    . DAR A 1 18 ? 3.470   1.354  -3.015  1.00 7.96  ? 18  DAR A C    1 
HETATM 301 O O    . DAR A 1 18 ? 4.430   1.747  -3.676  1.00 8.97  ? 18  DAR A O    1 
HETATM 302 H H    . DAR A 1 18 ? 1.207   1.811  -1.082  1.00 10.47 ? 18  DAR A H    1 
HETATM 303 H HA   . DAR A 1 18 ? 2.641   3.208  -2.758  1.00 10.33 ? 18  DAR A HA   1 
HETATM 304 H HB2  . DAR A 1 18 ? 0.483   2.712  -3.293  1.00 12.59 ? 18  DAR A HB2  1 
HETATM 305 H HB3  . DAR A 1 18 ? 0.811   1.157  -3.286  1.00 12.59 ? 18  DAR A HB3  1 
HETATM 306 H HG2  . DAR A 1 18 ? 0.509   1.937  -5.391  1.00 15.29 ? 18  DAR A HG2  1 
HETATM 307 H HG3  . DAR A 1 18 ? 1.984   1.381  -5.195  1.00 15.29 ? 18  DAR A HG3  1 
HETATM 308 H HD2  . DAR A 1 18 ? 2.076   3.346  -6.356  1.00 18.32 ? 18  DAR A HD2  1 
HETATM 309 H HD3  . DAR A 1 18 ? 2.746   3.558  -4.931  1.00 18.32 ? 18  DAR A HD3  1 
HETATM 310 H HE   . DAR A 1 18 ? 1.106   4.935  -4.407  1.00 20.42 ? 18  DAR A HE   1 
HETATM 311 H HH11 . DAR A 1 18 ? -0.513  6.353  -4.915  1.00 24.12 ? 18  DAR A HH11 1 
HETATM 312 H HH12 . DAR A 1 18 ? -1.229  6.279  -6.223  1.00 24.12 ? 18  DAR A HH12 1 
HETATM 313 H HH21 . DAR A 1 18 ? 0.421   3.674  -7.458  1.00 24.78 ? 18  DAR A HH21 1 
HETATM 314 H HH22 . DAR A 1 18 ? -0.661  4.653  -7.761  1.00 24.78 ? 18  DAR A HH22 1 
HETATM 315 N N    . DAL A 1 19 ? 3.383   0.095  -2.632  1.00 7.47  ? 19  DAL A N    1 
HETATM 316 C CA   . DAL A 1 19 ? 4.426   -0.846 -2.926  1.00 7.89  ? 19  DAL A CA   1 
HETATM 317 C CB   . DAL A 1 19 ? 4.029   -2.244 -2.492  1.00 9.31  ? 19  DAL A CB   1 
HETATM 318 C C    . DAL A 1 19 ? 5.745   -0.435 -2.313  1.00 7.71  ? 19  DAL A C    1 
HETATM 319 O O    . DAL A 1 19 ? 6.794   -0.580 -2.946  1.00 8.39  ? 19  DAL A O    1 
HETATM 320 H H    . DAL A 1 19 ? 2.720   -0.236 -2.196  1.00 9.05  ? 19  DAL A H    1 
HETATM 321 H HA   . DAL A 1 19 ? 4.556   -0.867 -3.886  1.00 9.55  ? 19  DAL A HA   1 
HETATM 322 H HB1  . DAL A 1 19 ? 4.802   -2.825 -2.554  1.00 11.27 ? 19  DAL A HB1  1 
HETATM 323 H HB2  . DAL A 1 19 ? 3.323   -2.566 -3.074  1.00 11.27 ? 19  DAL A HB2  1 
HETATM 324 H HB3  . DAL A 1 19 ? 3.712   -2.211 -1.575  1.00 11.27 ? 19  DAL A HB3  1 
HETATM 325 N N    A DGN A 1 20 ? 5.686   0.133  -1.099  0.53 9.14  ? 20  DGN A N    1 
HETATM 326 N N    B DGN A 1 20 ? 5.761   -0.027 -1.058  0.47 8.25  ? 20  DGN A N    1 
HETATM 327 C CA   A DGN A 1 20 ? 6.886   0.626  -0.450  0.53 10.25 ? 20  DGN A CA   1 
HETATM 328 C CA   B DGN A 1 20 ? 7.011   0.339  -0.456  0.47 9.09  ? 20  DGN A CA   1 
HETATM 329 C C    A DGN A 1 20 ? 7.484   1.813  -1.200  0.53 10.00 ? 20  DGN A C    1 
HETATM 330 C C    B DGN A 1 20 ? 7.608   1.572  -1.140  0.47 9.33  ? 20  DGN A C    1 
HETATM 331 O O    A DGN A 1 20 ? 8.702   1.969  -1.286  0.53 10.41 ? 20  DGN A O    1 
HETATM 332 O O    B DGN A 1 20 ? 8.833   1.662  -1.278  0.47 9.85  ? 20  DGN A O    1 
HETATM 333 C CB   A DGN A 1 20 ? 6.626   0.986  1.014   0.53 12.65 ? 20  DGN A CB   1 
HETATM 334 C CB   B DGN A 1 20 ? 6.766   0.613  1.012   0.47 11.39 ? 20  DGN A CB   1 
HETATM 335 C CG   A DGN A 1 20 ? 6.402   -0.267 1.849   0.53 15.10 ? 20  DGN A CG   1 
HETATM 336 C CG   B DGN A 1 20 ? 8.010   0.634  1.822   0.47 12.51 ? 20  DGN A CG   1 
HETATM 337 C CD   A DGN A 1 20 ? 6.149   0.001  3.327   0.53 18.32 ? 20  DGN A CD   1 
HETATM 338 C CD   B DGN A 1 20 ? 8.712   -0.721 1.860   0.47 12.71 ? 20  DGN A CD   1 
HETATM 339 O OE1  A DGN A 1 20 ? 5.937   1.133  3.753   0.53 20.29 ? 20  DGN A OE1  1 
HETATM 340 O OE1  B DGN A 1 20 ? 8.145   -1.690 2.372   0.47 13.89 ? 20  DGN A OE1  1 
HETATM 341 N NE2  A DGN A 1 20 ? 6.186   -1.060 4.123   0.53 18.52 ? 20  DGN A NE2  1 
HETATM 342 N NE2  B DGN A 1 20 ? 9.919   -0.799 1.321   0.47 13.42 ? 20  DGN A NE2  1 
HETATM 343 H H    A DGN A 1 20 ? 4.964   0.240  -0.644  0.53 11.05 ? 20  DGN A H    1 
HETATM 344 H H    B DGN A 1 20 ? 5.071   0.043  -0.550  0.47 9.99  ? 20  DGN A H    1 
HETATM 345 H HA   A DGN A 1 20 ? 7.546   -0.086 -0.454  0.53 12.38 ? 20  DGN A HA   1 
HETATM 346 H HA   B DGN A 1 20 ? 7.657   -0.378 -0.547  0.47 10.99 ? 20  DGN A HA   1 
HETATM 347 H HB2  A DGN A 1 20 ? 7.392   1.462  1.372   0.53 15.27 ? 20  DGN A HB2  1 
HETATM 348 H HB2  B DGN A 1 20 ? 6.191   -0.083 1.368   0.47 13.75 ? 20  DGN A HB2  1 
HETATM 349 H HB3  A DGN A 1 20 ? 5.833   1.542  1.074   0.53 15.27 ? 20  DGN A HB3  1 
HETATM 350 H HB3  B DGN A 1 20 ? 6.337   1.477  1.103   0.47 13.75 ? 20  DGN A HB3  1 
HETATM 351 H HG2  A DGN A 1 20 ? 7.189   -0.828 1.783   0.53 18.21 ? 20  DGN A HG2  1 
HETATM 352 H HG2  B DGN A 1 20 ? 7.789   0.883  2.733   0.47 15.10 ? 20  DGN A HG2  1 
HETATM 353 H HG3  A DGN A 1 20 ? 5.629   -0.738 1.500   0.53 18.21 ? 20  DGN A HG3  1 
HETATM 354 H HG3  B DGN A 1 20 ? 8.625   1.280  1.441   0.47 15.10 ? 20  DGN A HG3  1 
HETATM 355 H HE21 A DGN A 1 20 ? 6.333   -1.838 3.791   0.53 22.31 ? 20  DGN A HE21 1 
HETATM 356 H HE21 B DGN A 1 20 ? 10.288  -0.120 0.985   0.47 16.20 ? 20  DGN A HE21 1 
HETATM 357 H HE22 A DGN A 1 20 ? 6.051   -0.970 4.966   0.53 22.31 ? 20  DGN A HE22 1 
HETATM 358 H HE22 B DGN A 1 20 ? 10.345  -1.544 1.336   0.47 16.20 ? 20  DGN A HE22 1 
HETATM 359 N N    A DAS A 1 21 ? 6.621   2.694  -1.697  0.54 9.59  ? 21  DAS A N    1 
HETATM 360 N N    B DAS A 1 21 ? 6.771   2.518  -1.575  0.46 9.16  ? 21  DAS A N    1 
HETATM 361 C CA   A DAS A 1 21 ? 7.069   3.806  -2.528  0.54 10.59 ? 21  DAS A CA   1 
HETATM 362 C CA   B DAS A 1 21 ? 7.275   3.679  -2.324  0.46 10.14 ? 21  DAS A CA   1 
HETATM 363 C C    A DAS A 1 21 ? 7.855   3.258  -3.703  0.54 10.72 ? 21  DAS A C    1 
HETATM 364 C C    B DAS A 1 21 ? 7.814   3.279  -3.740  0.46 10.40 ? 21  DAS A C    1 
HETATM 365 O O    A DAS A 1 21 ? 8.940   3.805  -4.039  0.54 11.06 ? 21  DAS A O    1 
HETATM 366 O O    B DAS A 1 21 ? 8.715   3.932  -4.283  0.46 10.86 ? 21  DAS A O    1 
HETATM 367 C CB   A DAS A 1 21 ? 5.853   4.598  -3.058  0.54 12.17 ? 21  DAS A CB   1 
HETATM 368 C CB   B DAS A 1 21 ? 6.169   4.729  -2.436  0.46 11.06 ? 21  DAS A CB   1 
HETATM 369 C CG   A DAS A 1 21 ? 5.207   5.457  -2.018  0.54 14.19 ? 21  DAS A CG   1 
HETATM 370 C CG   B DAS A 1 21 ? 6.677   6.074  -2.901  0.46 11.81 ? 21  DAS A CG   1 
HETATM 371 O OD1  A DAS A 1 21 ? 4.063   5.907  -2.278  0.54 14.99 ? 21  DAS A OD1  1 
HETATM 372 O OD1  B DAS A 1 21 ? 6.222   6.538  -3.971  0.46 13.22 ? 21  DAS A OD1  1 
HETATM 373 O OD2  A DAS A 1 21 ? 5.802   5.667  -0.947  0.54 15.09 ? 21  DAS A OD2  1 
HETATM 374 O OD2  B DAS A 1 21 ? 7.510   6.713  -2.178  0.46 12.67 ? 21  DAS A OD2  1 
HETATM 375 H H    A DAS A 1 21 ? 5.771   2.669  -1.567  0.53 11.60 ? 21  DAS A H    1 
HETATM 376 H H    B DAS A 1 21 ? 5.919   2.513  -1.454  0.47 11.08 ? 21  DAS A H    1 
HETATM 377 H HA   A DAS A 1 21 ? 7.624   4.411  -2.010  0.54 12.80 ? 21  DAS A HA   1 
HETATM 378 H HA   B DAS A 1 21 ? 8.026   4.068  -1.849  0.46 12.25 ? 21  DAS A HA   1 
HETATM 379 H HB2  A DAS A 1 21 ? 5.188   3.971  -3.382  0.54 14.69 ? 21  DAS A HB2  1 
HETATM 380 H HB2  B DAS A 1 21 ? 5.759   4.848  -1.565  0.46 13.36 ? 21  DAS A HB2  1 
HETATM 381 H HB3  A DAS A 1 21 ? 6.144   5.175  -3.781  0.54 14.69 ? 21  DAS A HB3  1 
HETATM 382 H HB3  B DAS A 1 21 ? 5.507   4.422  -3.075  0.46 13.36 ? 21  DAS A HB3  1 
HETATM 383 N N    . DPN A 1 22 ? 7.286   2.248  -4.358  1.00 9.68  ? 22  DPN A N    1 
HETATM 384 C CA   . DPN A 1 22 ? 7.903   1.666  -5.531  1.00 9.02  ? 22  DPN A CA   1 
HETATM 385 C C    . DPN A 1 22 ? 9.265   1.036  -5.194  1.00 9.50  ? 22  DPN A C    1 
HETATM 386 O O    . DPN A 1 22 ? 10.237  1.227  -5.923  1.00 10.34 ? 22  DPN A O    1 
HETATM 387 C CB   . DPN A 1 22 ? 6.921   0.668  -6.148  1.00 8.61  ? 22  DPN A CB   1 
HETATM 388 C CG   . DPN A 1 22 ? 7.409   -0.066 -7.377  1.00 8.72  ? 22  DPN A CG   1 
HETATM 389 C CD1  . DPN A 1 22 ? 7.985   0.602  -8.450  1.00 8.69  ? 22  DPN A CD1  1 
HETATM 390 C CD2  . DPN A 1 22 ? 7.217   -1.414 -7.497  1.00 10.77 ? 22  DPN A CD2  1 
HETATM 391 C CE1  . DPN A 1 22 ? 8.352   -0.088 -9.589  1.00 10.35 ? 22  DPN A CE1  1 
HETATM 392 C CE2  . DPN A 1 22 ? 7.582   -2.107 -8.593  1.00 12.27 ? 22  DPN A CE2  1 
HETATM 393 C CZ   . DPN A 1 22 ? 8.163   -1.434 -9.647  1.00 11.89 ? 22  DPN A CZ   1 
HETATM 394 H H    . DPN A 1 22 ? 6.539   1.885  -4.137  1.00 11.70 ? 22  DPN A H    1 
HETATM 395 H HA   . DPN A 1 22 ? 8.095   2.343  -6.199  1.00 10.92 ? 22  DPN A HA   1 
HETATM 396 H HB2  . DPN A 1 22 ? 6.118   1.150  -6.400  1.00 10.42 ? 22  DPN A HB2  1 
HETATM 397 H HB3  . DPN A 1 22 ? 6.710   -0.002 -5.479  1.00 10.42 ? 22  DPN A HB3  1 
HETATM 398 H HD1  . DPN A 1 22 ? 8.126   1.519  -8.401  1.00 10.52 ? 22  DPN A HD1  1 
HETATM 399 H HD2  . DPN A 1 22 ? 6.818   -1.871 -6.792  1.00 13.01 ? 22  DPN A HD2  1 
HETATM 400 H HE1  . DPN A 1 22 ? 8.725   0.364  -10.310 1.00 12.50 ? 22  DPN A HE1  1 
HETATM 401 H HE2  . DPN A 1 22 ? 7.446   -3.026 -8.637  1.00 14.81 ? 22  DPN A HE2  1 
HETATM 402 H HZ   . DPN A 1 22 ? 8.427   -1.905 -10.405 1.00 14.36 ? 22  DPN A HZ   1 
HETATM 403 N N    . DVA A 1 23 ? 9.333   0.295  -4.094  1.00 9.31  ? 23  DVA A N    1 
HETATM 404 C CA   . DVA A 1 23 ? 10.608  -0.266 -3.602  1.00 10.85 ? 23  DVA A CA   1 
HETATM 405 C CB   . DVA A 1 23 ? 10.442  -1.045 -2.276  1.00 11.49 ? 23  DVA A CB   1 
HETATM 406 C CG1  . DVA A 1 23 ? 11.764  -1.397 -1.643  1.00 13.53 ? 23  DVA A CG1  1 
HETATM 407 C CG2  . DVA A 1 23 ? 9.624   -2.286 -2.518  1.00 11.49 ? 23  DVA A CG2  1 
HETATM 408 C C    . DVA A 1 23 ? 11.642  0.858  -3.481  1.00 12.33 ? 23  DVA A C    1 
HETATM 409 O O    . DVA A 1 23 ? 12.814  0.719  -3.901  1.00 13.36 ? 23  DVA A O    1 
HETATM 410 H H    . DVA A 1 23 ? 8.655   0.096  -3.604  1.00 11.27 ? 23  DVA A H    1 
HETATM 411 H HA   . DVA A 1 23 ? 10.933  -0.916 -4.244  1.00 13.11 ? 23  DVA A HA   1 
HETATM 412 H HB   . DVA A 1 23 ? 9.981   -0.470 -1.645  1.00 13.87 ? 23  DVA A HB   1 
HETATM 413 H HG11 . DVA A 1 23 ? 11.610  -2.018 -0.915  1.00 16.33 ? 23  DVA A HG11 1 
HETATM 414 H HG12 . DVA A 1 23 ? 12.179  -0.588 -1.306  1.00 16.33 ? 23  DVA A HG12 1 
HETATM 415 H HG13 . DVA A 1 23 ? 12.336  -1.807 -2.312  1.00 16.33 ? 23  DVA A HG13 1 
HETATM 416 H HG21 . DVA A 1 23 ? 9.456   -2.724 -1.669  1.00 13.87 ? 23  DVA A HG21 1 
HETATM 417 H HG22 . DVA A 1 23 ? 10.117  -2.879 -3.106  1.00 13.87 ? 23  DVA A HG22 1 
HETATM 418 H HG23 . DVA A 1 23 ? 8.783   -2.034 -2.932  1.00 13.87 ? 23  DVA A HG23 1 
HETATM 419 N N    . DGN A 1 24 ? 11.235  1.980  -2.868  1.00 12.60 ? 24  DGN A N    1 
HETATM 420 C CA   . DGN A 1 24 ? 12.136  3.110  -2.720  1.00 15.13 ? 24  DGN A CA   1 
HETATM 421 C C    . DGN A 1 24 ? 12.555  3.692  -4.079  1.00 14.75 ? 24  DGN A C    1 
HETATM 422 O O    . DGN A 1 24 ? 13.758  3.933  -4.324  1.00 15.78 ? 24  DGN A O    1 
HETATM 423 C CB   . DGN A 1 24 ? 11.475  4.162  -1.810  1.00 17.40 ? 24  DGN A CB   1 
HETATM 424 C CG   . DGN A 1 24 ? 12.394  5.249  -1.362  1.00 20.35 ? 24  DGN A CG   1 
HETATM 425 C CD   . DGN A 1 24 ? 13.540  4.785  -0.430  1.00 23.03 ? 24  DGN A CD   1 
HETATM 426 O OE1  . DGN A 1 24 ? 13.462  3.724  0.278   1.00 24.26 ? 24  DGN A OE1  1 
HETATM 427 N NE2  . DGN A 1 24 ? 14.640  5.518  -0.492  1.00 24.78 ? 24  DGN A NE2  1 
HETATM 428 H H    . DGN A 1 24 ? 10.451  2.101  -2.536  1.00 15.20 ? 24  DGN A H    1 
HETATM 429 H HA   . DGN A 1 24 ? 12.962  2.827  -2.298  1.00 18.25 ? 24  DGN A HA   1 
HETATM 430 H HB2  . DGN A 1 24 ? 11.136  3.718  -1.018  1.00 20.96 ? 24  DGN A HB2  1 
HETATM 431 H HB3  . DGN A 1 24 ? 10.744  4.577  -2.296  1.00 20.96 ? 24  DGN A HB3  1 
HETATM 432 H HG2  . DGN A 1 24 ? 11.875  5.911  -0.880  1.00 24.51 ? 24  DGN A HG2  1 
HETATM 433 H HG3  . DGN A 1 24 ? 12.800  5.651  -2.145  1.00 24.51 ? 24  DGN A HG3  1 
HETATM 434 H HE21 . DGN A 1 24 ? 14.669  6.217  -0.998  1.00 29.82 ? 24  DGN A HE21 1 
HETATM 435 H HE22 . DGN A 1 24 ? 15.321  5.310  -0.008  1.00 29.82 ? 24  DGN A HE22 1 
HETATM 436 N N    . DTR A 1 25 ? 11.608  3.849  -4.992  1.00 14.30 ? 25  DTR A N    1 
HETATM 437 C CA   . DTR A 1 25 ? 11.904  4.391  -6.307  1.00 14.08 ? 25  DTR A CA   1 
HETATM 438 C CB   . DTR A 1 25 ? 10.615  4.492  -7.143  1.00 15.32 ? 25  DTR A CB   1 
HETATM 439 C CG   . DTR A 1 25 ? 10.850  5.009  -8.564  1.00 16.16 ? 25  DTR A CG   1 
HETATM 440 C CD1  . DTR A 1 25 ? 10.967  6.333  -8.953  1.00 18.34 ? 25  DTR A CD1  1 
HETATM 441 N NE1  . DTR A 1 25 ? 11.192  6.409  -10.302 1.00 18.37 ? 25  DTR A NE1  1 
HETATM 442 C CE2  . DTR A 1 25 ? 11.213  5.124  -10.811 1.00 17.45 ? 25  DTR A CE2  1 
HETATM 443 C CZ2  . DTR A 1 25 ? 11.385  4.672  -12.126 1.00 18.42 ? 25  DTR A CZ2  1 
HETATM 444 C CH2  . DTR A 1 25 ? 11.358  3.331  -12.368 1.00 18.03 ? 25  DTR A CH2  1 
HETATM 445 C CZ3  . DTR A 1 25 ? 11.112  2.415  -11.313 1.00 16.50 ? 25  DTR A CZ3  1 
HETATM 446 C CE3  . DTR A 1 25 ? 10.938  2.849  -10.020 1.00 15.70 ? 25  DTR A CE3  1 
HETATM 447 C CD2  . DTR A 1 25 ? 10.951  4.226  -9.755  1.00 15.94 ? 25  DTR A CD2  1 
HETATM 448 C C    . DTR A 1 25 ? 12.913  3.499  -7.084  1.00 13.62 ? 25  DTR A C    1 
HETATM 449 O O    . DTR A 1 25 ? 13.793  4.001  -7.764  1.00 14.23 ? 25  DTR A O    1 
HETATM 450 H H    . DTR A 1 25 ? 10.781  3.648  -4.874  1.00 17.26 ? 25  DTR A H    1 
HETATM 451 H HA   . DTR A 1 25 ? 12.291  5.272  -6.189  1.00 16.99 ? 25  DTR A HA   1 
HETATM 452 H HB2  . DTR A 1 25 ? 10.003  5.102  -6.702  1.00 18.48 ? 25  DTR A HB2  1 
HETATM 453 H HB3  . DTR A 1 25 ? 10.215  3.611  -7.210  1.00 18.48 ? 25  DTR A HB3  1 
HETATM 454 H HD1  . DTR A 1 25 ? 10.903  7.064  -8.381  1.00 22.10 ? 25  DTR A HD1  1 
HETATM 455 H HE1  . DTR A 1 25 ? 11.301  7.133  -10.755 1.00 22.13 ? 25  DTR A HE1  1 
HETATM 456 H HZ2  . DTR A 1 25 ? 11.514  5.275  -12.821 1.00 22.20 ? 25  DTR A HZ2  1 
HETATM 457 H HH2  . DTR A 1 25 ? 11.502  3.014  -13.230 1.00 21.73 ? 25  DTR A HH2  1 
HETATM 458 H HZ3  . DTR A 1 25 ? 11.067  1.504  -11.500 1.00 19.90 ? 25  DTR A HZ3  1 
HETATM 459 H HE3  . DTR A 1 25 ? 10.814  2.238  -9.330  1.00 18.93 ? 25  DTR A HE3  1 
HETATM 460 N N    . DLE A 1 26 ? 12.752  2.190  -6.966  1.00 12.86 ? 26  DLE A N    1 
HETATM 461 C CA   . DLE A 1 26 ? 13.689  1.289  -7.581  1.00 12.24 ? 26  DLE A CA   1 
HETATM 462 C CB   . DLE A 1 26 ? 13.262  -0.165 -7.372  1.00 11.66 ? 26  DLE A CB   1 
HETATM 463 C CG   . DLE A 1 26 ? 11.980  -0.571 -8.067  1.00 11.78 ? 26  DLE A CG   1 
HETATM 464 C CD1  . DLE A 1 26 ? 11.367  -1.806 -7.486  1.00 11.72 ? 26  DLE A CD1  1 
HETATM 465 C CD2  . DLE A 1 26 ? 12.196  -0.789 -9.554  1.00 12.92 ? 26  DLE A CD2  1 
HETATM 466 C C    . DLE A 1 26 ? 15.152  1.490  -7.151  1.00 12.84 ? 26  DLE A C    1 
HETATM 467 O O    . DLE A 1 26 ? 16.069  1.241  -8.012  1.00 13.65 ? 26  DLE A O    1 
HETATM 468 H H    . DLE A 1 26 ? 12.112  1.809  -6.537  1.00 15.53 ? 26  DLE A H    1 
HETATM 469 H HA   . DLE A 1 26 ? 13.676  1.487  -8.531  1.00 14.78 ? 26  DLE A HA   1 
HETATM 470 H HB2  . DLE A 1 26 ? 13.136  -0.312 -6.422  1.00 14.08 ? 26  DLE A HB2  1 
HETATM 471 H HB3  . DLE A 1 26 ? 13.968  -0.741 -7.706  1.00 14.08 ? 26  DLE A HB3  1 
HETATM 472 H HG   . DLE A 1 26 ? 11.362  0.164  -7.932  1.00 14.22 ? 26  DLE A HG   1 
HETATM 473 H HD11 . DLE A 1 26 ? 10.405  -1.767 -7.605  1.00 14.15 ? 26  DLE A HD11 1 
HETATM 474 H HD12 . DLE A 1 26 ? 11.583  -1.852 -6.542  1.00 14.15 ? 26  DLE A HD12 1 
HETATM 475 H HD13 . DLE A 1 26 ? 11.726  -2.582 -7.945  1.00 14.15 ? 26  DLE A HD13 1 
HETATM 476 H HD21 . DLE A 1 26 ? 11.490  -1.359 -9.895  1.00 15.59 ? 26  DLE A HD21 1 
HETATM 477 H HD22 . DLE A 1 26 ? 13.058  -1.214 -9.689  1.00 15.59 ? 26  DLE A HD22 1 
HETATM 478 H HD23 . DLE A 1 26 ? 12.177  0.069  -10.006 1.00 15.59 ? 26  DLE A HD23 1 
HETATM 479 N N    . MED A 1 27 ? 15.454  1.959  -5.917  1.00 13.65 ? 27  MED A N    1 
HETATM 480 C CA   . MED A 1 27 ? 16.817  2.256  -5.441  1.00 13.60 ? 27  MED A CA   1 
HETATM 481 C C    . MED A 1 27 ? 17.276  3.618  -5.825  1.00 13.30 ? 27  MED A C    1 
HETATM 482 O O    . MED A 1 27 ? 18.458  3.865  -5.755  1.00 14.85 ? 27  MED A O    1 
HETATM 483 C CB   . MED A 1 27 ? 16.908  2.162  -3.909  1.00 15.14 ? 27  MED A CB   1 
HETATM 484 C CG   . MED A 1 27 ? 16.799  0.756  -3.345  1.00 14.79 ? 27  MED A CG   1 
HETATM 485 S SD   . MED A 1 27 ? 17.071  0.673  -1.545  1.00 15.16 ? 27  MED A SD   1 
HETATM 486 C CE   . MED A 1 27 ? 15.483  1.299  -1.081  1.00 16.08 ? 27  MED A CE   1 
HETATM 487 H H    . MED A 1 27 ? 14.858  2.119  -5.317  1.00 16.47 ? 27  MED A H    1 
HETATM 488 H HA   . MED A 1 27 ? 17.392  1.588  -5.847  1.00 16.41 ? 27  MED A HA   1 
HETATM 489 H HB2  . MED A 1 27 ? 16.187  2.685  -3.526  1.00 18.26 ? 27  MED A HB2  1 
HETATM 490 H HB3  . MED A 1 27 ? 17.766  2.521  -3.630  1.00 18.26 ? 27  MED A HB3  1 
HETATM 491 H HG2  . MED A 1 27 ? 17.465  0.195  -3.773  1.00 17.84 ? 27  MED A HG2  1 
HETATM 492 H HG3  . MED A 1 27 ? 15.910  0.414  -3.528  1.00 17.84 ? 27  MED A HG3  1 
HETATM 493 H HE1  . MED A 1 27 ? 15.372  1.197  -0.123  1.00 19.38 ? 27  MED A HE1  1 
HETATM 494 H HE2  . MED A 1 27 ? 14.797  0.797  -1.548  1.00 19.38 ? 27  MED A HE2  1 
HETATM 495 H HE3  . MED A 1 27 ? 15.430  2.237  -1.321  1.00 19.38 ? 27  MED A HE3  1 
HETATM 496 N N    . DSG A 1 28 ? 16.351  4.509  -6.184  1.00 13.71 ? 28  DSG A N    1 
HETATM 497 C CA   . DSG A 1 28 ? 16.653  5.893  -6.440  1.00 14.42 ? 28  DSG A CA   1 
HETATM 498 C C    . DSG A 1 28 ? 17.449  6.025  -7.744  1.00 13.18 ? 28  DSG A C    1 
HETATM 499 O O    . DSG A 1 28 ? 17.314  5.174  -8.671  1.00 14.50 ? 28  DSG A O    1 
HETATM 500 C CB   . DSG A 1 28 ? 15.392  6.721  -6.584  1.00 14.97 ? 28  DSG A CB   1 
HETATM 501 C CG   . DSG A 1 28 ? 14.746  7.108  -5.219  1.00 17.08 ? 28  DSG A CG   1 
HETATM 502 O OD1  . DSG A 1 28 ? 15.209  6.717  -4.098  1.00 18.50 ? 28  DSG A OD1  1 
HETATM 503 N ND2  . DSG A 1 28 ? 13.614  7.824  -5.325  1.00 17.09 ? 28  DSG A ND2  1 
HETATM 504 H H    . DSG A 1 28 ? 15.519  4.319  -6.287  1.00 16.54 ? 28  DSG A H    1 
HETATM 505 H HA   . DSG A 1 28 ? 17.165  6.235  -5.690  1.00 17.39 ? 28  DSG A HA   1 
HETATM 506 N N    . DTH A 1 29 ? 18.267  7.053  -7.792  1.00 13.22 ? 29  DTH A N    1 
HETATM 507 C CA   . DTH A 1 29 ? 18.976  7.378  -9.006  1.00 14.48 ? 29  DTH A CA   1 
HETATM 508 C CB   . DTH A 1 29 ? 20.465  7.020  -8.953  1.00 16.13 ? 29  DTH A CB   1 
HETATM 509 C CG2  . DTH A 1 29 ? 20.711  5.544  -8.818  1.00 16.78 ? 29  DTH A CG2  1 
HETATM 510 O OG1  . DTH A 1 29 ? 21.018  7.763  -7.875  1.00 17.07 ? 29  DTH A OG1  1 
HETATM 511 C C    . DTH A 1 29 ? 18.849  8.853  -9.325  1.00 15.88 ? 29  DTH A C    1 
HETATM 512 O O    . DTH A 1 29 ? 19.239  9.263  -10.425 1.00 18.96 ? 29  DTH A O    1 
HETATM 513 O OXT  . DTH A 1 29 ? 18.348  9.599  -8.491  1.00 15.55 ? 29  DTH A OXT  1 
HETATM 514 H H    . DTH A 1 29 ? 18.430  7.581  -7.132  1.00 15.95 ? 29  DTH A H    1 
HETATM 515 H HA   . DTH A 1 29 ? 18.581  6.859  -9.724  1.00 17.46 ? 29  DTH A HA   1 
HETATM 516 H HB   . DTH A 1 29 ? 20.909  7.249  -9.784  1.00 19.44 ? 29  DTH A HB   1 
HETATM 517 H HG21 . DTH A 1 29 ? 21.635  5.341  -9.029  1.00 20.23 ? 29  DTH A HG21 1 
HETATM 518 H HG22 . DTH A 1 29 ? 20.133  5.055  -9.424  1.00 20.23 ? 29  DTH A HG22 1 
HETATM 519 H HG23 . DTH A 1 29 ? 20.525  5.259  -7.909  1.00 20.23 ? 29  DTH A HG23 1 
HETATM 520 H HG1  . DTH A 1 29 ? 21.840  7.584  -7.791  1.00 20.58 ? 29  DTH A HG1  1 
HETATM 521 S S    . SO4 B 2 .  ? 2.002   8.651  -1.398  1.00 71.53 ? 101 SO4 A S    1 
HETATM 522 O O1   . SO4 B 2 .  ? 2.345   8.648  -2.814  1.00 71.59 ? 101 SO4 A O1   1 
HETATM 523 O O2   . SO4 B 2 .  ? 0.634   8.165  -1.272  1.00 71.60 ? 101 SO4 A O2   1 
HETATM 524 O O3   . SO4 B 2 .  ? 2.919   7.830  -0.609  1.00 71.50 ? 101 SO4 A O3   1 
HETATM 525 O O4   . SO4 B 2 .  ? 2.099   10.011 -0.909  1.00 71.42 ? 101 SO4 A O4   1 
HETATM 526 O O    . HOH C 3 .  ? 10.563  1.042  0.778   1.00 57.14 ? 201 HOH A O    1 
HETATM 527 O O    . HOH C 3 .  ? -21.452 -1.899 0.377   1.00 37.96 ? 202 HOH A O    1 
HETATM 528 O O    . HOH C 3 .  ? 4.570   -2.166 5.441   1.00 47.20 ? 203 HOH A O    1 
HETATM 529 O O    . HOH C 3 .  ? 17.840  11.976 -9.182  1.00 30.68 ? 204 HOH A O    1 
HETATM 530 O O    . HOH C 3 .  ? 6.482   8.539  -5.495  1.00 35.35 ? 205 HOH A O    1 
HETATM 531 O O    . HOH C 3 .  ? 2.712   -4.204 4.512   1.00 17.50 ? 206 HOH A O    1 
HETATM 532 O O    . HOH C 3 .  ? -0.581  6.645  0.621   1.00 52.93 ? 207 HOH A O    1 
HETATM 533 O O    . HOH C 3 .  ? -10.147 1.700  1.549   1.00 44.12 ? 208 HOH A O    1 
HETATM 534 O O    . HOH C 3 .  ? -12.886 -7.402 1.642   1.00 24.28 ? 209 HOH A O    1 
HETATM 535 O O    . HOH C 3 .  ? -7.985  1.795  -1.580  1.00 44.47 ? 210 HOH A O    1 
HETATM 536 O O    . HOH C 3 .  ? -6.739  7.766  2.390   1.00 33.78 ? 211 HOH A O    1 
HETATM 537 O O    . HOH C 3 .  ? 0.993   5.583  -2.663  1.00 27.97 ? 212 HOH A O    1 
HETATM 538 O O    . HOH C 3 .  ? 18.345  2.556  -8.755  1.00 21.94 ? 213 HOH A O    1 
HETATM 539 O O    . HOH C 3 .  ? -8.744  -8.506 8.790   1.00 40.35 ? 214 HOH A O    1 
HETATM 540 O O    . HOH C 3 .  ? 15.173  4.024  -10.160 1.00 17.14 ? 215 HOH A O    1 
HETATM 541 O O    . HOH C 3 .  ? 3.492   0.411  4.840   1.00 42.25 ? 216 HOH A O    1 
HETATM 542 O O    . HOH C 3 .  ? -16.299 -0.413 -4.367  1.00 42.92 ? 217 HOH A O    1 
HETATM 543 O O    . HOH C 3 .  ? -0.969  4.496  -0.983  1.00 19.54 ? 218 HOH A O    1 
HETATM 544 O O    . HOH C 3 .  ? 12.125  1.263  0.937   1.00 48.03 ? 219 HOH A O    1 
HETATM 545 O O    . HOH C 3 .  ? -5.754  -8.316 5.781   1.00 22.16 ? 220 HOH A O    1 
HETATM 546 O O    . HOH C 3 .  ? 5.280   4.350  1.636   1.00 22.15 ? 221 HOH A O    1 
HETATM 547 O O    . HOH C 3 .  ? 4.805   6.935  1.556   1.00 43.86 ? 222 HOH A O    1 
HETATM 548 O O    . HOH C 3 .  ? -1.503  7.591  -3.327  1.00 41.70 ? 223 HOH A O    1 
HETATM 549 O O    . HOH C 3 .  ? -15.317 -1.530 6.614   1.00 22.65 ? 224 HOH A O    1 
HETATM 550 O O    . HOH C 3 .  ? -15.507 -2.962 9.072   1.00 27.06 ? 225 HOH A O    1 
HETATM 551 O O    . HOH C 3 .  ? -11.719 -4.363 -0.766  1.00 35.54 ? 226 HOH A O    1 
HETATM 552 O O    . HOH C 3 .  ? -13.763 4.131  3.940   1.00 69.01 ? 227 HOH A O    1 
HETATM 553 O O    . HOH C 3 .  ? -11.678 3.421  4.670   1.00 48.33 ? 228 HOH A O    1 
HETATM 554 O O    . HOH C 3 .  ? -10.229 -7.211 0.348   1.00 34.04 ? 229 HOH A O    1 
HETATM 555 O O    . HOH C 3 .  ? 8.310   4.470  1.641   1.00 44.59 ? 230 HOH A O    1 
HETATM 556 O O    . HOH C 3 .  ? -3.171  5.952  -1.649  1.00 41.94 ? 231 HOH A O    1 
# 
loop_
_atom_site_anisotrop.id 
_atom_site_anisotrop.type_symbol 
_atom_site_anisotrop.pdbx_label_atom_id 
_atom_site_anisotrop.pdbx_label_alt_id 
_atom_site_anisotrop.pdbx_label_comp_id 
_atom_site_anisotrop.pdbx_label_asym_id 
_atom_site_anisotrop.pdbx_label_seq_id 
_atom_site_anisotrop.pdbx_PDB_ins_code 
_atom_site_anisotrop.U[1][1] 
_atom_site_anisotrop.U[2][2] 
_atom_site_anisotrop.U[3][3] 
_atom_site_anisotrop.U[1][2] 
_atom_site_anisotrop.U[1][3] 
_atom_site_anisotrop.U[2][3] 
_atom_site_anisotrop.pdbx_auth_seq_id 
_atom_site_anisotrop.pdbx_auth_comp_id 
_atom_site_anisotrop.pdbx_auth_asym_id 
_atom_site_anisotrop.pdbx_auth_atom_id 
1   N N   . DSN A 2  ? 0.3813 0.4733 0.6713 -0.2325 0.0535  -0.0763 2   DSN A N   
2   C CA  . DSN A 2  ? 0.3860 0.4616 0.6582 -0.2298 0.0489  -0.0912 2   DSN A CA  
3   C C   . DSN A 2  ? 0.3438 0.5040 0.6423 -0.2270 0.0606  -0.0475 2   DSN A C   
4   O O   . DSN A 2  ? 0.3497 0.5207 0.6655 -0.2286 0.0734  -0.0493 2   DSN A O   
5   C CB  . DSN A 2  ? 0.4347 0.4246 0.6631 -0.2229 0.0462  -0.1345 2   DSN A CB  
6   O OG  . DSN A 2  ? 0.4658 0.3997 0.6515 -0.2165 0.0471  -0.1485 2   DSN A OG  
11  N N   . DGN A 3  ? 0.3113 0.5160 0.5970 -0.2156 0.0627  -0.0185 3   DGN A N   
12  C CA  . DGN A 3  ? 0.3169 0.5439 0.5523 -0.2148 0.0895  -0.0164 3   DGN A CA  
13  C C   . DGN A 3  ? 0.2953 0.4744 0.4949 -0.1908 0.0983  -0.0276 3   DGN A C   
14  O O   . DGN A 3  ? 0.3064 0.4551 0.4756 -0.1973 0.0949  -0.0475 3   DGN A O   
15  C CB  . DGN A 3  ? 0.3730 0.6317 0.5561 -0.2351 0.1187  -0.0078 3   DGN A CB  
16  C CG  . DGN A 3  ? 0.4437 0.6891 0.5595 -0.2061 0.1239  0.0111  3   DGN A CG  
17  C CD  . DGN A 3  ? 0.4936 0.7345 0.5747 -0.1871 0.1247  0.0175  3   DGN A CD  
18  O OE1 . DGN A 3  ? 0.5155 0.7479 0.5777 -0.1789 0.1203  0.0169  3   DGN A OE1 
19  N NE2 . DGN A 3  ? 0.4975 0.7500 0.5678 -0.1877 0.1179  0.0169  3   DGN A NE2 
28  N N   . GLY A 4  ? 0.2755 0.3955 0.4516 -0.1477 0.1094  -0.0308 4   GLY A N   
29  C CA  . GLY A 4  ? 0.2362 0.3289 0.4094 -0.1110 0.1185  -0.0374 4   GLY A CA  
30  C C   . GLY A 4  ? 0.2014 0.2675 0.3731 -0.0748 0.1142  -0.0407 4   GLY A C   
31  O O   . GLY A 4  ? 0.1664 0.2531 0.3378 -0.0697 0.1022  -0.0531 4   GLY A O   
35  N N   . DTH A 5  ? 0.2280 0.2292 0.3739 -0.0454 0.1197  -0.0168 5   DTH A N   
36  C CA  . DTH A 5  ? 0.2362 0.1892 0.3814 -0.0045 0.1311  0.0171  5   DTH A CA  
37  C CB  . DTH A 5  ? 0.3159 0.2048 0.4454 0.0014  0.1585  0.0528  5   DTH A CB  
38  C CG2 . DTH A 5  ? 0.3670 0.2096 0.4478 -0.0091 0.1915  0.0693  5   DTH A CG2 
39  O OG1 . DTH A 5  ? 0.3663 0.2356 0.5041 0.0043  0.1790  0.0675  5   DTH A OG1 
40  C C   . DTH A 5  ? 0.2008 0.1565 0.3281 0.0175  0.1214  0.0207  5   DTH A C   
41  O O   . DTH A 5  ? 0.1919 0.1574 0.3270 0.0216  0.1320  0.0255  5   DTH A O   
49  N N   . DPN A 6  ? 0.1718 0.1477 0.2559 0.0110  0.1080  0.0213  6   DPN A N   
50  C CA  . DPN A 6  ? 0.1466 0.1400 0.2097 0.0179  0.0695  0.0075  6   DPN A CA  
51  C C   . DPN A 6  ? 0.1225 0.1290 0.1968 0.0330  0.0664  0.0186  6   DPN A C   
52  O O   . DPN A 6  ? 0.1080 0.1492 0.1955 0.0218  0.0770  0.0128  6   DPN A O   
53  C CB  . DPN A 6  ? 0.1351 0.1666 0.1885 0.0468  0.0536  0.0134  6   DPN A CB  
54  C CG  . DPN A 6  ? 0.1233 0.1818 0.1745 0.0431  0.0542  0.0123  6   DPN A CG  
55  C CD1 . DPN A 6  ? 0.1566 0.1832 0.1896 0.0551  0.0349  0.0199  6   DPN A CD1 
56  C CD2 . DPN A 6  ? 0.1425 0.1973 0.1586 0.0224  0.0530  0.0110  6   DPN A CD2 
57  C CE1 . DPN A 6  ? 0.1716 0.1833 0.1985 0.0404  0.0342  0.0083  6   DPN A CE1 
58  C CE2 . DPN A 6  ? 0.1375 0.2092 0.1465 0.0062  0.0308  -0.0070 6   DPN A CE2 
59  C CZ  . DPN A 6  ? 0.1564 0.1924 0.1669 0.0410  0.0242  -0.0027 6   DPN A CZ  
69  N N   . DTH A 7  ? 0.1114 0.1634 0.2226 0.0311  0.0686  0.0093  7   DTH A N   
70  C CA  . DTH A 7  ? 0.1448 0.1897 0.2210 0.0575  0.0573  0.0288  7   DTH A CA  
71  C CB  . DTH A 7  ? 0.2036 0.2482 0.2449 0.0936  0.0701  0.0527  7   DTH A CB  
72  C CG2 . DTH A 7  ? 0.2353 0.2664 0.2683 0.0867  0.0761  0.0614  7   DTH A CG2 
73  O OG1 . DTH A 7  ? 0.2350 0.2850 0.2810 0.1023  0.0733  0.0529  7   DTH A OG1 
74  C C   . DTH A 7  ? 0.1224 0.1510 0.2103 0.0105  0.0489  0.0051  7   DTH A C   
75  O O   . DTH A 7  ? 0.1197 0.1451 0.2017 0.0024  0.0540  -0.0018 7   DTH A O   
83  N N   A DSN A 8  ? 0.1318 0.1429 0.2287 0.0010  0.0491  0.0022  8   DSN A N   
84  N N   B DSN A 8  ? 0.1205 0.1390 0.2238 -0.0012 0.0499  -0.0075 8   DSN A N   
85  C CA  A DSN A 8  ? 0.1477 0.1355 0.2475 -0.0086 0.0485  -0.0092 8   DSN A CA  
86  C CA  B DSN A 8  ? 0.1355 0.1250 0.2360 -0.0116 0.0438  -0.0414 8   DSN A CA  
87  C C   A DSN A 8  ? 0.1379 0.1207 0.2350 -0.0192 0.0537  -0.0287 8   DSN A C   
88  C C   B DSN A 8  ? 0.1301 0.1058 0.2134 -0.0161 0.0508  -0.0530 8   DSN A C   
89  O O   A DSN A 8  ? 0.1343 0.1375 0.2372 -0.0229 0.0579  -0.0271 8   DSN A O   
90  O O   B DSN A 8  ? 0.1386 0.1435 0.1947 -0.0156 0.0577  -0.0468 8   DSN A O   
91  C CB  A DSN A 8  ? 0.1691 0.1423 0.2728 -0.0072 0.0385  0.0063  8   DSN A CB  
92  C CB  B DSN A 8  ? 0.1433 0.1290 0.2667 -0.0153 0.0240  -0.0442 8   DSN A CB  
93  O OG  A DSN A 8  ? 0.1946 0.1513 0.2950 -0.0061 0.0370  0.0086  8   DSN A OG  
94  O OG  B DSN A 8  ? 0.1654 0.1438 0.2910 -0.0107 0.0281  -0.0471 8   DSN A OG  
105 N N   . DAS A 9  ? 0.1419 0.1042 0.2222 -0.0248 0.0574  -0.0352 9   DAS A N   
106 C CA  . DAS A 9  ? 0.1365 0.0801 0.2093 -0.0062 0.0609  -0.0240 9   DAS A CA  
107 C C   . DAS A 9  ? 0.1084 0.0910 0.2009 -0.0107 0.0645  -0.0172 9   DAS A C   
108 O O   . DAS A 9  ? 0.1102 0.0928 0.2022 -0.0017 0.0748  -0.0226 9   DAS A O   
109 C CB  . DAS A 9  ? 0.1899 0.0873 0.2089 0.0012  0.0681  -0.0122 9   DAS A CB  
110 C CG  . DAS A 9  ? 0.2758 0.1188 0.2378 -0.0152 0.1027  -0.0098 9   DAS A CG  
111 O OD1 . DAS A 9  ? 0.3103 0.1247 0.2842 -0.0445 0.1227  -0.0106 9   DAS A OD1 
112 O OD2 . DAS A 9  ? 0.2915 0.1332 0.2868 -0.0263 0.1099  -0.0025 9   DAS A OD2 
117 N N   . DTY A 10 ? 0.1036 0.0800 0.1876 0.0111  0.0646  -0.0160 10  DTY A N   
118 C CA  . DTY A 10 ? 0.1036 0.0919 0.1753 0.0069  0.0674  -0.0227 10  DTY A CA  
119 C C   . DTY A 10 ? 0.0985 0.0907 0.1810 0.0137  0.0604  -0.0207 10  DTY A C   
120 O O   . DTY A 10 ? 0.0998 0.0942 0.1763 0.0020  0.0596  -0.0264 10  DTY A O   
121 C CB  . DTY A 10 ? 0.1080 0.1022 0.1862 0.0246  0.0654  -0.0103 10  DTY A CB  
122 C CG  . DTY A 10 ? 0.1199 0.0858 0.2203 0.0138  0.0608  -0.0279 10  DTY A CG  
123 C CD1 . DTY A 10 ? 0.1584 0.0948 0.2512 0.0137  0.0574  -0.0258 10  DTY A CD1 
124 C CD2 . DTY A 10 ? 0.1636 0.1028 0.2490 0.0253  0.0697  -0.0071 10  DTY A CD2 
125 C CE1 . DTY A 10 ? 0.1763 0.1024 0.2744 0.0046  0.0635  -0.0313 10  DTY A CE1 
126 C CE2 . DTY A 10 ? 0.2120 0.1088 0.2657 0.0169  0.0866  -0.0044 10  DTY A CE2 
127 C CZ  . DTY A 10 ? 0.1820 0.0914 0.2999 0.0030  0.0813  -0.0255 10  DTY A CZ  
128 O OH  . DTY A 10 ? 0.2131 0.1076 0.3461 -0.0062 0.0905  -0.0419 10  DTY A OH  
138 N N   A DSN A 11 ? 0.1054 0.1051 0.1769 0.0091  0.0518  -0.0301 11  DSN A N   
139 N N   B DSN A 11 ? 0.1111 0.1202 0.1850 0.0038  0.0556  -0.0214 11  DSN A N   
140 C CA  A DSN A 11 ? 0.1182 0.1082 0.1768 0.0111  0.0482  -0.0350 11  DSN A CA  
141 C CA  B DSN A 11 ? 0.1406 0.1288 0.1947 0.0107  0.0492  -0.0181 11  DSN A CA  
142 C C   A DSN A 11 ? 0.1138 0.0899 0.1530 -0.0101 0.0554  -0.0456 11  DSN A C   
143 C C   B DSN A 11 ? 0.1167 0.1017 0.1568 0.0005  0.0481  -0.0238 11  DSN A C   
144 O O   A DSN A 11 ? 0.1118 0.0861 0.1397 -0.0260 0.0542  -0.0530 11  DSN A O   
145 O O   B DSN A 11 ? 0.1165 0.1163 0.1673 0.0043  0.0494  -0.0077 11  DSN A O   
146 C CB  A DSN A 11 ? 0.1349 0.1313 0.1801 0.0280  0.0413  -0.0298 11  DSN A CB  
147 C CB  B DSN A 11 ? 0.1904 0.1617 0.2069 0.0103  0.0516  -0.0069 11  DSN A CB  
148 O OG  A DSN A 11 ? 0.1306 0.1400 0.1968 0.0399  0.0341  -0.0342 11  DSN A OG  
149 O OG  B DSN A 11 ? 0.2096 0.1604 0.2395 0.0061  0.0531  -0.0037 11  DSN A OG  
160 N N   . DLY A 12 ? 0.1163 0.0861 0.1672 -0.0066 0.0736  -0.0295 12  DLY A N   
161 C CA  . DLY A 12 ? 0.1281 0.0811 0.1923 -0.0093 0.0819  -0.0321 12  DLY A CA  
162 C C   . DLY A 12 ? 0.1184 0.0691 0.1723 -0.0027 0.0776  -0.0173 12  DLY A C   
163 O O   . DLY A 12 ? 0.1201 0.0773 0.1686 -0.0061 0.0807  -0.0190 12  DLY A O   
164 C CB  . DLY A 12 ? 0.1614 0.0868 0.2486 -0.0010 0.1061  -0.0155 12  DLY A CB  
165 C CG  . DLY A 12 ? 0.2087 0.1011 0.3172 -0.0100 0.1085  -0.0292 12  DLY A CG  
166 C CD  . DLY A 12 ? 0.2647 0.1098 0.3331 -0.0166 0.1207  -0.0256 12  DLY A CD  
167 C CE  . DLY A 12 ? 0.2880 0.1165 0.3453 -0.0047 0.1402  -0.0159 12  DLY A CE  
168 N NZ  . DLY A 12 ? 0.2769 0.1160 0.3474 0.0026  0.1431  -0.0083 12  DLY A NZ  
182 N N   . DTY A 13 ? 0.1137 0.0717 0.1553 0.0014  0.0743  -0.0127 13  DTY A N   
183 C CA  . DTY A 13 ? 0.1220 0.0723 0.1427 0.0072  0.0743  -0.0055 13  DTY A CA  
184 C C   . DTY A 13 ? 0.1105 0.0751 0.1484 0.0166  0.0709  0.0042  13  DTY A C   
185 O O   . DTY A 13 ? 0.1057 0.0737 0.1480 0.0146  0.0688  0.0049  13  DTY A O   
186 C CB  . DTY A 13 ? 0.1234 0.0672 0.1360 0.0120  0.0544  0.0003  13  DTY A CB  
187 C CG  . DTY A 13 ? 0.1629 0.0876 0.1505 -0.0008 0.0543  0.0000  13  DTY A CG  
188 C CD1 . DTY A 13 ? 0.1677 0.1367 0.2217 -0.0322 0.0204  0.0268  13  DTY A CD1 
189 C CD2 . DTY A 13 ? 0.2141 0.0803 0.2013 0.0105  0.0648  -0.0105 13  DTY A CD2 
190 C CE1 . DTY A 13 ? 0.2244 0.1547 0.2671 -0.0151 0.0196  0.0130  13  DTY A CE1 
191 C CE2 . DTY A 13 ? 0.2713 0.1072 0.2436 0.0004  0.0571  -0.0094 13  DTY A CE2 
192 C CZ  . DTY A 13 ? 0.2633 0.1348 0.2698 -0.0212 0.0307  -0.0216 13  DTY A CZ  
193 O OH  . DTY A 13 ? 0.2908 0.1627 0.3148 -0.0516 0.0281  -0.0453 13  DTY A OH  
203 N N   . DLE A 14 ? 0.1025 0.0829 0.1561 0.0181  0.0629  0.0026  14  DLE A N   
204 C CA  . DLE A 14 ? 0.1172 0.0910 0.1559 0.0278  0.0701  0.0090  14  DLE A CA  
205 C CB  . DLE A 14 ? 0.1395 0.1047 0.1840 0.0369  0.0736  0.0268  14  DLE A CB  
206 C CG  . DLE A 14 ? 0.1674 0.1113 0.2247 0.0489  0.0927  0.0295  14  DLE A CG  
207 C CD1 . DLE A 14 ? 0.1928 0.1534 0.2524 0.0731  0.0948  0.0388  14  DLE A CD1 
208 C CD2 . DLE A 14 ? 0.2103 0.1137 0.2491 0.0423  0.1124  0.0124  14  DLE A CD2 
209 C C   . DLE A 14 ? 0.1158 0.0934 0.1409 0.0275  0.0605  0.0256  14  DLE A C   
210 O O   . DLE A 14 ? 0.1332 0.0885 0.1595 0.0140  0.0829  0.0209  14  DLE A O   
222 N N   . DAS A 15 ? 0.1179 0.0940 0.1417 0.0142  0.0668  0.0028  15  DAS A N   
223 C CA  . DAS A 15 ? 0.1164 0.1060 0.1397 0.0109  0.0681  0.0009  15  DAS A CA  
224 C C   . DAS A 15 ? 0.1044 0.0702 0.1319 0.0050  0.0525  -0.0023 15  DAS A C   
225 O O   . DAS A 15 ? 0.1083 0.0784 0.1415 0.0037  0.0615  -0.0044 15  DAS A O   
226 C CB  . DAS A 15 ? 0.1354 0.1407 0.1735 -0.0027 0.0762  -0.0273 15  DAS A CB  
227 C CG  . DAS A 15 ? 0.1532 0.1959 0.1888 -0.0155 0.0820  -0.0543 15  DAS A CG  
228 O OD1 . DAS A 15 ? 0.1618 0.2360 0.1821 0.0332  0.0482  -0.0078 15  DAS A OD1 
229 O OD2 . DAS A 15 ? 0.1747 0.2343 0.2709 -0.0444 0.0896  -0.0818 15  DAS A OD2 
234 N N   A DSN A 16 ? 0.1131 0.0698 0.1372 0.0087  0.0567  0.0013  16  DSN A N   
235 N N   B DSN A 16 ? 0.1025 0.0820 0.1273 0.0070  0.0595  0.0142  16  DSN A N   
236 N N   C DSN A 16 ? 0.1143 0.0640 0.1483 0.0166  0.0617  0.0183  16  DSN A N   
237 C CA  A DSN A 16 ? 0.1181 0.0839 0.1300 0.0141  0.0565  0.0024  16  DSN A CA  
238 C CA  B DSN A 16 ? 0.1044 0.0967 0.1154 0.0099  0.0624  0.0211  16  DSN A CA  
239 C CA  C DSN A 16 ? 0.1247 0.0758 0.1551 0.0262  0.0592  0.0133  16  DSN A CA  
240 C C   A DSN A 16 ? 0.1050 0.0988 0.0947 0.0012  0.0526  -0.0018 16  DSN A C   
241 C C   B DSN A 16 ? 0.1068 0.1040 0.1260 0.0044  0.0576  0.0099  16  DSN A C   
242 C C   C DSN A 16 ? 0.1202 0.0930 0.1333 0.0157  0.0514  0.0078  16  DSN A C   
243 O O   A DSN A 16 ? 0.0709 0.1114 0.0628 -0.0047 0.0333  0.0013  16  DSN A O   
244 O O   B DSN A 16 ? 0.1036 0.1122 0.1223 0.0065  0.0491  0.0194  16  DSN A O   
245 O O   C DSN A 16 ? 0.1169 0.1099 0.1102 0.0206  0.0321  0.0257  16  DSN A O   
246 C CB  A DSN A 16 ? 0.1250 0.0898 0.1594 0.0267  0.0553  0.0082  16  DSN A CB  
247 C CB  B DSN A 16 ? 0.0977 0.0988 0.0965 0.0170  0.0526  0.0320  16  DSN A CB  
248 C CB  C DSN A 16 ? 0.1177 0.0904 0.1697 0.0326  0.0669  0.0288  16  DSN A CB  
249 O OG  A DSN A 16 ? 0.1282 0.1129 0.1861 0.0275  0.0553  0.0164  16  DSN A OG  
250 O OG  B DSN A 16 ? 0.0822 0.1003 0.0776 0.0110  0.0398  0.0317  16  DSN A OG  
251 O OG  C DSN A 16 ? 0.1093 0.1029 0.1806 0.0142  0.0737  0.0328  16  DSN A OG  
267 N N   . DAR A 17 ? 0.1129 0.1028 0.1458 -0.0021 0.0603  -0.0101 17  DAR A N   
268 C CA  . DAR A 17 ? 0.1281 0.0920 0.1740 -0.0127 0.0654  -0.0225 17  DAR A CA  
269 C CB  . DAR A 17 ? 0.1594 0.1063 0.2051 -0.0250 0.0951  -0.0526 17  DAR A CB  
270 C CG  . DAR A 17 ? 0.2319 0.1368 0.2512 -0.0362 0.1245  -0.0556 17  DAR A CG  
271 C CD  . DAR A 17 ? 0.2759 0.1415 0.2889 -0.0502 0.1168  -0.0789 17  DAR A CD  
272 N NE  . DAR A 17 ? 0.3236 0.1803 0.3261 -0.0584 0.1037  -0.0582 17  DAR A NE  
273 C CZ  . DAR A 17 ? 0.3698 0.1933 0.3724 -0.0726 0.0744  -0.0420 17  DAR A CZ  
274 N NH1 . DAR A 17 ? 0.3808 0.2216 0.3985 -0.0998 0.0589  -0.0395 17  DAR A NH1 
275 N NH2 . DAR A 17 ? 0.3942 0.1727 0.3977 -0.0624 0.0689  -0.0400 17  DAR A NH2 
276 C C   . DAR A 17 ? 0.1114 0.0592 0.1587 -0.0081 0.0688  -0.0163 17  DAR A C   
277 O O   . DAR A 17 ? 0.1099 0.0773 0.1740 0.0068  0.0634  -0.0023 17  DAR A O   
291 N N   . DAR A 18 ? 0.1166 0.0596 0.1525 0.0108  0.0644  -0.0069 18  DAR A N   
292 C CA  . DAR A 18 ? 0.1016 0.0690 0.1535 0.0212  0.0496  0.0145  18  DAR A CA  
293 C CB  . DAR A 18 ? 0.1239 0.0900 0.1818 0.0360  0.0579  0.0329  18  DAR A CB  
294 C CG  . DAR A 18 ? 0.1371 0.1437 0.2004 0.0145  0.0804  0.0433  18  DAR A CG  
295 C CD  . DAR A 18 ? 0.1751 0.1677 0.2343 0.0227  0.0930  0.0519  18  DAR A CD  
296 N NE  . DAR A 18 ? 0.2276 0.1644 0.2517 0.0329  0.0984  0.0674  18  DAR A NE  
297 C CZ  . DAR A 18 ? 0.2564 0.1822 0.2941 0.0530  0.1019  0.0525  18  DAR A CZ  
298 N NH1 . DAR A 18 ? 0.2735 0.1759 0.3116 0.0534  0.1077  0.0549  18  DAR A NH1 
299 N NH2 . DAR A 18 ? 0.2670 0.2106 0.3043 0.0756  0.0906  0.0617  18  DAR A NH2 
300 C C   . DAR A 18 ? 0.0891 0.0827 0.1305 0.0122  0.0501  0.0097  18  DAR A C   
301 O O   . DAR A 18 ? 0.1021 0.0773 0.1615 0.0155  0.0674  0.0237  18  DAR A O   
315 N N   . DAL A 19 ? 0.0939 0.0590 0.1307 0.0165  0.0484  0.0122  19  DAL A N   
316 C CA  . DAL A 19 ? 0.0950 0.0650 0.1395 0.0119  0.0573  0.0074  19  DAL A CA  
317 C CB  . DAL A 19 ? 0.1303 0.0660 0.1576 0.0171  0.0625  -0.0076 19  DAL A CB  
318 C C   . DAL A 19 ? 0.1050 0.0611 0.1268 0.0250  0.0444  0.0159  19  DAL A C   
319 O O   . DAL A 19 ? 0.0955 0.0749 0.1483 0.0218  0.0509  0.0066  19  DAL A O   
325 N N   A DGN A 20 ? 0.1284 0.0862 0.1325 0.0239  0.0503  -0.0082 20  DGN A N   
326 N N   B DGN A 20 ? 0.0979 0.0875 0.1283 0.0159  0.0288  0.0069  20  DGN A N   
327 C CA  A DGN A 20 ? 0.1431 0.1040 0.1422 0.0341  0.0466  -0.0133 20  DGN A CA  
328 C CA  B DGN A 20 ? 0.0965 0.1069 0.1419 0.0029  0.0212  -0.0049 20  DGN A CA  
329 C C   A DGN A 20 ? 0.1171 0.0980 0.1648 0.0351  0.0572  -0.0125 20  DGN A C   
330 C C   B DGN A 20 ? 0.0988 0.1035 0.1524 0.0042  0.0329  -0.0138 20  DGN A C   
331 O O   A DGN A 20 ? 0.1153 0.0958 0.1845 0.0341  0.0474  -0.0237 20  DGN A O   
332 O O   B DGN A 20 ? 0.0841 0.1208 0.1692 0.0045  0.0287  -0.0224 20  DGN A O   
333 C CB  A DGN A 20 ? 0.1823 0.1398 0.1586 0.0360  0.0314  -0.0080 20  DGN A CB  
334 C CB  B DGN A 20 ? 0.1345 0.1325 0.1656 0.0090  0.0200  0.0015  20  DGN A CB  
335 C CG  A DGN A 20 ? 0.2145 0.1727 0.1866 0.0401  0.0231  0.0078  20  DGN A CG  
336 C CG  B DGN A 20 ? 0.1499 0.1485 0.1768 0.0060  0.0292  0.0103  20  DGN A CG  
337 C CD  A DGN A 20 ? 0.2823 0.1982 0.2154 0.0328  0.0435  0.0076  20  DGN A CD  
338 C CD  B DGN A 20 ? 0.1452 0.1726 0.1649 0.0048  0.0299  0.0121  20  DGN A CD  
339 O OE1 A DGN A 20 ? 0.3168 0.2202 0.2340 0.0162  0.0542  0.0042  20  DGN A OE1 
340 O OE1 B DGN A 20 ? 0.1578 0.1706 0.1995 0.0044  0.0295  0.0045  20  DGN A OE1 
341 N NE2 A DGN A 20 ? 0.2961 0.1971 0.2104 0.0428  0.0505  0.0074  20  DGN A NE2 
342 N NE2 B DGN A 20 ? 0.1596 0.1943 0.1561 0.0077  0.0525  0.0188  20  DGN A NE2 
359 N N   A DAS A 21 ? 0.1116 0.0861 0.1668 0.0258  0.0638  -0.0043 21  DAS A N   
360 N N   B DAS A 21 ? 0.1036 0.0889 0.1555 -0.0145 0.0472  -0.0129 21  DAS A N   
361 C CA  A DAS A 21 ? 0.1224 0.0878 0.1923 0.0194  0.0789  0.0004  21  DAS A CA  
362 C CA  B DAS A 21 ? 0.1152 0.0677 0.2022 -0.0045 0.0677  -0.0128 21  DAS A CA  
363 C C   A DAS A 21 ? 0.1106 0.0849 0.2121 0.0138  0.0784  0.0063  21  DAS A C   
364 C C   B DAS A 21 ? 0.1146 0.0640 0.2167 -0.0016 0.0719  -0.0072 21  DAS A C   
365 O O   A DAS A 21 ? 0.1053 0.0926 0.2223 0.0098  0.0781  0.0117  21  DAS A O   
366 O O   B DAS A 21 ? 0.1171 0.0654 0.2302 -0.0017 0.0665  -0.0048 21  DAS A O   
367 C CB  A DAS A 21 ? 0.1586 0.0932 0.2106 0.0096  0.1045  -0.0017 21  DAS A CB  
368 C CB  B DAS A 21 ? 0.1436 0.0685 0.2082 -0.0128 0.0789  -0.0183 21  DAS A CB  
369 C CG  A DAS A 21 ? 0.1954 0.1177 0.2260 0.0067  0.1243  -0.0027 21  DAS A CG  
370 C CG  B DAS A 21 ? 0.1794 0.0759 0.1935 -0.0105 0.0639  -0.0373 21  DAS A CG  
371 O OD1 A DAS A 21 ? 0.2098 0.1389 0.2210 0.0352  0.1252  0.0193  21  DAS A OD1 
372 O OD1 B DAS A 21 ? 0.2213 0.0782 0.2030 -0.0136 0.0584  -0.0336 21  DAS A OD1 
373 O OD2 A DAS A 21 ? 0.2216 0.1123 0.2395 -0.0153 0.1252  -0.0389 21  DAS A OD2 
374 O OD2 B DAS A 21 ? 0.1803 0.0774 0.2237 -0.0120 0.0674  -0.0342 21  DAS A OD2 
383 N N   . DPN A 22 ? 0.0993 0.0858 0.1827 0.0061  0.0734  0.0084  22  DPN A N   
384 C CA  . DPN A 22 ? 0.1032 0.0816 0.1583 0.0194  0.0708  0.0161  22  DPN A CA  
385 C C   . DPN A 22 ? 0.0965 0.0843 0.1804 0.0177  0.0625  -0.0034 22  DPN A C   
386 O O   . DPN A 22 ? 0.1070 0.0869 0.1989 0.0045  0.0779  -0.0052 22  DPN A O   
387 C CB  . DPN A 22 ? 0.1155 0.0705 0.1411 0.0188  0.0708  0.0318  22  DPN A CB  
388 C CG  . DPN A 22 ? 0.1280 0.0605 0.1426 0.0231  0.0692  0.0242  22  DPN A CG  
389 C CD1 . DPN A 22 ? 0.1194 0.0631 0.1477 0.0240  0.0707  0.0291  22  DPN A CD1 
390 C CD2 . DPN A 22 ? 0.1702 0.0789 0.1601 0.0297  0.0910  0.0331  22  DPN A CD2 
391 C CE1 . DPN A 22 ? 0.1518 0.0757 0.1655 0.0303  0.0930  0.0322  22  DPN A CE1 
392 C CE2 . DPN A 22 ? 0.2018 0.0836 0.1809 0.0231  0.1032  0.0282  22  DPN A CE2 
393 C CZ  . DPN A 22 ? 0.1916 0.0837 0.1766 0.0302  0.1030  0.0203  22  DPN A CZ  
403 N N   . DVA A 23 ? 0.0898 0.0880 0.1762 0.0205  0.0443  -0.0208 23  DVA A N   
404 C CA  . DVA A 23 ? 0.1015 0.1160 0.1947 0.0255  0.0385  -0.0486 23  DVA A CA  
405 C CB  . DVA A 23 ? 0.1291 0.1232 0.1841 0.0444  0.0158  -0.0219 23  DVA A CB  
406 C CG1 . DVA A 23 ? 0.1680 0.1597 0.1864 0.0459  0.0288  -0.0054 23  DVA A CG1 
407 C CG2 . DVA A 23 ? 0.1368 0.1180 0.1817 0.0454  0.0137  -0.0128 23  DVA A CG2 
408 C C   . DVA A 23 ? 0.0944 0.1378 0.2361 0.0145  0.0424  -0.0577 23  DVA A C   
409 O O   . DVA A 23 ? 0.1043 0.1458 0.2574 0.0041  0.0606  -0.0573 23  DVA A O   
419 N N   . DGN A 24 ? 0.0921 0.1349 0.2516 0.0106  0.0328  -0.0686 24  DGN A N   
420 C CA  . DGN A 24 ? 0.1209 0.1526 0.3013 -0.0097 0.0549  -0.0986 24  DGN A CA  
421 C C   . DGN A 24 ? 0.1191 0.1302 0.3111 -0.0132 0.0683  -0.0771 24  DGN A C   
422 O O   . DGN A 24 ? 0.1227 0.1539 0.3230 -0.0112 0.0699  -0.0841 24  DGN A O   
423 C CB  . DGN A 24 ? 0.1202 0.1825 0.3583 -0.0052 0.0403  -0.1176 24  DGN A CB  
424 C CG  . DGN A 24 ? 0.1780 0.2102 0.3852 -0.0003 0.0444  -0.1289 24  DGN A CG  
425 C CD  . DGN A 24 ? 0.2195 0.2426 0.4130 -0.0250 0.0363  -0.1347 24  DGN A CD  
426 O OE1 . DGN A 24 ? 0.2631 0.2789 0.3798 -0.0049 0.0438  -0.1257 24  DGN A OE1 
427 N NE2 . DGN A 24 ? 0.2051 0.2706 0.4657 -0.0400 0.0293  -0.1185 24  DGN A NE2 
436 N N   . DTR A 25 ? 0.1277 0.0948 0.3210 -0.0147 0.0931  -0.0340 25  DTR A N   
437 C CA  . DTR A 25 ? 0.1279 0.0895 0.3178 0.0034  0.0937  0.0080  25  DTR A CA  
438 C CB  . DTR A 25 ? 0.1400 0.0978 0.3444 0.0065  0.1033  0.0149  25  DTR A CB  
439 C CG  . DTR A 25 ? 0.1423 0.1121 0.3597 0.0199  0.1016  0.0501  25  DTR A CG  
440 C CD1 . DTR A 25 ? 0.1697 0.1351 0.3922 0.0314  0.1234  0.0728  25  DTR A CD1 
441 N NE1 . DTR A 25 ? 0.1703 0.1461 0.3814 0.0402  0.1198  0.0914  25  DTR A NE1 
442 C CE2 . DTR A 25 ? 0.1584 0.1409 0.3636 0.0379  0.1111  0.0889  25  DTR A CE2 
443 C CZ2 . DTR A 25 ? 0.1875 0.1604 0.3519 0.0480  0.1234  0.1010  25  DTR A CZ2 
444 C CH2 . DTR A 25 ? 0.1886 0.1607 0.3358 0.0389  0.1195  0.0923  25  DTR A CH2 
445 C CZ3 . DTR A 25 ? 0.1787 0.1479 0.3004 0.0312  0.1083  0.0868  25  DTR A CZ3 
446 C CE3 . DTR A 25 ? 0.1656 0.1357 0.2953 0.0297  0.1013  0.0816  25  DTR A CE3 
447 C CD2 . DTR A 25 ? 0.1403 0.1246 0.3407 0.0303  0.0981  0.0771  25  DTR A CD2 
448 C C   . DTR A 25 ? 0.1216 0.0955 0.3004 0.0185  0.0887  0.0439  25  DTR A C   
449 O O   . DTR A 25 ? 0.1260 0.0966 0.3182 0.0147  0.0926  0.0391  25  DTR A O   
460 N N   . DLE A 26 ? 0.1371 0.0847 0.2669 0.0146  0.1038  0.0242  26  DLE A N   
461 C CA  . DLE A 26 ? 0.1555 0.0846 0.2251 0.0196  0.1077  0.0263  26  DLE A CA  
462 C CB  . DLE A 26 ? 0.1517 0.0777 0.2136 0.0181  0.1043  0.0245  26  DLE A CB  
463 C CG  . DLE A 26 ? 0.1528 0.0874 0.2074 0.0318  0.1020  0.0420  26  DLE A CG  
464 C CD1 . DLE A 26 ? 0.1836 0.0811 0.1807 0.0259  0.1066  0.0271  26  DLE A CD1 
465 C CD2 . DLE A 26 ? 0.1741 0.1021 0.2145 0.0359  0.1115  0.0380  26  DLE A CD2 
466 C C   . DLE A 26 ? 0.1571 0.0937 0.2368 0.0303  0.1087  0.0431  26  DLE A C   
467 O O   . DLE A 26 ? 0.1567 0.1094 0.2523 0.0236  0.1113  0.0334  26  DLE A O   
479 N N   . MED A 27 ? 0.1642 0.1109 0.2436 0.0357  0.1121  0.0513  27  MED A N   
480 C CA  . MED A 27 ? 0.1457 0.1377 0.2333 0.0301  0.1012  0.0468  27  MED A CA  
481 C C   . MED A 27 ? 0.1343 0.1489 0.2222 0.0343  0.0924  0.0464  27  MED A C   
482 O O   . MED A 27 ? 0.1420 0.1906 0.2316 0.0421  0.0898  0.0449  27  MED A O   
483 C CB  . MED A 27 ? 0.1773 0.1452 0.2529 0.0410  0.0913  0.0418  27  MED A CB  
484 C CG  . MED A 27 ? 0.1843 0.1459 0.2320 0.0332  0.0713  0.0285  27  MED A CG  
485 S SD  . MED A 27 ? 0.1775 0.1788 0.2194 -0.0035 0.0438  0.0120  27  MED A SD  
486 C CE  . MED A 27 ? 0.1765 0.2048 0.2295 -0.0297 0.0555  0.0210  27  MED A CE  
496 N N   . DSG A 28 ? 0.1289 0.1353 0.2568 -0.0001 0.0884  0.0400  28  DSG A N   
497 C CA  . DSG A 28 ? 0.1545 0.1337 0.2598 0.0011  0.1004  0.0398  28  DSG A CA  
498 C C   . DSG A 28 ? 0.1250 0.1087 0.2673 0.0139  0.0766  0.0305  28  DSG A C   
499 O O   . DSG A 28 ? 0.1607 0.1263 0.2639 -0.0110 0.0846  0.0223  28  DSG A O   
500 C CB  . DSG A 28 ? 0.1810 0.1445 0.2432 0.0068  0.1053  0.0235  28  DSG A CB  
501 C CG  . DSG A 28 ? 0.2159 0.1697 0.2632 0.0015  0.0891  0.0020  28  DSG A CG  
502 O OD1 . DSG A 28 ? 0.2737 0.1730 0.2564 -0.0024 0.0783  -0.0156 28  DSG A OD1 
503 N ND2 . DSG A 28 ? 0.2036 0.1812 0.2644 -0.0014 0.0998  -0.0217 28  DSG A ND2 
506 N N   . DTH A 29 ? 0.1382 0.1190 0.2449 0.0137  0.0866  0.0385  29  DTH A N   
507 C CA  . DTH A 29 ? 0.1482 0.1257 0.2761 0.0288  0.0809  0.0384  29  DTH A CA  
508 C CB  . DTH A 29 ? 0.1451 0.1520 0.3156 0.0146  0.0697  0.0163  29  DTH A CB  
509 C CG2 . DTH A 29 ? 0.1630 0.1556 0.3190 0.0091  0.0786  0.0254  29  DTH A CG2 
510 O OG1 . DTH A 29 ? 0.1309 0.1565 0.3613 0.0106  0.0417  -0.0067 29  DTH A OG1 
511 C C   . DTH A 29 ? 0.1865 0.1576 0.2594 0.0265  0.0815  0.0456  29  DTH A C   
512 O O   . DTH A 29 ? 0.2486 0.1964 0.2752 0.0279  0.1049  0.0755  29  DTH A O   
513 O OXT . DTH A 29 ? 0.1871 0.1420 0.2617 0.0000  0.0686  0.0151  29  DTH A OXT 
521 S S   . SO4 B .  ? 0.9943 0.8160 0.9077 0.1364  -0.0231 -0.3010 101 SO4 A S   
522 O O1  . SO4 B .  ? 0.9932 0.8209 0.9059 0.1401  -0.0224 -0.2948 101 SO4 A O1  
523 O O2  . SO4 B .  ? 0.9926 0.8177 0.9102 0.1325  -0.0253 -0.3005 101 SO4 A O2  
524 O O3  . SO4 B .  ? 0.9956 0.8179 0.9033 0.1346  -0.0214 -0.3008 101 SO4 A O3  
525 O O4  . SO4 B .  ? 0.9915 0.8108 0.9113 0.1355  -0.0271 -0.3059 101 SO4 A O4  
528 O O   . HOH C .  ? 0.4136 0.8181 0.5618 -0.2089 0.1778  -0.3510 203 HOH A O   
529 O O   . HOH C .  ? 0.5390 0.1705 0.4563 -0.0197 -0.1745 0.0069  204 HOH A O   
530 O O   . HOH C .  ? 0.4584 0.1900 0.6946 -0.0375 -0.0939 -0.0256 205 HOH A O   
531 O O   . HOH C .  ? 0.2427 0.1524 0.2696 0.0636  0.1400  0.0437  206 HOH A O   
532 O O   . HOH C .  ? 1.0948 0.3316 0.5847 0.1193  0.0706  0.1084  207 HOH A O   
533 O O   . HOH C .  ? 0.2978 0.3717 1.0069 0.0561  0.0608  0.0940  208 HOH A O   
534 O O   . HOH C .  ? 0.3892 0.1750 0.3584 -0.0636 -0.0864 0.0054  209 HOH A O   
535 O O   . HOH C .  ? 0.7098 0.3925 0.5876 -0.1333 -0.2633 0.1414  210 HOH A O   
536 O O   . HOH C .  ? 0.5864 0.2120 0.4852 0.0434  0.2768  0.0419  211 HOH A O   
537 O O   . HOH C .  ? 0.5027 0.2131 0.3470 -0.0150 0.2423  -0.0061 212 HOH A O   
538 O O   . HOH C .  ? 0.2344 0.2241 0.3751 -0.0094 0.1617  0.0360  213 HOH A O   
540 O O   . HOH C .  ? 0.2142 0.1266 0.3104 0.0244  0.1440  0.0466  215 HOH A O   
541 O O   . HOH C .  ? 0.3853 0.4742 0.7457 -0.1590 -0.2337 0.2941  216 HOH A O   
542 O O   . HOH C .  ? 0.8341 0.5291 0.2676 0.1739  0.0594  -0.0219 217 HOH A O   
543 O O   . HOH C .  ? 0.2890 0.1282 0.3254 0.0367  0.1445  0.0503  218 HOH A O   
545 O O   . HOH C .  ? 0.2565 0.1537 0.4319 0.0124  0.1689  -0.0180 220 HOH A O   
546 O O   . HOH C .  ? 0.2769 0.2859 0.2787 -0.0966 0.0677  -0.1103 221 HOH A O   
547 O O   . HOH C .  ? 0.5076 0.5476 0.6112 0.1935  0.0588  -0.2384 222 HOH A O   
548 O O   . HOH C .  ? 0.6072 0.5762 0.4011 -0.0035 0.1628  0.2286  223 HOH A O   
549 O O   . HOH C .  ? 0.2094 0.3623 0.2890 -0.0745 0.0656  -0.0046 224 HOH A O   
554 O O   . HOH C .  ? 0.1942 0.3826 0.7167 0.0508  -0.0120 -0.0535 229 HOH A O   
555 O O   . HOH C .  ? 0.6016 0.4110 0.6817 -0.0997 0.1360  -0.2481 230 HOH A O   
556 O O   . HOH C .  ? 0.3698 0.5833 0.6401 0.0438  0.0551  0.3641  231 HOH A O   
# 
